data_5CVQ
# 
_entry.id   5CVQ 
# 
_audit_conform.dict_name       mmcif_pdbx.dic 
_audit_conform.dict_version    5.380 
_audit_conform.dict_location   http://mmcif.pdb.org/dictionaries/ascii/mmcif_pdbx.dic 
# 
loop_
_database_2.database_id 
_database_2.database_code 
_database_2.pdbx_database_accession 
_database_2.pdbx_DOI 
PDB   5CVQ         pdb_00005cvq 10.2210/pdb5cvq/pdb 
WWPDB D_1000212260 ?            ?                   
# 
loop_
_pdbx_database_related.db_name 
_pdbx_database_related.details 
_pdbx_database_related.db_id 
_pdbx_database_related.content_type 
PDB . 5CP0 unspecified 
PDB . 5CPD unspecified 
PDB . 5CVK unspecified 
PDB . 5CVP unspecified 
PDB . 5CWX unspecified 
PDB . 5CWY unspecified 
PDB . 5CX0 unspecified 
PDB . 5CXJ unspecified 
PDB . 5CY7 unspecified 
PDB . 5CY8 unspecified 
# 
_pdbx_database_status.status_code                     REL 
_pdbx_database_status.status_code_sf                  REL 
_pdbx_database_status.status_code_mr                  ? 
_pdbx_database_status.entry_id                        5CVQ 
_pdbx_database_status.recvd_initial_deposition_date   2015-07-27 
_pdbx_database_status.SG_entry                        N 
_pdbx_database_status.deposit_site                    RCSB 
_pdbx_database_status.process_site                    PDBJ 
_pdbx_database_status.status_code_cs                  ? 
_pdbx_database_status.methods_development_category    ? 
_pdbx_database_status.pdb_format_compatible           Y 
_pdbx_database_status.status_code_nmr_data            ? 
# 
loop_
_audit_author.name 
_audit_author.pdbx_ordinal 
'Ngo, H.P.T.' 1 
'Kang, L.W.'  2 
# 
_citation.abstract                  ? 
_citation.abstract_id_CAS           ? 
_citation.book_id_ISBN              ? 
_citation.book_publisher            ? 
_citation.book_publisher_city       ? 
_citation.book_title                ? 
_citation.coordinate_linkage        ? 
_citation.country                   ? 
_citation.database_id_Medline       ? 
_citation.details                   ? 
_citation.id                        primary 
_citation.journal_abbrev            'To Be Published' 
_citation.journal_id_ASTM           ? 
_citation.journal_id_CSD            0353 
_citation.journal_id_ISSN           ? 
_citation.journal_full              ? 
_citation.journal_issue             ? 
_citation.journal_volume            ? 
_citation.language                  ? 
_citation.page_first                ? 
_citation.page_last                 ? 
_citation.title                     
'Structure of Xoo1075, a peptide deformylase from Xanthomonas oryzae pv oryzae, in complex with actinonin' 
_citation.year                      ? 
_citation.database_id_CSD           ? 
_citation.pdbx_database_id_DOI      ? 
_citation.pdbx_database_id_PubMed   ? 
_citation.unpublished_flag          ? 
# 
loop_
_citation_author.citation_id 
_citation_author.name 
_citation_author.ordinal 
_citation_author.identifier_ORCID 
primary 'Ngo, H.P.T.' 1 ? 
primary 'Kang, L.W.'  2 ? 
# 
_cell.entry_id           5CVQ 
_cell.length_a           58.641 
_cell.length_b           58.641 
_cell.length_c           265.848 
_cell.angle_alpha        90.00 
_cell.angle_beta         90.00 
_cell.angle_gamma        120.00 
_cell.Z_PDB              12 
_cell.pdbx_unique_axis   ? 
# 
_symmetry.entry_id                         5CVQ 
_symmetry.space_group_name_H-M             'P 61 2 2' 
_symmetry.pdbx_full_space_group_name_H-M   ? 
_symmetry.cell_setting                     ? 
_symmetry.Int_Tables_number                178 
# 
loop_
_entity.id 
_entity.type 
_entity.src_method 
_entity.pdbx_description 
_entity.formula_weight 
_entity.pdbx_number_of_molecules 
_entity.pdbx_ec 
_entity.pdbx_mutation 
_entity.pdbx_fragment 
_entity.details 
1 polymer     man 'Peptide deformylase' 19097.656 1  3.5.1.88 ? 'UNP residues 42-212' ? 
2 non-polymer syn 'CADMIUM ION'         112.411   3  ?        ? ?                     ? 
3 non-polymer syn 'ACETATE ION'         59.044    1  ?        ? ?                     ? 
4 non-polymer syn ACTINONIN             385.498   1  ?        ? ?                     ? 
5 water       nat water                 18.015    88 ?        ? ?                     ? 
# 
_entity_name_com.entity_id   1 
_entity_name_com.name        'PDF,Polypeptide deformylase' 
# 
_entity_poly.entity_id                      1 
_entity_poly.type                           'polypeptide(L)' 
_entity_poly.nstd_linkage                   no 
_entity_poly.nstd_monomer                   no 
_entity_poly.pdbx_seq_one_letter_code       
;MIRDIIRMGDKRLLRVAPQVTNLGSAELHALVSDMFETMGAAHGVGLAAPQIAVDLQLMVFGFEASERYPEAPAVPLTAL
ANAQIEPLSDEMENGWEGCLSIPGLRAVIPRYRYIRYRGFAPDGSPIEREAEGFHARVVQHEYDHLVGRLYPSRIENFDT
FGFDDVLSYDL
;
_entity_poly.pdbx_seq_one_letter_code_can   
;MIRDIIRMGDKRLLRVAPQVTNLGSAELHALVSDMFETMGAAHGVGLAAPQIAVDLQLMVFGFEASERYPEAPAVPLTAL
ANAQIEPLSDEMENGWEGCLSIPGLRAVIPRYRYIRYRGFAPDGSPIEREAEGFHARVVQHEYDHLVGRLYPSRIENFDT
FGFDDVLSYDL
;
_entity_poly.pdbx_strand_id                 A 
_entity_poly.pdbx_target_identifier         ? 
# 
loop_
_entity_poly_seq.entity_id 
_entity_poly_seq.num 
_entity_poly_seq.mon_id 
_entity_poly_seq.hetero 
1 1   MET n 
1 2   ILE n 
1 3   ARG n 
1 4   ASP n 
1 5   ILE n 
1 6   ILE n 
1 7   ARG n 
1 8   MET n 
1 9   GLY n 
1 10  ASP n 
1 11  LYS n 
1 12  ARG n 
1 13  LEU n 
1 14  LEU n 
1 15  ARG n 
1 16  VAL n 
1 17  ALA n 
1 18  PRO n 
1 19  GLN n 
1 20  VAL n 
1 21  THR n 
1 22  ASN n 
1 23  LEU n 
1 24  GLY n 
1 25  SER n 
1 26  ALA n 
1 27  GLU n 
1 28  LEU n 
1 29  HIS n 
1 30  ALA n 
1 31  LEU n 
1 32  VAL n 
1 33  SER n 
1 34  ASP n 
1 35  MET n 
1 36  PHE n 
1 37  GLU n 
1 38  THR n 
1 39  MET n 
1 40  GLY n 
1 41  ALA n 
1 42  ALA n 
1 43  HIS n 
1 44  GLY n 
1 45  VAL n 
1 46  GLY n 
1 47  LEU n 
1 48  ALA n 
1 49  ALA n 
1 50  PRO n 
1 51  GLN n 
1 52  ILE n 
1 53  ALA n 
1 54  VAL n 
1 55  ASP n 
1 56  LEU n 
1 57  GLN n 
1 58  LEU n 
1 59  MET n 
1 60  VAL n 
1 61  PHE n 
1 62  GLY n 
1 63  PHE n 
1 64  GLU n 
1 65  ALA n 
1 66  SER n 
1 67  GLU n 
1 68  ARG n 
1 69  TYR n 
1 70  PRO n 
1 71  GLU n 
1 72  ALA n 
1 73  PRO n 
1 74  ALA n 
1 75  VAL n 
1 76  PRO n 
1 77  LEU n 
1 78  THR n 
1 79  ALA n 
1 80  LEU n 
1 81  ALA n 
1 82  ASN n 
1 83  ALA n 
1 84  GLN n 
1 85  ILE n 
1 86  GLU n 
1 87  PRO n 
1 88  LEU n 
1 89  SER n 
1 90  ASP n 
1 91  GLU n 
1 92  MET n 
1 93  GLU n 
1 94  ASN n 
1 95  GLY n 
1 96  TRP n 
1 97  GLU n 
1 98  GLY n 
1 99  CYS n 
1 100 LEU n 
1 101 SER n 
1 102 ILE n 
1 103 PRO n 
1 104 GLY n 
1 105 LEU n 
1 106 ARG n 
1 107 ALA n 
1 108 VAL n 
1 109 ILE n 
1 110 PRO n 
1 111 ARG n 
1 112 TYR n 
1 113 ARG n 
1 114 TYR n 
1 115 ILE n 
1 116 ARG n 
1 117 TYR n 
1 118 ARG n 
1 119 GLY n 
1 120 PHE n 
1 121 ALA n 
1 122 PRO n 
1 123 ASP n 
1 124 GLY n 
1 125 SER n 
1 126 PRO n 
1 127 ILE n 
1 128 GLU n 
1 129 ARG n 
1 130 GLU n 
1 131 ALA n 
1 132 GLU n 
1 133 GLY n 
1 134 PHE n 
1 135 HIS n 
1 136 ALA n 
1 137 ARG n 
1 138 VAL n 
1 139 VAL n 
1 140 GLN n 
1 141 HIS n 
1 142 GLU n 
1 143 TYR n 
1 144 ASP n 
1 145 HIS n 
1 146 LEU n 
1 147 VAL n 
1 148 GLY n 
1 149 ARG n 
1 150 LEU n 
1 151 TYR n 
1 152 PRO n 
1 153 SER n 
1 154 ARG n 
1 155 ILE n 
1 156 GLU n 
1 157 ASN n 
1 158 PHE n 
1 159 ASP n 
1 160 THR n 
1 161 PHE n 
1 162 GLY n 
1 163 PHE n 
1 164 ASP n 
1 165 ASP n 
1 166 VAL n 
1 167 LEU n 
1 168 SER n 
1 169 TYR n 
1 170 ASP n 
1 171 LEU n 
# 
_entity_src_gen.entity_id                          1 
_entity_src_gen.pdbx_src_id                        1 
_entity_src_gen.pdbx_alt_source_flag               sample 
_entity_src_gen.pdbx_seq_type                      'Biological sequence' 
_entity_src_gen.pdbx_beg_seq_num                   1 
_entity_src_gen.pdbx_end_seq_num                   171 
_entity_src_gen.gene_src_common_name               ? 
_entity_src_gen.gene_src_genus                     ? 
_entity_src_gen.pdbx_gene_src_gene                 'def, XOO1075' 
_entity_src_gen.gene_src_species                   ? 
_entity_src_gen.gene_src_strain                    KACC10331 
_entity_src_gen.gene_src_tissue                    ? 
_entity_src_gen.gene_src_tissue_fraction           ? 
_entity_src_gen.gene_src_details                   ? 
_entity_src_gen.pdbx_gene_src_fragment             ? 
_entity_src_gen.pdbx_gene_src_scientific_name      'Xanthomonas oryzae pv. oryzae KACC10331' 
_entity_src_gen.pdbx_gene_src_ncbi_taxonomy_id     291331 
_entity_src_gen.pdbx_gene_src_variant              ? 
_entity_src_gen.pdbx_gene_src_cell_line            ? 
_entity_src_gen.pdbx_gene_src_atcc                 ? 
_entity_src_gen.pdbx_gene_src_organ                ? 
_entity_src_gen.pdbx_gene_src_organelle            ? 
_entity_src_gen.pdbx_gene_src_cell                 ? 
_entity_src_gen.pdbx_gene_src_cellular_location    ? 
_entity_src_gen.host_org_common_name               ? 
_entity_src_gen.pdbx_host_org_scientific_name      'Escherichia coli' 
_entity_src_gen.pdbx_host_org_ncbi_taxonomy_id     562 
_entity_src_gen.host_org_genus                     ? 
_entity_src_gen.pdbx_host_org_gene                 ? 
_entity_src_gen.pdbx_host_org_organ                ? 
_entity_src_gen.host_org_species                   ? 
_entity_src_gen.pdbx_host_org_tissue               ? 
_entity_src_gen.pdbx_host_org_tissue_fraction      ? 
_entity_src_gen.pdbx_host_org_strain               ? 
_entity_src_gen.pdbx_host_org_variant              ? 
_entity_src_gen.pdbx_host_org_cell_line            ? 
_entity_src_gen.pdbx_host_org_atcc                 ? 
_entity_src_gen.pdbx_host_org_culture_collection   ? 
_entity_src_gen.pdbx_host_org_cell                 ? 
_entity_src_gen.pdbx_host_org_organelle            ? 
_entity_src_gen.pdbx_host_org_cellular_location    ? 
_entity_src_gen.pdbx_host_org_vector_type          plasmid 
_entity_src_gen.pdbx_host_org_vector               ? 
_entity_src_gen.host_org_details                   ? 
_entity_src_gen.expression_system_id               ? 
_entity_src_gen.plasmid_name                       ? 
_entity_src_gen.plasmid_details                    ? 
_entity_src_gen.pdbx_description                   ? 
# 
_struct_ref.id                         1 
_struct_ref.db_name                    UNP 
_struct_ref.db_code                    Q5H3Z2_XANOR 
_struct_ref.pdbx_db_accession          Q5H3Z2 
_struct_ref.pdbx_db_isoform            ? 
_struct_ref.entity_id                  1 
_struct_ref.pdbx_seq_one_letter_code   
;MIRDIIRMGDKRLLRVAPQVTNLGSAELHALVSDMFETMGAAHGVGLAAPQIAVDLQLMVFGFEASERYPEAPAVPLTAL
ANAQIEPLSDEMENGWEGCLSIPGLRAVIPRYRYIRYRGFAPDGSPIEREAEGFHARVVQHEYDHLVGRLYPSRIENFDT
FGFDDVLSYDL
;
_struct_ref.pdbx_align_begin           42 
# 
_struct_ref_seq.align_id                      1 
_struct_ref_seq.ref_id                        1 
_struct_ref_seq.pdbx_PDB_id_code              5CVQ 
_struct_ref_seq.pdbx_strand_id                A 
_struct_ref_seq.seq_align_beg                 1 
_struct_ref_seq.pdbx_seq_align_beg_ins_code   ? 
_struct_ref_seq.seq_align_end                 171 
_struct_ref_seq.pdbx_seq_align_end_ins_code   ? 
_struct_ref_seq.pdbx_db_accession             Q5H3Z2 
_struct_ref_seq.db_align_beg                  42 
_struct_ref_seq.pdbx_db_align_beg_ins_code    ? 
_struct_ref_seq.db_align_end                  212 
_struct_ref_seq.pdbx_db_align_end_ins_code    ? 
_struct_ref_seq.pdbx_auth_seq_align_beg       1 
_struct_ref_seq.pdbx_auth_seq_align_end       171 
# 
loop_
_chem_comp.id 
_chem_comp.type 
_chem_comp.mon_nstd_flag 
_chem_comp.name 
_chem_comp.pdbx_synonyms 
_chem_comp.formula 
_chem_comp.formula_weight 
ACT non-polymer         . 'ACETATE ION'   ? 'C2 H3 O2 -1'    59.044  
ALA 'L-peptide linking' y ALANINE         ? 'C3 H7 N O2'     89.093  
ARG 'L-peptide linking' y ARGININE        ? 'C6 H15 N4 O2 1' 175.209 
ASN 'L-peptide linking' y ASPARAGINE      ? 'C4 H8 N2 O3'    132.118 
ASP 'L-peptide linking' y 'ASPARTIC ACID' ? 'C4 H7 N O4'     133.103 
BB2 non-polymer         . ACTINONIN       
'2-[(FORMYL-HYDROXY-AMINO)-METHYL]-HEPTANOIC ACID [1-(2-HYDROXYMETHYL-PYRROLIDINE-1-CARBONYL)-2-METHYL-PROPYL]-AMIDE' 
'C19 H35 N3 O5'  385.498 
CD  non-polymer         . 'CADMIUM ION'   ? 'Cd 2'           112.411 
CYS 'L-peptide linking' y CYSTEINE        ? 'C3 H7 N O2 S'   121.158 
GLN 'L-peptide linking' y GLUTAMINE       ? 'C5 H10 N2 O3'   146.144 
GLU 'L-peptide linking' y 'GLUTAMIC ACID' ? 'C5 H9 N O4'     147.129 
GLY 'peptide linking'   y GLYCINE         ? 'C2 H5 N O2'     75.067  
HIS 'L-peptide linking' y HISTIDINE       ? 'C6 H10 N3 O2 1' 156.162 
HOH non-polymer         . WATER           ? 'H2 O'           18.015  
ILE 'L-peptide linking' y ISOLEUCINE      ? 'C6 H13 N O2'    131.173 
LEU 'L-peptide linking' y LEUCINE         ? 'C6 H13 N O2'    131.173 
LYS 'L-peptide linking' y LYSINE          ? 'C6 H15 N2 O2 1' 147.195 
MET 'L-peptide linking' y METHIONINE      ? 'C5 H11 N O2 S'  149.211 
PHE 'L-peptide linking' y PHENYLALANINE   ? 'C9 H11 N O2'    165.189 
PRO 'L-peptide linking' y PROLINE         ? 'C5 H9 N O2'     115.130 
SER 'L-peptide linking' y SERINE          ? 'C3 H7 N O3'     105.093 
THR 'L-peptide linking' y THREONINE       ? 'C4 H9 N O3'     119.119 
TRP 'L-peptide linking' y TRYPTOPHAN      ? 'C11 H12 N2 O2'  204.225 
TYR 'L-peptide linking' y TYROSINE        ? 'C9 H11 N O3'    181.189 
VAL 'L-peptide linking' y VALINE          ? 'C5 H11 N O2'    117.146 
# 
_exptl.absorpt_coefficient_mu     ? 
_exptl.absorpt_correction_T_max   ? 
_exptl.absorpt_correction_T_min   ? 
_exptl.absorpt_correction_type    ? 
_exptl.absorpt_process_details    ? 
_exptl.entry_id                   5CVQ 
_exptl.crystals_number            1 
_exptl.details                    ? 
_exptl.method                     'X-RAY DIFFRACTION' 
_exptl.method_details             ? 
# 
_exptl_crystal.colour                      ? 
_exptl_crystal.density_diffrn              ? 
_exptl_crystal.density_Matthews            3.45 
_exptl_crystal.density_method              ? 
_exptl_crystal.density_percent_sol         64.40 
_exptl_crystal.description                 ? 
_exptl_crystal.F_000                       ? 
_exptl_crystal.id                          1 
_exptl_crystal.preparation                 ? 
_exptl_crystal.size_max                    ? 
_exptl_crystal.size_mid                    ? 
_exptl_crystal.size_min                    ? 
_exptl_crystal.size_rad                    ? 
_exptl_crystal.colour_lustre               ? 
_exptl_crystal.colour_modifier             ? 
_exptl_crystal.colour_primary              ? 
_exptl_crystal.density_meas                ? 
_exptl_crystal.density_meas_esd            ? 
_exptl_crystal.density_meas_gt             ? 
_exptl_crystal.density_meas_lt             ? 
_exptl_crystal.density_meas_temp           ? 
_exptl_crystal.density_meas_temp_esd       ? 
_exptl_crystal.density_meas_temp_gt        ? 
_exptl_crystal.density_meas_temp_lt        ? 
_exptl_crystal.pdbx_crystal_image_url      ? 
_exptl_crystal.pdbx_crystal_image_format   ? 
_exptl_crystal.pdbx_mosaicity              ? 
_exptl_crystal.pdbx_mosaicity_esd          ? 
# 
_exptl_crystal_grow.apparatus       ? 
_exptl_crystal_grow.atmosphere      ? 
_exptl_crystal_grow.crystal_id      1 
_exptl_crystal_grow.details         ? 
_exptl_crystal_grow.method          'VAPOR DIFFUSION, HANGING DROP' 
_exptl_crystal_grow.method_ref      ? 
_exptl_crystal_grow.pH              7.5 
_exptl_crystal_grow.pressure        ? 
_exptl_crystal_grow.pressure_esd    ? 
_exptl_crystal_grow.seeding         ? 
_exptl_crystal_grow.seeding_ref     ? 
_exptl_crystal_grow.temp            287 
_exptl_crystal_grow.temp_details    ? 
_exptl_crystal_grow.temp_esd        ? 
_exptl_crystal_grow.time            ? 
_exptl_crystal_grow.pdbx_details    '0.05M Cadmium sulfate, 0.1M HEPES, 2.0M Sodium acetate trihydrate, pH 7.5' 
_exptl_crystal_grow.pdbx_pH_range   7.0-8.0 
# 
_diffrn.ambient_environment    ? 
_diffrn.ambient_temp           100 
_diffrn.ambient_temp_details   ? 
_diffrn.ambient_temp_esd       ? 
_diffrn.crystal_id             1 
_diffrn.crystal_support        ? 
_diffrn.crystal_treatment      ? 
_diffrn.details                ? 
_diffrn.id                     1 
_diffrn.ambient_pressure       ? 
_diffrn.ambient_pressure_esd   ? 
_diffrn.ambient_pressure_gt    ? 
_diffrn.ambient_pressure_lt    ? 
_diffrn.ambient_temp_gt        ? 
_diffrn.ambient_temp_lt        ? 
# 
_diffrn_detector.details                      ? 
_diffrn_detector.detector                     CCD 
_diffrn_detector.diffrn_id                    1 
_diffrn_detector.type                         'ADSC QUANTUM 210' 
_diffrn_detector.area_resol_mean              ? 
_diffrn_detector.dtime                        ? 
_diffrn_detector.pdbx_frames_total            ? 
_diffrn_detector.pdbx_collection_time_total   ? 
_diffrn_detector.pdbx_collection_date         2009-11-22 
# 
_diffrn_radiation.collimation                      ? 
_diffrn_radiation.diffrn_id                        1 
_diffrn_radiation.filter_edge                      ? 
_diffrn_radiation.inhomogeneity                    ? 
_diffrn_radiation.monochromator                    ? 
_diffrn_radiation.polarisn_norm                    ? 
_diffrn_radiation.polarisn_ratio                   ? 
_diffrn_radiation.probe                            ? 
_diffrn_radiation.type                             ? 
_diffrn_radiation.xray_symbol                      ? 
_diffrn_radiation.wavelength_id                    1 
_diffrn_radiation.pdbx_monochromatic_or_laue_m_l   M 
_diffrn_radiation.pdbx_wavelength_list             ? 
_diffrn_radiation.pdbx_wavelength                  ? 
_diffrn_radiation.pdbx_diffrn_protocol             'SINGLE WAVELENGTH' 
_diffrn_radiation.pdbx_analyzer                    ? 
_diffrn_radiation.pdbx_scattering_type             x-ray 
# 
_diffrn_radiation_wavelength.id           1 
_diffrn_radiation_wavelength.wavelength   0.99 
_diffrn_radiation_wavelength.wt           1.0 
# 
_diffrn_source.current                     ? 
_diffrn_source.details                     ? 
_diffrn_source.diffrn_id                   1 
_diffrn_source.power                       ? 
_diffrn_source.size                        ? 
_diffrn_source.source                      SYNCHROTRON 
_diffrn_source.target                      ? 
_diffrn_source.type                        'PAL/PLS BEAMLINE 4A' 
_diffrn_source.voltage                     ? 
_diffrn_source.take-off_angle              ? 
_diffrn_source.pdbx_wavelength_list        0.99 
_diffrn_source.pdbx_wavelength             ? 
_diffrn_source.pdbx_synchrotron_beamline   4A 
_diffrn_source.pdbx_synchrotron_site       PAL/PLS 
# 
_reflns.B_iso_Wilson_estimate            ? 
_reflns.entry_id                         5CVQ 
_reflns.data_reduction_details           ? 
_reflns.data_reduction_method            ? 
_reflns.d_resolution_high                2.2 
_reflns.d_resolution_low                 50.0 
_reflns.details                          ? 
_reflns.limit_h_max                      ? 
_reflns.limit_h_min                      ? 
_reflns.limit_k_max                      ? 
_reflns.limit_k_min                      ? 
_reflns.limit_l_max                      ? 
_reflns.limit_l_min                      ? 
_reflns.number_all                       ? 
_reflns.number_obs                       13892 
_reflns.observed_criterion               ? 
_reflns.observed_criterion_F_max         ? 
_reflns.observed_criterion_F_min         ? 
_reflns.observed_criterion_I_max         ? 
_reflns.observed_criterion_I_min         ? 
_reflns.observed_criterion_sigma_F       ? 
_reflns.observed_criterion_sigma_I       ? 
_reflns.percent_possible_obs             93.5 
_reflns.R_free_details                   ? 
_reflns.Rmerge_F_all                     ? 
_reflns.Rmerge_F_obs                     ? 
_reflns.Friedel_coverage                 ? 
_reflns.number_gt                        ? 
_reflns.threshold_expression             ? 
_reflns.pdbx_redundancy                  6.6 
_reflns.pdbx_Rmerge_I_obs                ? 
_reflns.pdbx_Rmerge_I_all                ? 
_reflns.pdbx_Rsym_value                  ? 
_reflns.pdbx_netI_over_av_sigmaI         ? 
_reflns.pdbx_netI_over_sigmaI            9.2 
_reflns.pdbx_res_netI_over_av_sigmaI_2   ? 
_reflns.pdbx_res_netI_over_sigmaI_2      ? 
_reflns.pdbx_chi_squared                 ? 
_reflns.pdbx_scaling_rejects             ? 
_reflns.pdbx_d_res_high_opt              ? 
_reflns.pdbx_d_res_low_opt               ? 
_reflns.pdbx_d_res_opt_method            ? 
_reflns.phase_calculation_details        ? 
_reflns.pdbx_Rrim_I_all                  ? 
_reflns.pdbx_Rpim_I_all                  ? 
_reflns.pdbx_d_opt                       ? 
_reflns.pdbx_number_measured_all         ? 
_reflns.pdbx_diffrn_id                   1 
_reflns.pdbx_ordinal                     1 
_reflns.pdbx_CC_half                     ? 
_reflns.pdbx_R_split                     ? 
# 
_reflns_shell.Rmerge_F_all                ? 
_reflns_shell.Rmerge_F_gt                 ? 
_reflns_shell.Rmerge_F_obs                ? 
_reflns_shell.Rmerge_I_all                ? 
_reflns_shell.Rmerge_I_gt                 ? 
_reflns_shell.Rmerge_I_obs                0.672 
_reflns_shell.d_res_high                  2.2 
_reflns_shell.d_res_low                   ? 
_reflns_shell.meanI_over_sigI_all         ? 
_reflns_shell.meanI_over_sigI_gt          ? 
_reflns_shell.meanI_over_sigI_obs         2.1 
_reflns_shell.meanI_over_uI_all           ? 
_reflns_shell.meanI_over_uI_gt            ? 
_reflns_shell.number_measured_all         ? 
_reflns_shell.number_measured_gt          ? 
_reflns_shell.number_measured_obs         ? 
_reflns_shell.number_possible             ? 
_reflns_shell.number_unique_all           ? 
_reflns_shell.number_unique_gt            ? 
_reflns_shell.number_unique_obs           ? 
_reflns_shell.pdbx_CC_half                ? 
_reflns_shell.pdbx_R_split                ? 
_reflns_shell.pdbx_Rpim_I_all             ? 
_reflns_shell.pdbx_Rrim_I_all             ? 
_reflns_shell.pdbx_Rsym_value             ? 
_reflns_shell.pdbx_chi_squared            ? 
_reflns_shell.pdbx_diffrn_id              1 
_reflns_shell.pdbx_netI_over_sigmaI_all   ? 
_reflns_shell.pdbx_netI_over_sigmaI_obs   ? 
_reflns_shell.pdbx_ordinal                1 
_reflns_shell.pdbx_redundancy             6.2 
_reflns_shell.pdbx_rejects                ? 
_reflns_shell.percent_possible_all        91.6 
_reflns_shell.percent_possible_gt         ? 
_reflns_shell.percent_possible_obs        ? 
# 
_refine.pdbx_refine_id                           'X-RAY DIFFRACTION' 
_refine.entry_id                                 5CVQ 
_refine.pdbx_diffrn_id                           1 
_refine.pdbx_TLS_residual_ADP_flag               ? 
_refine.ls_number_reflns_obs                     9226 
_refine.ls_number_reflns_all                     ? 
_refine.pdbx_ls_sigma_I                          ? 
_refine.pdbx_ls_sigma_F                          ? 
_refine.pdbx_data_cutoff_high_absF               ? 
_refine.pdbx_data_cutoff_low_absF                ? 
_refine.pdbx_data_cutoff_high_rms_absF           ? 
_refine.ls_d_res_low                             27.84 
_refine.ls_d_res_high                            2.50 
_refine.ls_percent_reflns_obs                    94.96 
_refine.ls_R_factor_obs                          0.17406 
_refine.ls_R_factor_all                          ? 
_refine.ls_R_factor_R_work                       0.17183 
_refine.ls_R_factor_R_free                       0.21822 
_refine.ls_R_factor_R_free_error                 ? 
_refine.ls_R_factor_R_free_error_details         ? 
_refine.ls_percent_reflns_R_free                 4.9 
_refine.ls_number_reflns_R_free                  471 
_refine.ls_number_parameters                     ? 
_refine.ls_number_restraints                     ? 
_refine.occupancy_min                            ? 
_refine.occupancy_max                            ? 
_refine.correlation_coeff_Fo_to_Fc               0.948 
_refine.correlation_coeff_Fo_to_Fc_free          0.923 
_refine.B_iso_mean                               26.069 
_refine.aniso_B[1][1]                            -0.00 
_refine.aniso_B[2][2]                            -0.00 
_refine.aniso_B[3][3]                            0.01 
_refine.aniso_B[1][2]                            -0.00 
_refine.aniso_B[1][3]                            -0.00 
_refine.aniso_B[2][3]                            -0.00 
_refine.solvent_model_details                    MASK 
_refine.solvent_model_param_ksol                 ? 
_refine.solvent_model_param_bsol                 ? 
_refine.pdbx_solvent_vdw_probe_radii             1.20 
_refine.pdbx_solvent_ion_probe_radii             0.80 
_refine.pdbx_solvent_shrinkage_radii             0.80 
_refine.pdbx_ls_cross_valid_method               THROUGHOUT 
_refine.details                                  'HYDROGENS HAVE BEEN USED IF PRESENT IN THE INPUT' 
_refine.pdbx_starting_model                      5E5D 
_refine.pdbx_method_to_determine_struct          'MOLECULAR REPLACEMENT' 
_refine.pdbx_isotropic_thermal_model             ? 
_refine.pdbx_stereochemistry_target_values       'MAXIMUM LIKELIHOOD' 
_refine.pdbx_stereochem_target_val_spec_case     ? 
_refine.pdbx_R_Free_selection_details            RANDOM 
_refine.pdbx_overall_ESU_R                       0.264 
_refine.pdbx_overall_ESU_R_Free                  0.216 
_refine.overall_SU_ML                            0.141 
_refine.pdbx_overall_phase_error                 ? 
_refine.overall_SU_B                             6.395 
_refine.overall_SU_R_Cruickshank_DPI             ? 
_refine.pdbx_overall_SU_R_free_Cruickshank_DPI   ? 
_refine.pdbx_overall_SU_R_Blow_DPI               ? 
_refine.pdbx_overall_SU_R_free_Blow_DPI          ? 
# 
_refine_hist.pdbx_refine_id                   'X-RAY DIFFRACTION' 
_refine_hist.cycle_id                         LAST 
_refine_hist.pdbx_number_atoms_protein        1230 
_refine_hist.pdbx_number_atoms_nucleic_acid   0 
_refine_hist.pdbx_number_atoms_ligand         34 
_refine_hist.number_atoms_solvent             88 
_refine_hist.number_atoms_total               1352 
_refine_hist.d_res_high                       2.50 
_refine_hist.d_res_low                        27.84 
# 
loop_
_refine_ls_restr.type 
_refine_ls_restr.dev_ideal 
_refine_ls_restr.dev_ideal_target 
_refine_ls_restr.weight 
_refine_ls_restr.number 
_refine_ls_restr.pdbx_refine_id 
_refine_ls_restr.pdbx_restraint_function 
r_bond_refined_d             0.018  0.019  ? 1299 'X-RAY DIFFRACTION' ? 
r_bond_other_d               ?      ?      ? ?    'X-RAY DIFFRACTION' ? 
r_angle_refined_deg          1.992  1.987  ? 1741 'X-RAY DIFFRACTION' ? 
r_angle_other_deg            ?      ?      ? ?    'X-RAY DIFFRACTION' ? 
r_dihedral_angle_1_deg       7.238  5.000  ? 156  'X-RAY DIFFRACTION' ? 
r_dihedral_angle_2_deg       33.659 22.787 ? 61   'X-RAY DIFFRACTION' ? 
r_dihedral_angle_3_deg       14.134 15.000 ? 200  'X-RAY DIFFRACTION' ? 
r_dihedral_angle_4_deg       19.518 15.000 ? 13   'X-RAY DIFFRACTION' ? 
r_chiral_restr               0.132  0.200  ? 190  'X-RAY DIFFRACTION' ? 
r_gen_planes_refined         0.009  0.021  ? 994  'X-RAY DIFFRACTION' ? 
r_gen_planes_other           ?      ?      ? ?    'X-RAY DIFFRACTION' ? 
r_nbd_refined                ?      ?      ? ?    'X-RAY DIFFRACTION' ? 
r_nbd_other                  ?      ?      ? ?    'X-RAY DIFFRACTION' ? 
r_nbtor_refined              ?      ?      ? ?    'X-RAY DIFFRACTION' ? 
r_nbtor_other                ?      ?      ? ?    'X-RAY DIFFRACTION' ? 
r_xyhbond_nbd_refined        ?      ?      ? ?    'X-RAY DIFFRACTION' ? 
r_xyhbond_nbd_other          ?      ?      ? ?    'X-RAY DIFFRACTION' ? 
r_metal_ion_refined          ?      ?      ? ?    'X-RAY DIFFRACTION' ? 
r_metal_ion_other            ?      ?      ? ?    'X-RAY DIFFRACTION' ? 
r_symmetry_vdw_refined       ?      ?      ? ?    'X-RAY DIFFRACTION' ? 
r_symmetry_vdw_other         ?      ?      ? ?    'X-RAY DIFFRACTION' ? 
r_symmetry_hbond_refined     ?      ?      ? ?    'X-RAY DIFFRACTION' ? 
r_symmetry_hbond_other       ?      ?      ? ?    'X-RAY DIFFRACTION' ? 
r_symmetry_metal_ion_refined ?      ?      ? ?    'X-RAY DIFFRACTION' ? 
r_symmetry_metal_ion_other   ?      ?      ? ?    'X-RAY DIFFRACTION' ? 
r_mcbond_it                  1.794  2.431  ? 630  'X-RAY DIFFRACTION' ? 
r_mcbond_other               ?      ?      ? ?    'X-RAY DIFFRACTION' ? 
r_mcangle_it                 2.668  3.627  ? 784  'X-RAY DIFFRACTION' ? 
r_mcangle_other              ?      ?      ? ?    'X-RAY DIFFRACTION' ? 
r_scbond_it                  3.110  2.677  ? 664  'X-RAY DIFFRACTION' ? 
r_scbond_other               ?      ?      ? ?    'X-RAY DIFFRACTION' ? 
r_scangle_it                 ?      ?      ? ?    'X-RAY DIFFRACTION' ? 
r_scangle_other              ?      ?      ? ?    'X-RAY DIFFRACTION' ? 
r_long_range_B_refined       6.064  20.865 ? 1980 'X-RAY DIFFRACTION' ? 
r_long_range_B_other         ?      ?      ? ?    'X-RAY DIFFRACTION' ? 
r_rigid_bond_restr           ?      ?      ? ?    'X-RAY DIFFRACTION' ? 
r_sphericity_free            ?      ?      ? ?    'X-RAY DIFFRACTION' ? 
r_sphericity_bonded          ?      ?      ? ?    'X-RAY DIFFRACTION' ? 
# 
_refine_ls_shell.pdbx_refine_id                   'X-RAY DIFFRACTION' 
_refine_ls_shell.pdbx_total_number_of_bins_used   20 
_refine_ls_shell.d_res_high                       2.500 
_refine_ls_shell.d_res_low                        2.564 
_refine_ls_shell.number_reflns_R_work             632 
_refine_ls_shell.R_factor_R_work                  0.205 
_refine_ls_shell.percent_reflns_obs               91.70 
_refine_ls_shell.R_factor_R_free                  0.261 
_refine_ls_shell.R_factor_R_free_error            ? 
_refine_ls_shell.percent_reflns_R_free            ? 
_refine_ls_shell.number_reflns_R_free             31 
_refine_ls_shell.number_reflns_all                ? 
_refine_ls_shell.R_factor_all                     ? 
_refine_ls_shell.R_factor_obs                     ? 
_refine_ls_shell.number_reflns_obs                ? 
# 
_struct.entry_id                     5CVQ 
_struct.title                        
'Structure of Xoo1075, a peptide deformylase from Xanthomonas oryzae pv oryzae, in complex with actinonin' 
_struct.pdbx_model_details           ? 
_struct.pdbx_formula_weight          ? 
_struct.pdbx_formula_weight_method   ? 
_struct.pdbx_model_type_details      ? 
_struct.pdbx_CASP_flag               ? 
# 
_struct_keywords.entry_id        5CVQ 
_struct_keywords.text            
'peptide deformylase, Xanthomonas, actinonin, metallopeptidase, HYDROLASE-HYDROLASE INHIBITOR complex' 
_struct_keywords.pdbx_keywords   'HYDROLASE/HYDROLASE INHIBITOR' 
# 
loop_
_struct_asym.id 
_struct_asym.pdbx_blank_PDB_chainid_flag 
_struct_asym.pdbx_modified 
_struct_asym.entity_id 
_struct_asym.details 
A N N 1 ? 
B N N 2 ? 
C N N 2 ? 
D N N 3 ? 
E N N 2 ? 
F N N 4 ? 
G N N 5 ? 
# 
loop_
_struct_conf.conf_type_id 
_struct_conf.id 
_struct_conf.pdbx_PDB_helix_id 
_struct_conf.beg_label_comp_id 
_struct_conf.beg_label_asym_id 
_struct_conf.beg_label_seq_id 
_struct_conf.pdbx_beg_PDB_ins_code 
_struct_conf.end_label_comp_id 
_struct_conf.end_label_asym_id 
_struct_conf.end_label_seq_id 
_struct_conf.pdbx_end_PDB_ins_code 
_struct_conf.beg_auth_comp_id 
_struct_conf.beg_auth_asym_id 
_struct_conf.beg_auth_seq_id 
_struct_conf.end_auth_comp_id 
_struct_conf.end_auth_asym_id 
_struct_conf.end_auth_seq_id 
_struct_conf.pdbx_PDB_helix_class 
_struct_conf.details 
_struct_conf.pdbx_PDB_helix_length 
HELX_P HELX_P1 AA1 ASP A 10  ? LEU A 14  ? ASP A 10  LEU A 14  5 ? 5  
HELX_P HELX_P2 AA2 SER A 25  ? ALA A 42  ? SER A 25  ALA A 42  1 ? 18 
HELX_P HELX_P3 AA3 PRO A 50  ? ALA A 53  ? PRO A 50  ALA A 53  5 ? 4  
HELX_P HELX_P4 AA4 GLY A 133 ? VAL A 147 ? GLY A 133 VAL A 147 1 ? 15 
HELX_P HELX_P5 AA5 LEU A 150 ? ILE A 155 ? LEU A 150 ILE A 155 5 ? 6  
HELX_P HELX_P6 AA6 ASN A 157 ? PHE A 161 ? ASN A 157 PHE A 161 5 ? 5  
# 
_struct_conf_type.id          HELX_P 
_struct_conf_type.criteria    ? 
_struct_conf_type.reference   ? 
# 
loop_
_struct_conn.id 
_struct_conn.conn_type_id 
_struct_conn.pdbx_leaving_atom_flag 
_struct_conn.pdbx_PDB_id 
_struct_conn.ptnr1_label_asym_id 
_struct_conn.ptnr1_label_comp_id 
_struct_conn.ptnr1_label_seq_id 
_struct_conn.ptnr1_label_atom_id 
_struct_conn.pdbx_ptnr1_label_alt_id 
_struct_conn.pdbx_ptnr1_PDB_ins_code 
_struct_conn.pdbx_ptnr1_standard_comp_id 
_struct_conn.ptnr1_symmetry 
_struct_conn.ptnr2_label_asym_id 
_struct_conn.ptnr2_label_comp_id 
_struct_conn.ptnr2_label_seq_id 
_struct_conn.ptnr2_label_atom_id 
_struct_conn.pdbx_ptnr2_label_alt_id 
_struct_conn.pdbx_ptnr2_PDB_ins_code 
_struct_conn.ptnr1_auth_asym_id 
_struct_conn.ptnr1_auth_comp_id 
_struct_conn.ptnr1_auth_seq_id 
_struct_conn.ptnr2_auth_asym_id 
_struct_conn.ptnr2_auth_comp_id 
_struct_conn.ptnr2_auth_seq_id 
_struct_conn.ptnr2_symmetry 
_struct_conn.pdbx_ptnr3_label_atom_id 
_struct_conn.pdbx_ptnr3_label_seq_id 
_struct_conn.pdbx_ptnr3_label_comp_id 
_struct_conn.pdbx_ptnr3_label_asym_id 
_struct_conn.pdbx_ptnr3_label_alt_id 
_struct_conn.pdbx_ptnr3_PDB_ins_code 
_struct_conn.details 
_struct_conn.pdbx_dist_value 
_struct_conn.pdbx_value_order 
_struct_conn.pdbx_role 
metalc1  metalc ? ? A GLU 37  OE2 ? ? ? 1_555 E CD  . CD ? ? A GLU 37  A CD  204 8_445 ? ? ? ? ? ? ? 2.224 ? ? 
metalc2  metalc ? ? A HIS 43  NE2 ? ? ? 1_555 B CD  . CD ? ? A HIS 43  A CD  201 8_445 ? ? ? ? ? ? ? 2.242 ? ? 
metalc3  metalc ? ? A CYS 99  SG  ? ? ? 1_555 C CD  . CD ? ? A CYS 99  A CD  202 1_555 ? ? ? ? ? ? ? 2.650 ? ? 
metalc4  metalc ? ? A GLU 128 OE1 ? ? ? 1_555 B CD  . CD ? ? A GLU 128 A CD  201 1_555 ? ? ? ? ? ? ? 2.225 ? ? 
metalc5  metalc ? ? A GLU 130 OE1 ? ? ? 1_555 B CD  . CD ? ? A GLU 130 A CD  201 1_555 ? ? ? ? ? ? ? 2.208 ? ? 
metalc6  metalc ? ? A GLU 130 OE2 ? ? ? 1_555 B CD  . CD ? ? A GLU 130 A CD  201 1_555 ? ? ? ? ? ? ? 2.284 ? ? 
metalc7  metalc ? ? A GLU 132 OE1 ? ? ? 1_555 E CD  . CD ? ? A GLU 132 A CD  204 1_555 ? ? ? ? ? ? ? 2.234 ? ? 
metalc8  metalc ? ? A HIS 141 NE2 ? ? ? 1_555 C CD  . CD ? ? A HIS 141 A CD  202 1_555 ? ? ? ? ? ? ? 2.239 ? ? 
metalc9  metalc ? ? A HIS 145 NE2 ? ? ? 1_555 C CD  . CD ? ? A HIS 145 A CD  202 1_555 ? ? ? ? ? ? ? 2.276 ? ? 
metalc10 metalc ? ? B CD  .   CD  ? ? ? 1_555 G HOH . O  ? ? A CD  201 A HOH 301 1_555 ? ? ? ? ? ? ? 2.222 ? ? 
metalc11 metalc ? ? B CD  .   CD  ? ? ? 1_555 G HOH . O  ? ? A CD  201 A HOH 344 1_555 ? ? ? ? ? ? ? 2.460 ? ? 
metalc12 metalc ? ? C CD  .   CD  ? ? ? 1_555 F BB2 . O4 ? ? A CD  202 A BB2 205 1_555 ? ? ? ? ? ? ? 2.376 ? ? 
metalc13 metalc ? ? C CD  .   CD  ? ? ? 1_555 F BB2 . O2 ? ? A CD  202 A BB2 205 1_555 ? ? ? ? ? ? ? 2.499 ? ? 
metalc14 metalc ? ? E CD  .   CD  ? ? ? 1_555 G HOH . O  ? ? A CD  204 A HOH 348 1_555 ? ? ? ? ? ? ? 2.236 ? ? 
metalc15 metalc ? ? E CD  .   CD  ? ? ? 1_555 G HOH . O  ? ? A CD  204 A HOH 375 8_545 ? ? ? ? ? ? ? 2.242 ? ? 
# 
_struct_conn_type.id          metalc 
_struct_conn_type.criteria    ? 
_struct_conn_type.reference   ? 
# 
loop_
_struct_sheet.id 
_struct_sheet.type 
_struct_sheet.number_strands 
_struct_sheet.details 
AA1 ? 5 ? 
AA2 ? 3 ? 
# 
loop_
_struct_sheet_order.sheet_id 
_struct_sheet_order.range_id_1 
_struct_sheet_order.range_id_2 
_struct_sheet_order.offset 
_struct_sheet_order.sense 
AA1 1 2 ? anti-parallel 
AA1 2 3 ? anti-parallel 
AA1 3 4 ? anti-parallel 
AA1 4 5 ? anti-parallel 
AA2 1 2 ? anti-parallel 
AA2 2 3 ? anti-parallel 
# 
loop_
_struct_sheet_range.sheet_id 
_struct_sheet_range.id 
_struct_sheet_range.beg_label_comp_id 
_struct_sheet_range.beg_label_asym_id 
_struct_sheet_range.beg_label_seq_id 
_struct_sheet_range.pdbx_beg_PDB_ins_code 
_struct_sheet_range.end_label_comp_id 
_struct_sheet_range.end_label_asym_id 
_struct_sheet_range.end_label_seq_id 
_struct_sheet_range.pdbx_end_PDB_ins_code 
_struct_sheet_range.beg_auth_comp_id 
_struct_sheet_range.beg_auth_asym_id 
_struct_sheet_range.beg_auth_seq_id 
_struct_sheet_range.end_auth_comp_id 
_struct_sheet_range.end_auth_asym_id 
_struct_sheet_range.end_auth_seq_id 
AA1 1 GLY A 46  ? ALA A 48  ? GLY A 46  ALA A 48  
AA1 2 LEU A 58  ? PHE A 63  ? LEU A 58  PHE A 63  
AA1 3 VAL A 75  ? PRO A 87  ? VAL A 75  PRO A 87  
AA1 4 TYR A 114 ? PHE A 120 ? TYR A 114 PHE A 120 
AA1 5 PRO A 126 ? GLU A 132 ? PRO A 126 GLU A 132 
AA2 1 MET A 92  ? CYS A 99  ? MET A 92  CYS A 99  
AA2 2 ILE A 102 ? TYR A 112 ? ILE A 102 TYR A 112 
AA2 3 GLY A 162 ? PHE A 163 ? GLY A 162 PHE A 163 
# 
loop_
_pdbx_struct_sheet_hbond.sheet_id 
_pdbx_struct_sheet_hbond.range_id_1 
_pdbx_struct_sheet_hbond.range_id_2 
_pdbx_struct_sheet_hbond.range_1_label_atom_id 
_pdbx_struct_sheet_hbond.range_1_label_comp_id 
_pdbx_struct_sheet_hbond.range_1_label_asym_id 
_pdbx_struct_sheet_hbond.range_1_label_seq_id 
_pdbx_struct_sheet_hbond.range_1_PDB_ins_code 
_pdbx_struct_sheet_hbond.range_1_auth_atom_id 
_pdbx_struct_sheet_hbond.range_1_auth_comp_id 
_pdbx_struct_sheet_hbond.range_1_auth_asym_id 
_pdbx_struct_sheet_hbond.range_1_auth_seq_id 
_pdbx_struct_sheet_hbond.range_2_label_atom_id 
_pdbx_struct_sheet_hbond.range_2_label_comp_id 
_pdbx_struct_sheet_hbond.range_2_label_asym_id 
_pdbx_struct_sheet_hbond.range_2_label_seq_id 
_pdbx_struct_sheet_hbond.range_2_PDB_ins_code 
_pdbx_struct_sheet_hbond.range_2_auth_atom_id 
_pdbx_struct_sheet_hbond.range_2_auth_comp_id 
_pdbx_struct_sheet_hbond.range_2_auth_asym_id 
_pdbx_struct_sheet_hbond.range_2_auth_seq_id 
AA1 1 2 N LEU A 47  ? N LEU A 47  O VAL A 60  ? O VAL A 60  
AA1 2 3 N PHE A 61  ? N PHE A 61  O THR A 78  ? O THR A 78  
AA1 3 4 N GLU A 86  ? N GLU A 86  O ARG A 116 ? O ARG A 116 
AA1 4 5 N TYR A 117 ? N TYR A 117 O ARG A 129 ? O ARG A 129 
AA2 1 2 N GLY A 95  ? N GLY A 95  O ILE A 109 ? O ILE A 109 
AA2 2 3 N ARG A 106 ? N ARG A 106 O GLY A 162 ? O GLY A 162 
# 
loop_
_struct_site.id 
_struct_site.pdbx_evidence_code 
_struct_site.pdbx_auth_asym_id 
_struct_site.pdbx_auth_comp_id 
_struct_site.pdbx_auth_seq_id 
_struct_site.pdbx_auth_ins_code 
_struct_site.pdbx_num_residues 
_struct_site.details 
AC1 Software A CD  201 ? 5  'binding site for residue CD A 201'  
AC2 Software A CD  202 ? 5  'binding site for residue CD A 202'  
AC3 Software A ACT 203 ? 8  'binding site for residue ACT A 203' 
AC4 Software A CD  204 ? 4  'binding site for residue CD A 204'  
AC5 Software A BB2 205 ? 16 'binding site for residue BB2 A 205' 
# 
loop_
_struct_site_gen.id 
_struct_site_gen.site_id 
_struct_site_gen.pdbx_num_res 
_struct_site_gen.label_comp_id 
_struct_site_gen.label_asym_id 
_struct_site_gen.label_seq_id 
_struct_site_gen.pdbx_auth_ins_code 
_struct_site_gen.auth_comp_id 
_struct_site_gen.auth_asym_id 
_struct_site_gen.auth_seq_id 
_struct_site_gen.label_atom_id 
_struct_site_gen.label_alt_id 
_struct_site_gen.symmetry 
_struct_site_gen.details 
1  AC1 5  HIS A 43  ? HIS A 43  . ? 8_545 ? 
2  AC1 5  GLU A 128 ? GLU A 128 . ? 1_555 ? 
3  AC1 5  GLU A 130 ? GLU A 130 . ? 1_555 ? 
4  AC1 5  HOH G .   ? HOH A 301 . ? 1_555 ? 
5  AC1 5  HOH G .   ? HOH A 344 . ? 1_555 ? 
6  AC2 5  GLN A 51  ? GLN A 51  . ? 1_555 ? 
7  AC2 5  CYS A 99  ? CYS A 99  . ? 1_555 ? 
8  AC2 5  HIS A 141 ? HIS A 141 . ? 1_555 ? 
9  AC2 5  HIS A 145 ? HIS A 145 . ? 1_555 ? 
10 AC2 5  BB2 F .   ? BB2 A 205 . ? 1_555 ? 
11 AC3 8  LEU A 14  ? LEU A 14  . ? 1_555 ? 
12 AC3 8  GLY A 148 ? GLY A 148 . ? 1_555 ? 
13 AC3 8  ARG A 149 ? ARG A 149 . ? 1_555 ? 
14 AC3 8  LEU A 150 ? LEU A 150 . ? 1_555 ? 
15 AC3 8  SER A 153 ? SER A 153 . ? 1_555 ? 
16 AC3 8  ASP A 159 ? ASP A 159 . ? 8_555 ? 
17 AC3 8  HOH G .   ? HOH A 307 . ? 1_555 ? 
18 AC3 8  HOH G .   ? HOH A 352 . ? 1_555 ? 
19 AC4 4  GLU A 37  ? GLU A 37  . ? 8_545 ? 
20 AC4 4  GLU A 132 ? GLU A 132 . ? 1_555 ? 
21 AC4 4  HOH G .   ? HOH A 348 . ? 1_555 ? 
22 AC4 4  HOH G .   ? HOH A 375 . ? 8_545 ? 
23 AC5 16 HIS A 43  ? HIS A 43  . ? 1_555 ? 
24 AC5 16 GLY A 44  ? GLY A 44  . ? 1_555 ? 
25 AC5 16 VAL A 45  ? VAL A 45  . ? 1_555 ? 
26 AC5 16 GLY A 46  ? GLY A 46  . ? 1_555 ? 
27 AC5 16 GLN A 51  ? GLN A 51  . ? 1_555 ? 
28 AC5 16 TRP A 96  ? TRP A 96  . ? 1_555 ? 
29 AC5 16 GLU A 97  ? GLU A 97  . ? 1_555 ? 
30 AC5 16 GLY A 98  ? GLY A 98  . ? 1_555 ? 
31 AC5 16 CYS A 99  ? CYS A 99  . ? 1_555 ? 
32 AC5 16 LEU A 100 ? LEU A 100 . ? 1_555 ? 
33 AC5 16 ARG A 106 ? ARG A 106 . ? 1_555 ? 
34 AC5 16 PHE A 134 ? PHE A 134 . ? 1_555 ? 
35 AC5 16 HIS A 141 ? HIS A 141 . ? 1_555 ? 
36 AC5 16 GLU A 142 ? GLU A 142 . ? 1_555 ? 
37 AC5 16 HIS A 145 ? HIS A 145 . ? 1_555 ? 
38 AC5 16 CD  C .   ? CD  A 202 . ? 1_555 ? 
# 
_atom_sites.entry_id                    5CVQ 
_atom_sites.fract_transf_matrix[1][1]   0.01428736 
_atom_sites.fract_transf_matrix[1][2]   0.01305814 
_atom_sites.fract_transf_matrix[1][3]   -0.00362005 
_atom_sites.fract_transf_matrix[2][1]   0.01843837 
_atom_sites.fract_transf_matrix[2][2]   -0.00371043 
_atom_sites.fract_transf_matrix[2][3]   0.00583049 
_atom_sites.fract_transf_matrix[3][1]   0.00070249 
_atom_sites.fract_transf_matrix[3][2]   -0.00168107 
_atom_sites.fract_transf_matrix[3][3]   -0.00329137 
_atom_sites.fract_transf_vector[1]      -0.036690 
_atom_sites.fract_transf_vector[2]      -0.341946 
_atom_sites.fract_transf_vector[3]      0.018057 
# 
loop_
_atom_type.symbol 
C  
CD 
N  
O  
S  
# 
loop_
_atom_site.group_PDB 
_atom_site.id 
_atom_site.type_symbol 
_atom_site.label_atom_id 
_atom_site.label_alt_id 
_atom_site.label_comp_id 
_atom_site.label_asym_id 
_atom_site.label_entity_id 
_atom_site.label_seq_id 
_atom_site.pdbx_PDB_ins_code 
_atom_site.Cartn_x 
_atom_site.Cartn_y 
_atom_site.Cartn_z 
_atom_site.occupancy 
_atom_site.B_iso_or_equiv 
_atom_site.pdbx_formal_charge 
_atom_site.auth_seq_id 
_atom_site.auth_comp_id 
_atom_site.auth_asym_id 
_atom_site.auth_atom_id 
_atom_site.pdbx_PDB_model_num 
ATOM   1    N  N   . MET A 1 1   ? -7.515  -17.676 -1.690  1.00 39.78 ? 1   MET A N   1 
ATOM   2    C  CA  . MET A 1 1   ? -6.253  -18.391 -1.284  1.00 42.45 ? 1   MET A CA  1 
ATOM   3    C  C   . MET A 1 1   ? -5.262  -17.404 -0.647  1.00 39.10 ? 1   MET A C   1 
ATOM   4    O  O   . MET A 1 1   ? -4.855  -16.435 -1.298  1.00 38.49 ? 1   MET A O   1 
ATOM   5    C  CB  . MET A 1 1   ? -5.649  -19.078 -2.500  1.00 41.55 ? 1   MET A CB  1 
ATOM   6    C  CG  . MET A 1 1   ? -4.375  -19.828 -2.232  1.00 52.49 ? 1   MET A CG  1 
ATOM   7    S  SD  . MET A 1 1   ? -3.420  -19.845 -3.787  1.00 74.75 ? 1   MET A SD  1 
ATOM   8    C  CE  . MET A 1 1   ? -1.715  -19.862 -3.175  1.00 66.16 ? 1   MET A CE  1 
ATOM   9    N  N   . ILE A 1 2   ? -4.928  -17.599 0.636   1.00 36.02 ? 2   ILE A N   1 
ATOM   10   C  CA  . ILE A 1 2   ? -3.918  -16.749 1.320   1.00 30.78 ? 2   ILE A CA  1 
ATOM   11   C  C   . ILE A 1 2   ? -2.537  -16.873 0.605   1.00 30.37 ? 2   ILE A C   1 
ATOM   12   O  O   . ILE A 1 2   ? -2.123  -17.969 0.247   1.00 29.33 ? 2   ILE A O   1 
ATOM   13   C  CB  . ILE A 1 2   ? -3.841  -17.076 2.845   1.00 31.65 ? 2   ILE A CB  1 
ATOM   14   C  CG1 . ILE A 1 2   ? -5.094  -16.570 3.627   1.00 33.26 ? 2   ILE A CG1 1 
ATOM   15   C  CG2 . ILE A 1 2   ? -2.613  -16.492 3.499   1.00 26.21 ? 2   ILE A CG2 1 
ATOM   16   C  CD1 . ILE A 1 2   ? -5.254  -17.205 5.018   1.00 26.80 ? 2   ILE A CD1 1 
ATOM   17   N  N   . ARG A 1 3   ? -1.857  -15.746 0.350   1.00 30.12 ? 3   ARG A N   1 
ATOM   18   C  CA  . ARG A 1 3   ? -0.542  -15.751 -0.344  1.00 29.02 ? 3   ARG A CA  1 
ATOM   19   C  C   . ARG A 1 3   ? 0.591   -15.508 0.625   1.00 27.80 ? 3   ARG A C   1 
ATOM   20   O  O   . ARG A 1 3   ? 0.393   -14.845 1.625   1.00 28.27 ? 3   ARG A O   1 
ATOM   21   C  CB  . ARG A 1 3   ? -0.471  -14.652 -1.388  1.00 28.01 ? 3   ARG A CB  1 
ATOM   22   C  CG  . ARG A 1 3   ? -1.525  -14.755 -2.445  1.00 27.60 ? 3   ARG A CG  1 
ATOM   23   C  CD  . ARG A 1 3   ? -1.418  -16.073 -3.201  1.00 31.89 ? 3   ARG A CD  1 
ATOM   24   N  NE  . ARG A 1 3   ? -2.351  -15.913 -4.292  1.00 38.50 ? 3   ARG A NE  1 
ATOM   25   C  CZ  . ARG A 1 3   ? -2.054  -15.449 -5.506  1.00 37.07 ? 3   ARG A CZ  1 
ATOM   26   N  NH1 . ARG A 1 3   ? -0.797  -15.205 -5.888  1.00 33.41 ? 3   ARG A NH1 1 
ATOM   27   N  NH2 . ARG A 1 3   ? -3.049  -15.274 -6.353  1.00 35.31 ? 3   ARG A NH2 1 
ATOM   28   N  N   . ASP A 1 4   ? 1.765   -16.053 0.333   1.00 27.36 ? 4   ASP A N   1 
ATOM   29   C  CA  . ASP A 1 4   ? 2.967   -15.777 1.127   1.00 26.60 ? 4   ASP A CA  1 
ATOM   30   C  C   . ASP A 1 4   ? 3.300   -14.331 0.860   1.00 25.26 ? 4   ASP A C   1 
ATOM   31   O  O   . ASP A 1 4   ? 3.326   -13.900 -0.322  1.00 21.00 ? 4   ASP A O   1 
ATOM   32   C  CB  . ASP A 1 4   ? 4.153   -16.657 0.678   1.00 27.62 ? 4   ASP A CB  1 
ATOM   33   C  CG  . ASP A 1 4   ? 4.069   -18.076 1.216   1.00 31.57 ? 4   ASP A CG  1 
ATOM   34   O  OD1 . ASP A 1 4   ? 3.553   -18.288 2.352   1.00 35.34 ? 4   ASP A OD1 1 
ATOM   35   O  OD2 . ASP A 1 4   ? 4.529   -18.988 0.512   1.00 33.78 ? 4   ASP A OD2 1 
ATOM   36   N  N   . ILE A 1 5   ? 3.498   -13.569 1.943   1.00 23.47 ? 5   ILE A N   1 
ATOM   37   C  CA  . ILE A 1 5   ? 3.994   -12.199 1.818   1.00 23.10 ? 5   ILE A CA  1 
ATOM   38   C  C   . ILE A 1 5   ? 5.523   -12.223 1.781   1.00 23.92 ? 5   ILE A C   1 
ATOM   39   O  O   . ILE A 1 5   ? 6.146   -12.812 2.638   1.00 26.74 ? 5   ILE A O   1 
ATOM   40   C  CB  . ILE A 1 5   ? 3.524   -11.328 2.969   1.00 21.16 ? 5   ILE A CB  1 
ATOM   41   C  CG1 . ILE A 1 5   ? 2.027   -11.113 2.844   1.00 20.77 ? 5   ILE A CG1 1 
ATOM   42   C  CG2 . ILE A 1 5   ? 4.273   -9.998  2.979   1.00 19.56 ? 5   ILE A CG2 1 
ATOM   43   C  CD1 . ILE A 1 5   ? 1.363   -10.535 4.108   1.00 20.37 ? 5   ILE A CD1 1 
ATOM   44   N  N   . ILE A 1 6   ? 6.139   -11.624 0.782   1.00 23.67 ? 6   ILE A N   1 
ATOM   45   C  CA  . ILE A 1 6   ? 7.616   -11.639 0.725   1.00 24.19 ? 6   ILE A CA  1 
ATOM   46   C  C   . ILE A 1 6   ? 8.188   -10.481 1.588   1.00 25.37 ? 6   ILE A C   1 
ATOM   47   O  O   . ILE A 1 6   ? 7.534   -9.454  1.768   1.00 26.32 ? 6   ILE A O   1 
ATOM   48   C  CB  . ILE A 1 6   ? 8.174   -11.634 -0.733  1.00 21.25 ? 6   ILE A CB  1 
ATOM   49   C  CG1 . ILE A 1 6   ? 7.799   -10.327 -1.445  1.00 19.37 ? 6   ILE A CG1 1 
ATOM   50   C  CG2 . ILE A 1 6   ? 7.731   -12.896 -1.476  1.00 20.38 ? 6   ILE A CG2 1 
ATOM   51   C  CD1 . ILE A 1 6   ? 8.470   -10.123 -2.773  1.00 18.20 ? 6   ILE A CD1 1 
ATOM   52   N  N   . ARG A 1 7   ? 9.392   -10.694 2.128   1.00 25.38 ? 7   ARG A N   1 
ATOM   53   C  CA  . ARG A 1 7   ? 10.036  -9.815  3.092   1.00 23.86 ? 7   ARG A CA  1 
ATOM   54   C  C   . ARG A 1 7   ? 11.123  -8.930  2.477   1.00 23.00 ? 7   ARG A C   1 
ATOM   55   O  O   . ARG A 1 7   ? 11.779  -9.288  1.452   1.00 20.23 ? 7   ARG A O   1 
ATOM   56   C  CB  . ARG A 1 7   ? 10.605  -10.651 4.255   1.00 26.51 ? 7   ARG A CB  1 
ATOM   57   C  CG  . ARG A 1 7   ? 9.603   -10.876 5.389   1.00 30.95 ? 7   ARG A CG  1 
ATOM   58   C  CD  . ARG A 1 7   ? 10.155  -11.804 6.472   1.00 34.58 ? 7   ARG A CD  1 
ATOM   59   N  NE  . ARG A 1 7   ? 10.633  -13.018 5.827   1.00 39.39 ? 7   ARG A NE  1 
ATOM   60   C  CZ  . ARG A 1 7   ? 11.800  -13.618 6.046   1.00 41.97 ? 7   ARG A CZ  1 
ATOM   61   N  NH1 . ARG A 1 7   ? 12.665  -13.180 6.973   1.00 40.47 ? 7   ARG A NH1 1 
ATOM   62   N  NH2 . ARG A 1 7   ? 12.080  -14.701 5.328   1.00 42.38 ? 7   ARG A NH2 1 
ATOM   63   N  N   . MET A 1 8   ? 11.313  -7.769  3.118   1.00 23.95 ? 8   MET A N   1 
ATOM   64   C  CA  . MET A 1 8   ? 12.358  -6.805  2.714   1.00 24.25 ? 8   MET A CA  1 
ATOM   65   C  C   . MET A 1 8   ? 13.684  -7.496  2.490   1.00 25.03 ? 8   MET A C   1 
ATOM   66   O  O   . MET A 1 8   ? 14.089  -8.331  3.308   1.00 23.12 ? 8   MET A O   1 
ATOM   67   C  CB  . MET A 1 8   ? 12.546  -5.728  3.734   1.00 24.89 ? 8   MET A CB  1 
ATOM   68   C  CG  . MET A 1 8   ? 13.424  -4.596  3.199   1.00 27.11 ? 8   MET A CG  1 
ATOM   69   S  SD  . MET A 1 8   ? 13.459  -3.151  4.298   1.00 28.43 ? 8   MET A SD  1 
ATOM   70   C  CE  . MET A 1 8   ? 14.051  -3.891  5.811   1.00 26.10 ? 8   MET A CE  1 
ATOM   71   N  N   . GLY A 1 9   ? 14.336  -7.152  1.379   1.00 23.50 ? 9   GLY A N   1 
ATOM   72   C  CA  . GLY A 1 9   ? 15.550  -7.822  0.967   1.00 25.97 ? 9   GLY A CA  1 
ATOM   73   C  C   . GLY A 1 9   ? 15.321  -8.591  -0.307  1.00 29.22 ? 9   GLY A C   1 
ATOM   74   O  O   . GLY A 1 9   ? 16.246  -8.954  -1.020  1.00 32.21 ? 9   GLY A O   1 
ATOM   75   N  N   . ASP A 1 10  ? 14.061  -8.888  -0.570  1.00 30.59 ? 10  ASP A N   1 
ATOM   76   C  CA  . ASP A 1 10  ? 13.702  -9.543  -1.784  1.00 27.34 ? 10  ASP A CA  1 
ATOM   77   C  C   . ASP A 1 10  ? 13.716  -8.503  -2.907  1.00 26.50 ? 10  ASP A C   1 
ATOM   78   O  O   . ASP A 1 10  ? 13.165  -7.415  -2.762  1.00 24.09 ? 10  ASP A O   1 
ATOM   79   C  CB  . ASP A 1 10  ? 12.309  -10.126 -1.626  1.00 24.90 ? 10  ASP A CB  1 
ATOM   80   C  CG  . ASP A 1 10  ? 11.942  -10.988 -2.783  1.00 25.99 ? 10  ASP A CG  1 
ATOM   81   O  OD1 . ASP A 1 10  ? 12.042  -10.533 -3.968  1.00 26.38 ? 10  ASP A OD1 1 
ATOM   82   O  OD2 . ASP A 1 10  ? 11.559  -12.130 -2.511  1.00 25.21 ? 10  ASP A OD2 1 
ATOM   83   N  N   . LYS A 1 11  ? 14.322  -8.852  -4.032  1.00 28.11 ? 11  LYS A N   1 
ATOM   84   C  CA  . LYS A 1 11  ? 14.418  -7.915  -5.183  1.00 30.77 ? 11  LYS A CA  1 
ATOM   85   C  C   . LYS A 1 11  ? 13.064  -7.551  -5.783  1.00 29.12 ? 11  LYS A C   1 
ATOM   86   O  O   . LYS A 1 11  ? 12.913  -6.522  -6.453  1.00 29.03 ? 11  LYS A O   1 
ATOM   87   C  CB  . LYS A 1 11  ? 15.376  -8.467  -6.276  1.00 32.35 ? 11  LYS A CB  1 
ATOM   88   C  CG  . LYS A 1 11  ? 16.749  -7.896  -6.057  1.00 36.55 ? 11  LYS A CG  1 
ATOM   89   C  CD  . LYS A 1 11  ? 17.934  -8.682  -6.549  1.00 41.78 ? 11  LYS A CD  1 
ATOM   90   C  CE  . LYS A 1 11  ? 19.120  -7.718  -6.376  1.00 49.22 ? 11  LYS A CE  1 
ATOM   91   N  NZ  . LYS A 1 11  ? 20.384  -8.210  -6.971  1.00 46.73 ? 11  LYS A NZ  1 
ATOM   92   N  N   . ARG A 1 12  ? 12.080  -8.407  -5.548  1.00 27.70 ? 12  ARG A N   1 
ATOM   93   C  CA  . ARG A 1 12  ? 10.805  -8.246  -6.220  1.00 27.21 ? 12  ARG A CA  1 
ATOM   94   C  C   . ARG A 1 12  ? 10.021  -7.088  -5.636  1.00 26.14 ? 12  ARG A C   1 
ATOM   95   O  O   . ARG A 1 12  ? 9.019   -6.647  -6.217  1.00 31.24 ? 12  ARG A O   1 
ATOM   96   C  CB  . ARG A 1 12  ? 10.029  -9.562  -6.184  1.00 24.98 ? 12  ARG A CB  1 
ATOM   97   C  CG  . ARG A 1 12  ? 10.623  -10.552 -7.167  1.00 24.52 ? 12  ARG A CG  1 
ATOM   98   C  CD  . ARG A 1 12  ? 9.971   -11.902 -7.104  1.00 24.46 ? 12  ARG A CD  1 
ATOM   99   N  NE  . ARG A 1 12  ? 10.258  -12.492 -5.812  1.00 25.24 ? 12  ARG A NE  1 
ATOM   100  C  CZ  . ARG A 1 12  ? 9.804   -13.666 -5.414  1.00 25.59 ? 12  ARG A CZ  1 
ATOM   101  N  NH1 . ARG A 1 12  ? 8.997   -14.365 -6.217  1.00 25.35 ? 12  ARG A NH1 1 
ATOM   102  N  NH2 . ARG A 1 12  ? 10.110  -14.100 -4.193  1.00 24.46 ? 12  ARG A NH2 1 
ATOM   103  N  N   . LEU A 1 13  ? 10.497  -6.597  -4.497  1.00 23.40 ? 13  LEU A N   1 
ATOM   104  C  CA  . LEU A 1 13  ? 9.902   -5.464  -3.783  1.00 22.82 ? 13  LEU A CA  1 
ATOM   105  C  C   . LEU A 1 13  ? 10.519  -4.141  -4.253  1.00 23.11 ? 13  LEU A C   1 
ATOM   106  O  O   . LEU A 1 13  ? 10.002  -3.050  -3.961  1.00 22.20 ? 13  LEU A O   1 
ATOM   107  C  CB  . LEU A 1 13  ? 10.145  -5.622  -2.297  1.00 22.79 ? 13  LEU A CB  1 
ATOM   108  C  CG  . LEU A 1 13  ? 9.355   -6.630  -1.481  1.00 23.22 ? 13  LEU A CG  1 
ATOM   109  C  CD1 . LEU A 1 13  ? 9.794   -6.475  -0.039  1.00 25.59 ? 13  LEU A CD1 1 
ATOM   110  C  CD2 . LEU A 1 13  ? 7.859   -6.386  -1.553  1.00 23.08 ? 13  LEU A CD2 1 
ATOM   111  N  N   . LEU A 1 14  ? 11.628  -4.266  -4.984  1.00 22.61 ? 14  LEU A N   1 
ATOM   112  C  CA  . LEU A 1 14  ? 12.348  -3.130  -5.549  1.00 23.65 ? 14  LEU A CA  1 
ATOM   113  C  C   . LEU A 1 14  ? 11.994  -2.819  -7.033  1.00 24.37 ? 14  LEU A C   1 
ATOM   114  O  O   . LEU A 1 14  ? 12.513  -1.860  -7.591  1.00 25.18 ? 14  LEU A O   1 
ATOM   115  C  CB  . LEU A 1 14  ? 13.877  -3.316  -5.358  1.00 21.81 ? 14  LEU A CB  1 
ATOM   116  C  CG  . LEU A 1 14  ? 14.357  -3.742  -3.958  1.00 24.09 ? 14  LEU A CG  1 
ATOM   117  C  CD1 . LEU A 1 14  ? 15.860  -3.996  -3.983  1.00 25.97 ? 14  LEU A CD1 1 
ATOM   118  C  CD2 . LEU A 1 14  ? 13.999  -2.760  -2.820  1.00 21.11 ? 14  LEU A CD2 1 
ATOM   119  N  N   . ARG A 1 15  ? 11.114  -3.600  -7.660  1.00 25.86 ? 15  ARG A N   1 
ATOM   120  C  CA  . ARG A 1 15  ? 10.713  -3.349  -9.064  1.00 25.61 ? 15  ARG A CA  1 
ATOM   121  C  C   . ARG A 1 15  ? 9.769   -2.193  -9.195  1.00 25.45 ? 15  ARG A C   1 
ATOM   122  O  O   . ARG A 1 15  ? 9.101   -1.814  -8.201  1.00 23.28 ? 15  ARG A O   1 
ATOM   123  C  CB  . ARG A 1 15  ? 9.975   -4.549  -9.610  1.00 25.95 ? 15  ARG A CB  1 
ATOM   124  C  CG  . ARG A 1 15  ? 10.830  -5.774  -9.645  1.00 28.14 ? 15  ARG A CG  1 
ATOM   125  C  CD  . ARG A 1 15  ? 10.133  -6.872  -10.399 1.00 31.28 ? 15  ARG A CD  1 
ATOM   126  N  NE  . ARG A 1 15  ? 9.097   -7.551  -9.601  1.00 32.70 ? 15  ARG A NE  1 
ATOM   127  C  CZ  . ARG A 1 15  ? 8.790   -8.831  -9.795  1.00 30.85 ? 15  ARG A CZ  1 
ATOM   128  N  NH1 . ARG A 1 15  ? 9.460   -9.511  -10.710 1.00 31.99 ? 15  ARG A NH1 1 
ATOM   129  N  NH2 . ARG A 1 15  ? 7.864   -9.439  -9.091  1.00 28.17 ? 15  ARG A NH2 1 
ATOM   130  N  N   . VAL A 1 16  ? 9.677   -1.648  -10.419 1.00 24.21 ? 16  VAL A N   1 
ATOM   131  C  CA  . VAL A 1 16  ? 8.545   -0.789  -10.734 1.00 22.66 ? 16  VAL A CA  1 
ATOM   132  C  C   . VAL A 1 16  ? 7.533   -1.577  -11.551 1.00 25.09 ? 16  VAL A C   1 
ATOM   133  O  O   . VAL A 1 16  ? 7.818   -2.069  -12.653 1.00 25.70 ? 16  VAL A O   1 
ATOM   134  C  CB  . VAL A 1 16  ? 8.933   0.625   -11.248 1.00 23.31 ? 16  VAL A CB  1 
ATOM   135  C  CG1 . VAL A 1 16  ? 10.332  0.678   -11.781 1.00 23.82 ? 16  VAL A CG1 1 
ATOM   136  C  CG2 . VAL A 1 16  ? 7.905   1.205   -12.200 1.00 19.81 ? 16  VAL A CG2 1 
ATOM   137  N  N   . ALA A 1 17  ? 6.354   -1.752  -10.947 1.00 23.76 ? 17  ALA A N   1 
ATOM   138  C  CA  . ALA A 1 17  ? 5.339   -2.679  -11.445 1.00 22.50 ? 17  ALA A CA  1 
ATOM   139  C  C   . ALA A 1 17  ? 4.620   -2.153  -12.716 1.00 22.33 ? 17  ALA A C   1 
ATOM   140  O  O   . ALA A 1 17  ? 4.296   -0.955  -12.808 1.00 21.32 ? 17  ALA A O   1 
ATOM   141  C  CB  . ALA A 1 17  ? 4.336   -2.977  -10.337 1.00 20.78 ? 17  ALA A CB  1 
ATOM   142  N  N   . PRO A 1 18  ? 4.368   -3.032  -13.719 1.00 22.62 ? 18  PRO A N   1 
ATOM   143  C  CA  . PRO A 1 18  ? 3.590   -2.548  -14.893 1.00 23.73 ? 18  PRO A CA  1 
ATOM   144  C  C   . PRO A 1 18  ? 2.073   -2.386  -14.575 1.00 25.85 ? 18  PRO A C   1 
ATOM   145  O  O   . PRO A 1 18  ? 1.589   -2.728  -13.471 1.00 28.65 ? 18  PRO A O   1 
ATOM   146  C  CB  . PRO A 1 18  ? 3.809   -3.643  -15.931 1.00 21.33 ? 18  PRO A CB  1 
ATOM   147  C  CG  . PRO A 1 18  ? 3.896   -4.856  -15.098 1.00 22.30 ? 18  PRO A CG  1 
ATOM   148  C  CD  . PRO A 1 18  ? 4.691   -4.456  -13.855 1.00 21.52 ? 18  PRO A CD  1 
ATOM   149  N  N   . GLN A 1 19  ? 1.329   -1.855  -15.522 1.00 26.26 ? 19  GLN A N   1 
ATOM   150  C  CA  . GLN A 1 19  ? -0.071  -1.699  -15.313 1.00 27.20 ? 19  GLN A CA  1 
ATOM   151  C  C   . GLN A 1 19  ? -0.858  -2.980  -15.385 1.00 24.70 ? 19  GLN A C   1 
ATOM   152  O  O   . GLN A 1 19  ? -0.488  -3.934  -16.085 1.00 25.44 ? 19  GLN A O   1 
ATOM   153  C  CB  . GLN A 1 19  ? -0.633  -0.822  -16.366 1.00 34.07 ? 19  GLN A CB  1 
ATOM   154  C  CG  . GLN A 1 19  ? -0.116  0.575   -16.310 1.00 45.41 ? 19  GLN A CG  1 
ATOM   155  C  CD  . GLN A 1 19  ? -0.937  1.381   -17.264 1.00 54.72 ? 19  GLN A CD  1 
ATOM   156  O  OE1 . GLN A 1 19  ? -1.267  0.888   -18.356 1.00 52.82 ? 19  GLN A OE1 1 
ATOM   157  N  NE2 . GLN A 1 19  ? -1.342  2.581   -16.845 1.00 52.22 ? 19  GLN A NE2 1 
ATOM   158  N  N   . VAL A 1 20  ? -1.965  -2.963  -14.660 1.00 21.26 ? 20  VAL A N   1 
ATOM   159  C  CA  . VAL A 1 20  ? -2.979  -3.932  -14.832 1.00 21.45 ? 20  VAL A CA  1 
ATOM   160  C  C   . VAL A 1 20  ? -3.661  -3.718  -16.210 1.00 21.27 ? 20  VAL A C   1 
ATOM   161  O  O   . VAL A 1 20  ? -4.088  -2.597  -16.566 1.00 20.05 ? 20  VAL A O   1 
ATOM   162  C  CB  . VAL A 1 20  ? -3.993  -3.814  -13.670 1.00 23.51 ? 20  VAL A CB  1 
ATOM   163  C  CG1 . VAL A 1 20  ? -5.195  -4.737  -13.925 1.00 21.94 ? 20  VAL A CG1 1 
ATOM   164  C  CG2 . VAL A 1 20  ? -3.304  -4.069  -12.296 1.00 22.63 ? 20  VAL A CG2 1 
ATOM   165  N  N   . THR A 1 21  ? -3.781  -4.778  -16.995 1.00 20.94 ? 21  THR A N   1 
ATOM   166  C  CA  . THR A 1 21  ? -4.564  -4.646  -18.242 1.00 21.11 ? 21  THR A CA  1 
ATOM   167  C  C   . THR A 1 21  ? -5.670  -5.672  -18.372 1.00 20.73 ? 21  THR A C   1 
ATOM   168  O  O   . THR A 1 21  ? -6.176  -5.923  -19.472 1.00 22.89 ? 21  THR A O   1 
ATOM   169  C  CB  . THR A 1 21  ? -3.689  -4.746  -19.479 1.00 20.67 ? 21  THR A CB  1 
ATOM   170  O  OG1 . THR A 1 21  ? -3.146  -6.072  -19.533 1.00 19.23 ? 21  THR A OG1 1 
ATOM   171  C  CG2 . THR A 1 21  ? -2.587  -3.632  -19.478 1.00 19.76 ? 21  THR A CG2 1 
ATOM   172  N  N   . ASN A 1 22  ? -6.058  -6.278  -17.260 1.00 20.88 ? 22  ASN A N   1 
ATOM   173  C  CA  . ASN A 1 22  ? -7.189  -7.171  -17.343 1.00 21.00 ? 22  ASN A CA  1 
ATOM   174  C  C   . ASN A 1 22  ? -8.344  -6.835  -16.418 1.00 21.43 ? 22  ASN A C   1 
ATOM   175  O  O   . ASN A 1 22  ? -8.957  -7.749  -15.842 1.00 24.24 ? 22  ASN A O   1 
ATOM   176  C  CB  . ASN A 1 22  ? -6.757  -8.636  -17.256 1.00 21.03 ? 22  ASN A CB  1 
ATOM   177  C  CG  . ASN A 1 22  ? -5.991  -8.970  -15.967 1.00 22.58 ? 22  ASN A CG  1 
ATOM   178  O  OD1 . ASN A 1 22  ? -5.731  -10.152 -15.739 1.00 23.85 ? 22  ASN A OD1 1 
ATOM   179  N  ND2 . ASN A 1 22  ? -5.666  -7.975  -15.128 1.00 18.27 ? 22  ASN A ND2 1 
ATOM   180  N  N   . LEU A 1 23  ? -8.670  -5.538  -16.293 1.00 19.99 ? 23  LEU A N   1 
ATOM   181  C  CA  . LEU A 1 23  ? -9.874  -5.130  -15.543 1.00 19.09 ? 23  LEU A CA  1 
ATOM   182  C  C   . LEU A 1 23  ? -11.102 -5.971  -15.964 1.00 21.05 ? 23  LEU A C   1 
ATOM   183  O  O   . LEU A 1 23  ? -11.260 -6.347  -17.157 1.00 21.66 ? 23  LEU A O   1 
ATOM   184  C  CB  . LEU A 1 23  ? -10.145 -3.638  -15.737 1.00 18.33 ? 23  LEU A CB  1 
ATOM   185  C  CG  . LEU A 1 23  ? -8.926  -2.753  -15.338 1.00 18.72 ? 23  LEU A CG  1 
ATOM   186  C  CD1 . LEU A 1 23  ? -9.138  -1.303  -15.712 1.00 16.26 ? 23  LEU A CD1 1 
ATOM   187  C  CD2 . LEU A 1 23  ? -8.487  -2.907  -13.873 1.00 16.83 ? 23  LEU A CD2 1 
ATOM   188  N  N   . GLY A 1 24  ? -11.951 -6.314  -14.993 1.00 21.43 ? 24  GLY A N   1 
ATOM   189  C  CA  . GLY A 1 24  ? -13.216 -7.023  -15.283 1.00 18.29 ? 24  GLY A CA  1 
ATOM   190  C  C   . GLY A 1 24  ? -12.982 -8.494  -15.494 1.00 19.00 ? 24  GLY A C   1 
ATOM   191  O  O   . GLY A 1 24  ? -13.917 -9.202  -15.762 1.00 18.73 ? 24  GLY A O   1 
ATOM   192  N  N   . SER A 1 25  ? -11.740 -8.967  -15.373 1.00 19.17 ? 25  SER A N   1 
ATOM   193  C  CA  . SER A 1 25  ? -11.469 -10.370 -15.652 1.00 21.82 ? 25  SER A CA  1 
ATOM   194  C  C   . SER A 1 25  ? -11.669 -11.250 -14.425 1.00 21.87 ? 25  SER A C   1 
ATOM   195  O  O   . SER A 1 25  ? -11.584 -10.782 -13.311 1.00 24.24 ? 25  SER A O   1 
ATOM   196  C  CB  . SER A 1 25  ? -10.069 -10.584 -16.283 1.00 20.41 ? 25  SER A CB  1 
ATOM   197  O  OG  . SER A 1 25  ? -9.020  -10.502 -15.331 1.00 18.48 ? 25  SER A OG  1 
ATOM   198  N  N   . ALA A 1 26  ? -11.942 -12.526 -14.645 1.00 21.31 ? 26  ALA A N   1 
ATOM   199  C  CA  . ALA A 1 26  ? -12.028 -13.509 -13.569 1.00 21.33 ? 26  ALA A CA  1 
ATOM   200  C  C   . ALA A 1 26  ? -10.642 -13.649 -12.870 1.00 22.71 ? 26  ALA A C   1 
ATOM   201  O  O   . ALA A 1 26  ? -10.556 -13.703 -11.647 1.00 22.76 ? 26  ALA A O   1 
ATOM   202  C  CB  . ALA A 1 26  ? -12.531 -14.853 -14.117 1.00 17.50 ? 26  ALA A CB  1 
ATOM   203  N  N   . GLU A 1 27  ? -9.553  -13.670 -13.643 1.00 23.04 ? 27  GLU A N   1 
ATOM   204  C  CA  . GLU A 1 27  ? -8.210  -13.704 -13.076 1.00 22.80 ? 27  GLU A CA  1 
ATOM   205  C  C   . GLU A 1 27  ? -7.887  -12.522 -12.123 1.00 23.21 ? 27  GLU A C   1 
ATOM   206  O  O   . GLU A 1 27  ? -7.325  -12.714 -11.064 1.00 26.25 ? 27  GLU A O   1 
ATOM   207  C  CB  . GLU A 1 27  ? -7.184  -13.779 -14.187 1.00 25.12 ? 27  GLU A CB  1 
ATOM   208  C  CG  . GLU A 1 27  ? -7.288  -15.042 -15.058 1.00 30.74 ? 27  GLU A CG  1 
ATOM   209  C  CD  . GLU A 1 27  ? -8.379  -14.996 -16.161 1.00 35.22 ? 27  GLU A CD  1 
ATOM   210  O  OE1 . GLU A 1 27  ? -9.135  -14.003 -16.349 1.00 40.01 ? 27  GLU A OE1 1 
ATOM   211  O  OE2 . GLU A 1 27  ? -8.502  -16.012 -16.852 1.00 41.04 ? 27  GLU A OE2 1 
ATOM   212  N  N   . LEU A 1 28  ? -8.241  -11.309 -12.502 1.00 22.02 ? 28  LEU A N   1 
ATOM   213  C  CA  . LEU A 1 28  ? -8.018  -10.165 -11.678 1.00 20.57 ? 28  LEU A CA  1 
ATOM   214  C  C   . LEU A 1 28  ? -8.881  -10.298 -10.426 1.00 23.00 ? 28  LEU A C   1 
ATOM   215  O  O   . LEU A 1 28  ? -8.364  -10.077 -9.291  1.00 21.67 ? 28  LEU A O   1 
ATOM   216  C  CB  . LEU A 1 28  ? -8.377  -8.871  -12.428 1.00 19.14 ? 28  LEU A CB  1 
ATOM   217  C  CG  . LEU A 1 28  ? -8.105  -7.606  -11.624 1.00 18.52 ? 28  LEU A CG  1 
ATOM   218  C  CD1 . LEU A 1 28  ? -6.616  -7.506  -11.248 1.00 17.96 ? 28  LEU A CD1 1 
ATOM   219  C  CD2 . LEU A 1 28  ? -8.591  -6.370  -12.333 1.00 16.83 ? 28  LEU A CD2 1 
ATOM   220  N  N   . HIS A 1 29  ? -10.181 -10.617 -10.608 1.00 23.55 ? 29  HIS A N   1 
ATOM   221  C  CA  . HIS A 1 29  ? -11.077 -10.817 -9.438  1.00 23.44 ? 29  HIS A CA  1 
ATOM   222  C  C   . HIS A 1 29  ? -10.486 -11.877 -8.470  1.00 21.98 ? 29  HIS A C   1 
ATOM   223  O  O   . HIS A 1 29  ? -10.410 -11.631 -7.267  1.00 20.32 ? 29  HIS A O   1 
ATOM   224  C  CB  . HIS A 1 29  ? -12.564 -11.069 -9.789  1.00 24.50 ? 29  HIS A CB  1 
ATOM   225  C  CG  . HIS A 1 29  ? -13.266 -9.849  -10.349 1.00 31.09 ? 29  HIS A CG  1 
ATOM   226  N  ND1 . HIS A 1 29  ? -13.959 -8.947  -9.561  1.00 32.12 ? 29  HIS A ND1 1 
ATOM   227  C  CD2 . HIS A 1 29  ? -13.369 -9.377  -11.627 1.00 30.47 ? 29  HIS A CD2 1 
ATOM   228  C  CE1 . HIS A 1 29  ? -14.463 -7.986  -10.324 1.00 32.13 ? 29  HIS A CE1 1 
ATOM   229  N  NE2 . HIS A 1 29  ? -14.107 -8.220  -11.579 1.00 31.02 ? 29  HIS A NE2 1 
ATOM   230  N  N   . ALA A 1 30  ? -9.986  -13.003 -8.980  1.00 20.23 ? 30  ALA A N   1 
ATOM   231  C  CA  . ALA A 1 30  ? -9.440  -14.018 -8.073  1.00 19.87 ? 30  ALA A CA  1 
ATOM   232  C  C   . ALA A 1 30  ? -8.276  -13.451 -7.318  1.00 21.69 ? 30  ALA A C   1 
ATOM   233  O  O   . ALA A 1 30  ? -8.142  -13.705 -6.121  1.00 22.89 ? 30  ALA A O   1 
ATOM   234  C  CB  . ALA A 1 30  ? -9.056  -15.292 -8.775  1.00 18.16 ? 30  ALA A CB  1 
ATOM   235  N  N   . LEU A 1 31  ? -7.456  -12.648 -8.008  1.00 22.76 ? 31  LEU A N   1 
ATOM   236  C  CA  . LEU A 1 31  ? -6.200  -12.140 -7.437  1.00 21.23 ? 31  LEU A CA  1 
ATOM   237  C  C   . LEU A 1 31  ? -6.481  -11.099 -6.313  1.00 22.85 ? 31  LEU A C   1 
ATOM   238  O  O   . LEU A 1 31  ? -5.805  -11.069 -5.262  1.00 23.95 ? 31  LEU A O   1 
ATOM   239  C  CB  . LEU A 1 31  ? -5.359  -11.513 -8.535  1.00 18.76 ? 31  LEU A CB  1 
ATOM   240  C  CG  . LEU A 1 31  ? -4.179  -10.698 -7.977  1.00 20.10 ? 31  LEU A CG  1 
ATOM   241  C  CD1 . LEU A 1 31  ? -3.240  -11.575 -7.118  1.00 18.81 ? 31  LEU A CD1 1 
ATOM   242  C  CD2 . LEU A 1 31  ? -3.410  -9.998  -9.107  1.00 19.15 ? 31  LEU A CD2 1 
ATOM   243  N  N   . VAL A 1 32  ? -7.472  -10.247 -6.574  1.00 20.84 ? 32  VAL A N   1 
ATOM   244  C  CA  . VAL A 1 32  ? -7.934  -9.277  -5.634  1.00 20.87 ? 32  VAL A CA  1 
ATOM   245  C  C   . VAL A 1 32  ? -8.535  -9.989  -4.420  1.00 22.86 ? 32  VAL A C   1 
ATOM   246  O  O   . VAL A 1 32  ? -8.275  -9.606  -3.274  1.00 24.36 ? 32  VAL A O   1 
ATOM   247  C  CB  . VAL A 1 32  ? -8.992  -8.345  -6.252  1.00 19.16 ? 32  VAL A CB  1 
ATOM   248  C  CG1 . VAL A 1 32  ? -9.654  -7.529  -5.154  1.00 19.65 ? 32  VAL A CG1 1 
ATOM   249  C  CG2 . VAL A 1 32  ? -8.345  -7.411  -7.241  1.00 19.08 ? 32  VAL A CG2 1 
ATOM   250  N  N   . SER A 1 33  ? -9.320  -11.026 -4.677  1.00 22.29 ? 33  SER A N   1 
ATOM   251  C  CA  . SER A 1 33  ? -9.905  -11.807 -3.614  1.00 23.18 ? 33  SER A CA  1 
ATOM   252  C  C   . SER A 1 33  ? -8.814  -12.285 -2.650  1.00 21.88 ? 33  SER A C   1 
ATOM   253  O  O   . SER A 1 33  ? -8.900  -12.076 -1.427  1.00 20.98 ? 33  SER A O   1 
ATOM   254  C  CB  . SER A 1 33  ? -10.626 -13.002 -4.206  1.00 26.12 ? 33  SER A CB  1 
ATOM   255  O  OG  . SER A 1 33  ? -11.768 -13.286 -3.433  1.00 30.67 ? 33  SER A OG  1 
ATOM   256  N  N   . ASP A 1 34  ? -7.791  -12.905 -3.234  1.00 21.48 ? 34  ASP A N   1 
ATOM   257  C  CA  . ASP A 1 34  ? -6.628  -13.390 -2.533  1.00 23.04 ? 34  ASP A CA  1 
ATOM   258  C  C   . ASP A 1 34  ? -5.941  -12.251 -1.778  1.00 23.96 ? 34  ASP A C   1 
ATOM   259  O  O   . ASP A 1 34  ? -5.505  -12.433 -0.622  1.00 25.40 ? 34  ASP A O   1 
ATOM   260  C  CB  . ASP A 1 34  ? -5.620  -13.991 -3.511  1.00 24.65 ? 34  ASP A CB  1 
ATOM   261  C  CG  . ASP A 1 34  ? -6.077  -15.326 -4.108  1.00 26.31 ? 34  ASP A CG  1 
ATOM   262  O  OD1 . ASP A 1 34  ? -7.149  -15.882 -3.759  1.00 23.22 ? 34  ASP A OD1 1 
ATOM   263  O  OD2 . ASP A 1 34  ? -5.296  -15.823 -4.949  1.00 31.25 ? 34  ASP A OD2 1 
ATOM   264  N  N   . MET A 1 35  ? -5.865  -11.073 -2.395  1.00 21.37 ? 35  MET A N   1 
ATOM   265  C  CA  . MET A 1 35  ? -5.196  -9.998  -1.709  1.00 19.65 ? 35  MET A CA  1 
ATOM   266  C  C   . MET A 1 35  ? -5.944  -9.562  -0.440  1.00 18.62 ? 35  MET A C   1 
ATOM   267  O  O   . MET A 1 35  ? -5.331  -9.366  0.627   1.00 18.72 ? 35  MET A O   1 
ATOM   268  C  CB  . MET A 1 35  ? -4.891  -8.857  -2.664  1.00 19.18 ? 35  MET A CB  1 
ATOM   269  C  CG  . MET A 1 35  ? -3.857  -9.196  -3.722  1.00 18.31 ? 35  MET A CG  1 
ATOM   270  S  SD  . MET A 1 35  ? -3.524  -7.779  -4.782  1.00 19.99 ? 35  MET A SD  1 
ATOM   271  C  CE  . MET A 1 35  ? -2.810  -6.576  -3.655  1.00 17.42 ? 35  MET A CE  1 
ATOM   272  N  N   . PHE A 1 36  ? -7.262  -9.463  -0.539  1.00 17.78 ? 36  PHE A N   1 
ATOM   273  C  CA  . PHE A 1 36  ? -8.082  -9.140  0.633   1.00 19.33 ? 36  PHE A CA  1 
ATOM   274  C  C   . PHE A 1 36  ? -7.919  -10.199 1.737   1.00 20.49 ? 36  PHE A C   1 
ATOM   275  O  O   . PHE A 1 36  ? -7.818  -9.884  2.922   1.00 20.97 ? 36  PHE A O   1 
ATOM   276  C  CB  . PHE A 1 36  ? -9.560  -8.962  0.254   1.00 18.38 ? 36  PHE A CB  1 
ATOM   277  C  CG  . PHE A 1 36  ? -9.902  -7.556  -0.239  1.00 17.20 ? 36  PHE A CG  1 
ATOM   278  C  CD1 . PHE A 1 36  ? -9.786  -6.441  0.628   1.00 18.44 ? 36  PHE A CD1 1 
ATOM   279  C  CD2 . PHE A 1 36  ? -10.350 -7.338  -1.546  1.00 15.04 ? 36  PHE A CD2 1 
ATOM   280  C  CE1 . PHE A 1 36  ? -10.106 -5.123  0.195   1.00 17.74 ? 36  PHE A CE1 1 
ATOM   281  C  CE2 . PHE A 1 36  ? -10.689 -6.049  -1.988  1.00 14.89 ? 36  PHE A CE2 1 
ATOM   282  C  CZ  . PHE A 1 36  ? -10.553 -4.933  -1.138  1.00 16.21 ? 36  PHE A CZ  1 
ATOM   283  N  N   . GLU A 1 37  ? -7.851  -11.446 1.321   1.00 21.40 ? 37  GLU A N   1 
ATOM   284  C  CA  . GLU A 1 37  ? -7.673  -12.522 2.242   1.00 23.32 ? 37  GLU A CA  1 
ATOM   285  C  C   . GLU A 1 37  ? -6.313  -12.507 2.915   1.00 24.36 ? 37  GLU A C   1 
ATOM   286  O  O   . GLU A 1 37  ? -6.235  -12.629 4.148   1.00 27.51 ? 37  GLU A O   1 
ATOM   287  C  CB  . GLU A 1 37  ? -7.919  -13.846 1.558   1.00 23.63 ? 37  GLU A CB  1 
ATOM   288  C  CG  . GLU A 1 37  ? -8.394  -14.897 2.543   1.00 25.01 ? 37  GLU A CG  1 
ATOM   289  C  CD  . GLU A 1 37  ? -8.585  -16.241 1.888   1.00 28.14 ? 37  GLU A CD  1 
ATOM   290  O  OE1 . GLU A 1 37  ? -8.485  -16.323 0.602   1.00 27.72 ? 37  GLU A OE1 1 
ATOM   291  O  OE2 . GLU A 1 37  ? -8.843  -17.214 2.665   1.00 29.67 ? 37  GLU A OE2 1 
ATOM   292  N  N   . THR A 1 38  ? -5.252  -12.376 2.109   1.00 23.38 ? 38  THR A N   1 
ATOM   293  C  CA  . THR A 1 38  ? -3.909  -12.274 2.615   1.00 20.45 ? 38  THR A CA  1 
ATOM   294  C  C   . THR A 1 38  ? -3.780  -11.081 3.562   1.00 22.26 ? 38  THR A C   1 
ATOM   295  O  O   . THR A 1 38  ? -3.161  -11.216 4.609   1.00 25.91 ? 38  THR A O   1 
ATOM   296  C  CB  . THR A 1 38  ? -2.906  -12.180 1.480   1.00 18.76 ? 38  THR A CB  1 
ATOM   297  O  OG1 . THR A 1 38  ? -3.074  -13.339 0.658   1.00 18.96 ? 38  THR A OG1 1 
ATOM   298  C  CG2 . THR A 1 38  ? -1.470  -12.185 2.050   1.00 17.35 ? 38  THR A CG2 1 
ATOM   299  N  N   . MET A 1 39  ? -4.360  -9.927  3.203   1.00 21.40 ? 39  MET A N   1 
ATOM   300  C  CA  . MET A 1 39  ? -4.338  -8.732  4.055   1.00 20.38 ? 39  MET A CA  1 
ATOM   301  C  C   . MET A 1 39  ? -4.996  -8.984  5.428   1.00 21.03 ? 39  MET A C   1 
ATOM   302  O  O   . MET A 1 39  ? -4.444  -8.564  6.470   1.00 21.87 ? 39  MET A O   1 
ATOM   303  C  CB  . MET A 1 39  ? -5.044  -7.554  3.386   1.00 20.92 ? 39  MET A CB  1 
ATOM   304  C  CG  . MET A 1 39  ? -5.033  -6.292  4.248   1.00 21.36 ? 39  MET A CG  1 
ATOM   305  S  SD  . MET A 1 39  ? -5.641  -4.816  3.403   1.00 23.39 ? 39  MET A SD  1 
ATOM   306  C  CE  . MET A 1 39  ? -7.397  -4.922  3.647   1.00 18.81 ? 39  MET A CE  1 
ATOM   307  N  N   . GLY A 1 40  ? -6.166  -9.625  5.419   1.00 17.96 ? 40  GLY A N   1 
ATOM   308  C  CA  . GLY A 1 40  ? -6.886  -9.875  6.634   1.00 19.05 ? 40  GLY A CA  1 
ATOM   309  C  C   . GLY A 1 40  ? -6.154  -10.859 7.534   1.00 19.57 ? 40  GLY A C   1 
ATOM   310  O  O   . GLY A 1 40  ? -6.086  -10.641 8.730   1.00 19.35 ? 40  GLY A O   1 
ATOM   311  N  N   . ALA A 1 41  ? -5.584  -11.916 6.946   1.00 19.48 ? 41  ALA A N   1 
ATOM   312  C  CA  . ALA A 1 41  ? -4.815  -12.908 7.704   1.00 20.78 ? 41  ALA A CA  1 
ATOM   313  C  C   . ALA A 1 41  ? -3.573  -12.278 8.359   1.00 21.38 ? 41  ALA A C   1 
ATOM   314  O  O   . ALA A 1 41  ? -3.176  -12.696 9.427   1.00 24.34 ? 41  ALA A O   1 
ATOM   315  C  CB  . ALA A 1 41  ? -4.398  -14.087 6.812   1.00 17.07 ? 41  ALA A CB  1 
ATOM   316  N  N   . ALA A 1 42  ? -2.968  -11.294 7.692   1.00 21.93 ? 42  ALA A N   1 
ATOM   317  C  CA  . ALA A 1 42  ? -1.732  -10.699 8.166   1.00 21.39 ? 42  ALA A CA  1 
ATOM   318  C  C   . ALA A 1 42  ? -2.065  -9.477  9.035   1.00 20.19 ? 42  ALA A C   1 
ATOM   319  O  O   . ALA A 1 42  ? -1.159  -8.842  9.556   1.00 19.42 ? 42  ALA A O   1 
ATOM   320  C  CB  . ALA A 1 42  ? -0.781  -10.318 7.002   1.00 19.11 ? 42  ALA A CB  1 
ATOM   321  N  N   . HIS A 1 43  ? -3.347  -9.170  9.180   1.00 20.02 ? 43  HIS A N   1 
ATOM   322  C  CA  . HIS A 1 43  ? -3.831  -8.024  9.976   1.00 22.52 ? 43  HIS A CA  1 
ATOM   323  C  C   . HIS A 1 43  ? -3.345  -6.686  9.457   1.00 22.03 ? 43  HIS A C   1 
ATOM   324  O  O   . HIS A 1 43  ? -3.060  -5.793  10.240  1.00 23.97 ? 43  HIS A O   1 
ATOM   325  C  CB  . HIS A 1 43  ? -3.497  -8.168  11.474  1.00 23.99 ? 43  HIS A CB  1 
ATOM   326  C  CG  . HIS A 1 43  ? -4.094  -9.388  12.111  1.00 31.63 ? 43  HIS A CG  1 
ATOM   327  N  ND1 . HIS A 1 43  ? -4.583  -9.394  13.401  1.00 38.85 ? 43  HIS A ND1 1 
ATOM   328  C  CD2 . HIS A 1 43  ? -4.312  -10.636 11.629  1.00 32.47 ? 43  HIS A CD2 1 
ATOM   329  C  CE1 . HIS A 1 43  ? -5.057  -10.595 13.689  1.00 36.81 ? 43  HIS A CE1 1 
ATOM   330  N  NE2 . HIS A 1 43  ? -4.920  -11.361 12.627  1.00 32.00 ? 43  HIS A NE2 1 
ATOM   331  N  N   . GLY A 1 44  ? -3.237  -6.531  8.146   1.00 20.93 ? 44  GLY A N   1 
ATOM   332  C  CA  . GLY A 1 44  ? -2.822  -5.239  7.604   1.00 18.89 ? 44  GLY A CA  1 
ATOM   333  C  C   . GLY A 1 44  ? -3.979  -4.315  7.289   1.00 18.18 ? 44  GLY A C   1 
ATOM   334  O  O   . GLY A 1 44  ? -5.128  -4.750  7.309   1.00 16.41 ? 44  GLY A O   1 
ATOM   335  N  N   . VAL A 1 45  ? -3.683  -3.053  6.979   1.00 17.65 ? 45  VAL A N   1 
ATOM   336  C  CA  . VAL A 1 45  ? -4.738  -2.124  6.537   1.00 18.68 ? 45  VAL A CA  1 
ATOM   337  C  C   . VAL A 1 45  ? -4.554  -1.841  5.029   1.00 18.13 ? 45  VAL A C   1 
ATOM   338  O  O   . VAL A 1 45  ? -5.357  -1.139  4.361   1.00 16.90 ? 45  VAL A O   1 
ATOM   339  C  CB  . VAL A 1 45  ? -4.761  -0.802  7.383   1.00 19.10 ? 45  VAL A CB  1 
ATOM   340  C  CG1 . VAL A 1 45  ? -5.036  -1.139  8.857   1.00 20.82 ? 45  VAL A CG1 1 
ATOM   341  C  CG2 . VAL A 1 45  ? -3.454  -0.024  7.237   1.00 16.67 ? 45  VAL A CG2 1 
ATOM   342  N  N   . GLY A 1 46  ? -3.492  -2.394  4.484   1.00 16.65 ? 46  GLY A N   1 
ATOM   343  C  CA  . GLY A 1 46  ? -3.252  -2.197  3.077   1.00 17.54 ? 46  GLY A CA  1 
ATOM   344  C  C   . GLY A 1 46  ? -2.443  -3.386  2.696   1.00 19.34 ? 46  GLY A C   1 
ATOM   345  O  O   . GLY A 1 46  ? -1.846  -4.046  3.579   1.00 19.54 ? 46  GLY A O   1 
ATOM   346  N  N   . LEU A 1 47  ? -2.465  -3.697  1.399   1.00 18.66 ? 47  LEU A N   1 
ATOM   347  C  CA  . LEU A 1 47  ? -1.570  -4.684  0.818   1.00 18.05 ? 47  LEU A CA  1 
ATOM   348  C  C   . LEU A 1 47  ? -1.350  -4.335  -0.658  1.00 18.88 ? 47  LEU A C   1 
ATOM   349  O  O   . LEU A 1 47  ? -2.300  -3.933  -1.374  1.00 18.73 ? 47  LEU A O   1 
ATOM   350  C  CB  . LEU A 1 47  ? -2.129  -6.079  0.962   1.00 17.76 ? 47  LEU A CB  1 
ATOM   351  C  CG  . LEU A 1 47  ? -1.200  -7.193  0.489   1.00 18.55 ? 47  LEU A CG  1 
ATOM   352  C  CD1 . LEU A 1 47  ? -0.054  -7.478  1.466   1.00 19.12 ? 47  LEU A CD1 1 
ATOM   353  C  CD2 . LEU A 1 47  ? -2.026  -8.441  0.288   1.00 18.63 ? 47  LEU A CD2 1 
ATOM   354  N  N   . ALA A 1 48  ? -0.098  -4.472  -1.096  1.00 17.52 ? 48  ALA A N   1 
ATOM   355  C  CA  . ALA A 1 48  ? 0.294   -4.143  -2.440  1.00 16.77 ? 48  ALA A CA  1 
ATOM   356  C  C   . ALA A 1 48  ? 0.666   -5.430  -3.177  1.00 17.15 ? 48  ALA A C   1 
ATOM   357  O  O   . ALA A 1 48  ? 1.319   -6.310  -2.603  1.00 18.31 ? 48  ALA A O   1 
ATOM   358  C  CB  . ALA A 1 48  ? 1.471   -3.162  -2.409  1.00 16.05 ? 48  ALA A CB  1 
ATOM   359  N  N   . ALA A 1 49  ? 0.278   -5.534  -4.445  1.00 17.31 ? 49  ALA A N   1 
ATOM   360  C  CA  . ALA A 1 49  ? 0.521   -6.750  -5.243  1.00 17.34 ? 49  ALA A CA  1 
ATOM   361  C  C   . ALA A 1 49  ? 1.988   -7.229  -5.208  1.00 17.91 ? 49  ALA A C   1 
ATOM   362  O  O   . ALA A 1 49  ? 2.211   -8.424  -5.124  1.00 19.83 ? 49  ALA A O   1 
ATOM   363  C  CB  . ALA A 1 49  ? 0.048   -6.575  -6.689  1.00 16.39 ? 49  ALA A CB  1 
ATOM   364  N  N   . PRO A 1 50  ? 2.999   -6.320  -5.284  1.00 18.15 ? 50  PRO A N   1 
ATOM   365  C  CA  . PRO A 1 50  ? 4.379   -6.855  -5.212  1.00 18.61 ? 50  PRO A CA  1 
ATOM   366  C  C   . PRO A 1 50  ? 4.717   -7.589  -3.888  1.00 19.61 ? 50  PRO A C   1 
ATOM   367  O  O   . PRO A 1 50  ? 5.634   -8.410  -3.862  1.00 20.84 ? 50  PRO A O   1 
ATOM   368  C  CB  . PRO A 1 50  ? 5.241   -5.593  -5.302  1.00 17.94 ? 50  PRO A CB  1 
ATOM   369  C  CG  . PRO A 1 50  ? 4.392   -4.606  -6.049  1.00 17.31 ? 50  PRO A CG  1 
ATOM   370  C  CD  . PRO A 1 50  ? 3.025   -4.855  -5.472  1.00 18.17 ? 50  PRO A CD  1 
ATOM   371  N  N   . GLN A 1 51  ? 4.001   -7.283  -2.800  1.00 18.68 ? 51  GLN A N   1 
ATOM   372  C  CA  . GLN A 1 51  ? 4.269   -7.930  -1.525  1.00 18.70 ? 51  GLN A CA  1 
ATOM   373  C  C   . GLN A 1 51  ? 3.969   -9.425  -1.554  1.00 19.01 ? 51  GLN A C   1 
ATOM   374  O  O   . GLN A 1 51  ? 4.375   -10.155 -0.643  1.00 18.50 ? 51  GLN A O   1 
ATOM   375  C  CB  . GLN A 1 51  ? 3.480   -7.267  -0.426  1.00 17.30 ? 51  GLN A CB  1 
ATOM   376  C  CG  . GLN A 1 51  ? 4.009   -5.889  -0.075  1.00 18.05 ? 51  GLN A CG  1 
ATOM   377  C  CD  . GLN A 1 51  ? 3.141   -5.277  1.013   1.00 18.36 ? 51  GLN A CD  1 
ATOM   378  O  OE1 . GLN A 1 51  ? 2.032   -4.772  0.739   1.00 20.91 ? 51  GLN A OE1 1 
ATOM   379  N  NE2 . GLN A 1 51  ? 3.577   -5.395  2.245   1.00 16.48 ? 51  GLN A NE2 1 
ATOM   380  N  N   . ILE A 1 52  ? 3.215   -9.854  -2.573  1.00 18.89 ? 52  ILE A N   1 
ATOM   381  C  CA  . ILE A 1 52  ? 2.916   -11.244 -2.768  1.00 18.98 ? 52  ILE A CA  1 
ATOM   382  C  C   . ILE A 1 52  ? 3.534   -11.641 -4.084  1.00 20.74 ? 52  ILE A C   1 
ATOM   383  O  O   . ILE A 1 52  ? 3.157   -12.640 -4.697  1.00 24.04 ? 52  ILE A O   1 
ATOM   384  C  CB  . ILE A 1 52  ? 1.407   -11.549 -2.697  1.00 18.55 ? 52  ILE A CB  1 
ATOM   385  C  CG1 . ILE A 1 52  ? 0.672   -10.788 -3.796  1.00 18.18 ? 52  ILE A CG1 1 
ATOM   386  C  CG2 . ILE A 1 52  ? 0.862   -11.264 -1.280  1.00 16.24 ? 52  ILE A CG2 1 
ATOM   387  C  CD1 . ILE A 1 52  ? -0.683  -11.362 -4.112  1.00 17.89 ? 52  ILE A CD1 1 
ATOM   388  N  N   . ALA A 1 53  ? 4.541   -10.878 -4.495  1.00 21.10 ? 53  ALA A N   1 
ATOM   389  C  CA  . ALA A 1 53  ? 5.371   -11.232 -5.675  1.00 23.87 ? 53  ALA A CA  1 
ATOM   390  C  C   . ALA A 1 53  ? 4.560   -11.282 -6.983  1.00 24.64 ? 53  ALA A C   1 
ATOM   391  O  O   . ALA A 1 53  ? 4.860   -12.085 -7.868  1.00 26.02 ? 53  ALA A O   1 
ATOM   392  C  CB  . ALA A 1 53  ? 6.147   -12.551 -5.477  1.00 20.96 ? 53  ALA A CB  1 
ATOM   393  N  N   . VAL A 1 54  ? 3.536   -10.437 -7.065  1.00 22.40 ? 54  VAL A N   1 
ATOM   394  C  CA  . VAL A 1 54  ? 2.791   -10.238 -8.262  1.00 21.41 ? 54  VAL A CA  1 
ATOM   395  C  C   . VAL A 1 54  ? 3.215   -8.832  -8.695  1.00 22.67 ? 54  VAL A C   1 
ATOM   396  O  O   . VAL A 1 54  ? 2.988   -7.825  -7.986  1.00 21.69 ? 54  VAL A O   1 
ATOM   397  C  CB  . VAL A 1 54  ? 1.262   -10.366 -8.009  1.00 21.38 ? 54  VAL A CB  1 
ATOM   398  C  CG1 . VAL A 1 54  ? 0.435   -9.879  -9.189  1.00 19.36 ? 54  VAL A CG1 1 
ATOM   399  C  CG2 . VAL A 1 54  ? 0.876   -11.789 -7.588  1.00 20.02 ? 54  VAL A CG2 1 
ATOM   400  N  N   . ASP A 1 55  ? 3.840   -8.783  -9.869  1.00 21.34 ? 55  ASP A N   1 
ATOM   401  C  CA  . ASP A 1 55  ? 4.357   -7.552  -10.421 1.00 22.02 ? 55  ASP A CA  1 
ATOM   402  C  C   . ASP A 1 55  ? 3.266   -6.797  -11.177 1.00 21.79 ? 55  ASP A C   1 
ATOM   403  O  O   . ASP A 1 55  ? 3.219   -6.814  -12.436 1.00 19.93 ? 55  ASP A O   1 
ATOM   404  C  CB  . ASP A 1 55  ? 5.504   -7.905  -11.363 1.00 23.41 ? 55  ASP A CB  1 
ATOM   405  C  CG  . ASP A 1 55  ? 6.383   -6.716  -11.708 1.00 24.58 ? 55  ASP A CG  1 
ATOM   406  O  OD1 . ASP A 1 55  ? 6.295   -5.628  -11.081 1.00 25.15 ? 55  ASP A OD1 1 
ATOM   407  O  OD2 . ASP A 1 55  ? 7.183   -6.887  -12.644 1.00 26.65 ? 55  ASP A OD2 1 
ATOM   408  N  N   . LEU A 1 56  ? 2.390   -6.148  -10.403 1.00 20.37 ? 56  LEU A N   1 
ATOM   409  C  CA  . LEU A 1 56  ? 1.241   -5.416  -10.937 1.00 18.78 ? 56  LEU A CA  1 
ATOM   410  C  C   . LEU A 1 56  ? 0.960   -4.146  -10.162 1.00 20.48 ? 56  LEU A C   1 
ATOM   411  O  O   . LEU A 1 56  ? 1.013   -4.093  -8.893  1.00 22.30 ? 56  LEU A O   1 
ATOM   412  C  CB  . LEU A 1 56  ? -0.018  -6.303  -10.911 1.00 18.47 ? 56  LEU A CB  1 
ATOM   413  C  CG  . LEU A 1 56  ? -0.207  -7.386  -12.017 1.00 17.79 ? 56  LEU A CG  1 
ATOM   414  C  CD1 . LEU A 1 56  ? -1.614  -8.003  -11.883 1.00 16.18 ? 56  LEU A CD1 1 
ATOM   415  C  CD2 . LEU A 1 56  ? 0.059   -6.841  -13.425 1.00 14.73 ? 56  LEU A CD2 1 
ATOM   416  N  N   . GLN A 1 57  ? 0.620   -3.115  -10.901 1.00 19.63 ? 57  GLN A N   1 
ATOM   417  C  CA  . GLN A 1 57  ? 0.103   -1.889  -10.256 1.00 19.26 ? 57  GLN A CA  1 
ATOM   418  C  C   . GLN A 1 57  ? -1.232  -2.146  -9.578  1.00 18.37 ? 57  GLN A C   1 
ATOM   419  O  O   . GLN A 1 57  ? -2.275  -1.693  -10.062 1.00 19.98 ? 57  GLN A O   1 
ATOM   420  C  CB  . GLN A 1 57  ? -0.003  -0.725  -11.282 1.00 19.31 ? 57  GLN A CB  1 
ATOM   421  C  CG  . GLN A 1 57  ? 1.357   -0.108  -11.600 1.00 18.18 ? 57  GLN A CG  1 
ATOM   422  C  CD  . GLN A 1 57  ? 1.288   0.935   -12.693 1.00 19.35 ? 57  GLN A CD  1 
ATOM   423  O  OE1 . GLN A 1 57  ? 0.363   1.771   -12.750 1.00 17.49 ? 57  GLN A OE1 1 
ATOM   424  N  NE2 . GLN A 1 57  ? 2.285   0.889   -13.594 1.00 18.61 ? 57  GLN A NE2 1 
ATOM   425  N  N   . LEU A 1 58  ? -1.223  -2.888  -8.472  1.00 17.24 ? 58  LEU A N   1 
ATOM   426  C  CA  . LEU A 1 58  ? -2.470  -3.173  -7.792  1.00 17.21 ? 58  LEU A CA  1 
ATOM   427  C  C   . LEU A 1 58  ? -2.341  -3.117  -6.259  1.00 18.99 ? 58  LEU A C   1 
ATOM   428  O  O   . LEU A 1 58  ? -1.371  -3.652  -5.672  1.00 18.16 ? 58  LEU A O   1 
ATOM   429  C  CB  . LEU A 1 58  ? -2.917  -4.565  -8.214  1.00 15.73 ? 58  LEU A CB  1 
ATOM   430  C  CG  . LEU A 1 58  ? -4.194  -5.205  -7.708  1.00 14.75 ? 58  LEU A CG  1 
ATOM   431  C  CD1 . LEU A 1 58  ? -5.381  -4.389  -8.210  1.00 13.98 ? 58  LEU A CD1 1 
ATOM   432  C  CD2 . LEU A 1 58  ? -4.213  -6.657  -8.174  1.00 13.34 ? 58  LEU A CD2 1 
ATOM   433  N  N   . MET A 1 59  ? -3.340  -2.547  -5.586  1.00 18.69 ? 59  MET A N   1 
ATOM   434  C  CA  . MET A 1 59  ? -3.290  -2.552  -4.094  1.00 18.28 ? 59  MET A CA  1 
ATOM   435  C  C   . MET A 1 59  ? -4.689  -2.783  -3.495  1.00 18.42 ? 59  MET A C   1 
ATOM   436  O  O   . MET A 1 59  ? -5.737  -2.540  -4.144  1.00 18.11 ? 59  MET A O   1 
ATOM   437  C  CB  . MET A 1 59  ? -2.709  -1.250  -3.601  1.00 17.83 ? 59  MET A CB  1 
ATOM   438  C  CG  . MET A 1 59  ? -3.622  -0.084  -3.955  1.00 18.16 ? 59  MET A CG  1 
ATOM   439  S  SD  . MET A 1 59  ? -3.177  1.536   -3.280  1.00 25.25 ? 59  MET A SD  1 
ATOM   440  C  CE  . MET A 1 59  ? -1.759  2.008   -4.269  1.00 23.56 ? 59  MET A CE  1 
ATOM   441  N  N   . VAL A 1 60  ? -4.730  -3.273  -2.266  1.00 18.63 ? 60  VAL A N   1 
ATOM   442  C  CA  . VAL A 1 60  ? -5.996  -3.260  -1.536  1.00 19.69 ? 60  VAL A CA  1 
ATOM   443  C  C   . VAL A 1 60  ? -5.797  -2.528  -0.237  1.00 19.68 ? 60  VAL A C   1 
ATOM   444  O  O   . VAL A 1 60  ? -4.666  -2.444  0.274   1.00 19.11 ? 60  VAL A O   1 
ATOM   445  C  CB  . VAL A 1 60  ? -6.518  -4.679  -1.257  1.00 20.85 ? 60  VAL A CB  1 
ATOM   446  C  CG1 . VAL A 1 60  ? -7.087  -5.319  -2.549  1.00 19.72 ? 60  VAL A CG1 1 
ATOM   447  C  CG2 . VAL A 1 60  ? -5.421  -5.529  -0.630  1.00 19.58 ? 60  VAL A CG2 1 
ATOM   448  N  N   . PHE A 1 61  ? -6.882  -1.999  0.306   1.00 19.64 ? 61  PHE A N   1 
ATOM   449  C  CA  . PHE A 1 61  ? -6.787  -1.365  1.621   1.00 20.47 ? 61  PHE A CA  1 
ATOM   450  C  C   . PHE A 1 61  ? -8.146  -1.192  2.251   1.00 21.74 ? 61  PHE A C   1 
ATOM   451  O  O   . PHE A 1 61  ? -9.169  -1.418  1.555   1.00 23.13 ? 61  PHE A O   1 
ATOM   452  C  CB  . PHE A 1 61  ? -6.030  -0.008  1.508   1.00 20.53 ? 61  PHE A CB  1 
ATOM   453  C  CG  . PHE A 1 61  ? -6.624  0.968   0.501   1.00 19.73 ? 61  PHE A CG  1 
ATOM   454  C  CD1 . PHE A 1 61  ? -6.146  1.014   -0.830  1.00 19.40 ? 61  PHE A CD1 1 
ATOM   455  C  CD2 . PHE A 1 61  ? -7.610  1.857   0.878   1.00 17.61 ? 61  PHE A CD2 1 
ATOM   456  C  CE1 . PHE A 1 61  ? -6.665  1.925   -1.745  1.00 18.35 ? 61  PHE A CE1 1 
ATOM   457  C  CE2 . PHE A 1 61  ? -8.131  2.746   -0.036  1.00 17.91 ? 61  PHE A CE2 1 
ATOM   458  C  CZ  . PHE A 1 61  ? -7.657  2.797   -1.338  1.00 17.95 ? 61  PHE A CZ  1 
ATOM   459  N  N   . GLY A 1 62  ? -8.169  -0.786  3.532   1.00 21.77 ? 62  GLY A N   1 
ATOM   460  C  CA  . GLY A 1 62  ? -9.417  -0.557  4.304   1.00 26.73 ? 62  GLY A CA  1 
ATOM   461  C  C   . GLY A 1 62  ? -9.306  -1.020  5.747   1.00 31.03 ? 62  GLY A C   1 
ATOM   462  O  O   . GLY A 1 62  ? -8.687  -2.037  5.989   1.00 35.71 ? 62  GLY A O   1 
ATOM   463  N  N   . PHE A 1 63  ? -9.921  -0.292  6.692   1.00 37.95 ? 63  PHE A N   1 
ATOM   464  C  CA  . PHE A 1 63  ? -9.586  -0.303  8.163   1.00 40.21 ? 63  PHE A CA  1 
ATOM   465  C  C   . PHE A 1 63  ? -10.839 -0.015  8.960   1.00 41.15 ? 63  PHE A C   1 
ATOM   466  O  O   . PHE A 1 63  ? -11.763 0.590   8.420   1.00 39.68 ? 63  PHE A O   1 
ATOM   467  C  CB  . PHE A 1 63  ? -8.589  0.823   8.506   1.00 38.91 ? 63  PHE A CB  1 
ATOM   468  N  N   . PRO A 1 73  ? -10.392 6.193   12.726  1.00 43.69 ? 73  PRO A N   1 
ATOM   469  C  CA  . PRO A 1 73  ? -10.697 6.823   11.422  1.00 46.56 ? 73  PRO A CA  1 
ATOM   470  C  C   . PRO A 1 73  ? -10.887 5.742   10.313  1.00 52.09 ? 73  PRO A C   1 
ATOM   471  O  O   . PRO A 1 73  ? -9.875  5.167   9.850   1.00 53.14 ? 73  PRO A O   1 
ATOM   472  C  CB  . PRO A 1 73  ? -9.413  7.651   11.136  1.00 45.03 ? 73  PRO A CB  1 
ATOM   473  C  CG  . PRO A 1 73  ? -8.320  7.008   11.976  1.00 45.04 ? 73  PRO A CG  1 
ATOM   474  C  CD  . PRO A 1 73  ? -8.947  5.924   12.870  1.00 43.51 ? 73  PRO A CD  1 
ATOM   475  N  N   . ALA A 1 74  ? -12.134 5.454   9.906   1.00 44.86 ? 74  ALA A N   1 
ATOM   476  C  CA  . ALA A 1 74  ? -12.397 4.330   8.994   1.00 47.61 ? 74  ALA A CA  1 
ATOM   477  C  C   . ALA A 1 74  ? -11.969 4.739   7.600   1.00 45.82 ? 74  ALA A C   1 
ATOM   478  O  O   . ALA A 1 74  ? -12.154 5.876   7.245   1.00 46.51 ? 74  ALA A O   1 
ATOM   479  C  CB  . ALA A 1 74  ? -13.865 3.912   8.993   1.00 42.59 ? 74  ALA A CB  1 
ATOM   480  N  N   . VAL A 1 75  ? -11.375 3.804   6.851   1.00 41.85 ? 75  VAL A N   1 
ATOM   481  C  CA  . VAL A 1 75  ? -10.968 3.941   5.433   1.00 37.21 ? 75  VAL A CA  1 
ATOM   482  C  C   . VAL A 1 75  ? -11.864 2.955   4.663   1.00 35.58 ? 75  VAL A C   1 
ATOM   483  O  O   . VAL A 1 75  ? -12.027 1.817   5.086   1.00 33.30 ? 75  VAL A O   1 
ATOM   484  C  CB  . VAL A 1 75  ? -9.488  3.492   5.272   1.00 39.21 ? 75  VAL A CB  1 
ATOM   485  C  CG1 . VAL A 1 75  ? -9.016  3.543   3.818   1.00 39.31 ? 75  VAL A CG1 1 
ATOM   486  C  CG2 . VAL A 1 75  ? -8.558  4.259   6.225   1.00 39.47 ? 75  VAL A CG2 1 
ATOM   487  N  N   . PRO A 1 76  ? -12.456 3.345   3.530   1.00 37.12 ? 76  PRO A N   1 
ATOM   488  C  CA  . PRO A 1 76  ? -13.334 2.275   2.973   1.00 35.13 ? 76  PRO A CA  1 
ATOM   489  C  C   . PRO A 1 76  ? -12.539 1.110   2.339   1.00 31.04 ? 76  PRO A C   1 
ATOM   490  O  O   . PRO A 1 76  ? -11.404 1.352   1.849   1.00 27.39 ? 76  PRO A O   1 
ATOM   491  C  CB  . PRO A 1 76  ? -14.158 3.006   1.897   1.00 36.18 ? 76  PRO A CB  1 
ATOM   492  C  CG  . PRO A 1 76  ? -13.561 4.378   1.750   1.00 34.76 ? 76  PRO A CG  1 
ATOM   493  C  CD  . PRO A 1 76  ? -12.308 4.478   2.598   1.00 39.20 ? 76  PRO A CD  1 
ATOM   494  N  N   . LEU A 1 77  ? -13.129 -0.106  2.339   1.00 26.31 ? 77  LEU A N   1 
ATOM   495  C  CA  . LEU A 1 77  ? -12.485 -1.303  1.756   1.00 23.20 ? 77  LEU A CA  1 
ATOM   496  C  C   . LEU A 1 77  ? -12.406 -1.096  0.252   1.00 22.52 ? 77  LEU A C   1 
ATOM   497  O  O   . LEU A 1 77  ? -13.423 -0.911  -0.378  1.00 21.09 ? 77  LEU A O   1 
ATOM   498  C  CB  . LEU A 1 77  ? -13.259 -2.575  2.087   1.00 22.35 ? 77  LEU A CB  1 
ATOM   499  C  CG  . LEU A 1 77  ? -12.933 -3.192  3.468   1.00 27.13 ? 77  LEU A CG  1 
ATOM   500  C  CD1 . LEU A 1 77  ? -13.958 -4.247  3.900   1.00 28.22 ? 77  LEU A CD1 1 
ATOM   501  C  CD2 . LEU A 1 77  ? -11.513 -3.748  3.575   1.00 23.43 ? 77  LEU A CD2 1 
ATOM   502  N  N   . THR A 1 78  ? -11.203 -1.057  -0.318  1.00 22.05 ? 78  THR A N   1 
ATOM   503  C  CA  . THR A 1 78  ? -11.032 -0.627  -1.708  1.00 20.34 ? 78  THR A CA  1 
ATOM   504  C  C   . THR A 1 78  ? -9.991  -1.528  -2.378  1.00 21.60 ? 78  THR A C   1 
ATOM   505  O  O   . THR A 1 78  ? -8.929  -1.883  -1.751  1.00 22.32 ? 78  THR A O   1 
ATOM   506  C  CB  . THR A 1 78  ? -10.431 0.786   -1.768  1.00 21.24 ? 78  THR A CB  1 
ATOM   507  O  OG1 . THR A 1 78  ? -11.154 1.661   -0.904  1.00 21.78 ? 78  THR A OG1 1 
ATOM   508  C  CG2 . THR A 1 78  ? -10.374 1.347   -3.203  1.00 22.08 ? 78  THR A CG2 1 
ATOM   509  N  N   . ALA A 1 79  ? -10.248 -1.836  -3.658  1.00 18.21 ? 79  ALA A N   1 
ATOM   510  C  CA  . ALA A 1 79  ? -9.233  -2.420  -4.513  1.00 16.96 ? 79  ALA A CA  1 
ATOM   511  C  C   . ALA A 1 79  ? -8.947  -1.467  -5.669  1.00 18.01 ? 79  ALA A C   1 
ATOM   512  O  O   . ALA A 1 79  ? -9.872  -1.039  -6.381  1.00 19.94 ? 79  ALA A O   1 
ATOM   513  C  CB  . ALA A 1 79  ? -9.658  -3.794  -5.005  1.00 15.61 ? 79  ALA A CB  1 
ATOM   514  N  N   . LEU A 1 80  ? -7.675  -1.128  -5.858  1.00 17.23 ? 80  LEU A N   1 
ATOM   515  C  CA  . LEU A 1 80  ? -7.344  -0.055  -6.749  1.00 17.66 ? 80  LEU A CA  1 
ATOM   516  C  C   . LEU A 1 80  ? -6.211  -0.469  -7.687  1.00 19.19 ? 80  LEU A C   1 
ATOM   517  O  O   . LEU A 1 80  ? -5.106  -0.845  -7.215  1.00 19.36 ? 80  LEU A O   1 
ATOM   518  C  CB  . LEU A 1 80  ? -6.959  1.208   -5.980  1.00 18.39 ? 80  LEU A CB  1 
ATOM   519  C  CG  . LEU A 1 80  ? -6.554  2.442   -6.797  1.00 19.41 ? 80  LEU A CG  1 
ATOM   520  C  CD1 . LEU A 1 80  ? -7.713  2.992   -7.614  1.00 20.92 ? 80  LEU A CD1 1 
ATOM   521  C  CD2 . LEU A 1 80  ? -6.108  3.547   -5.875  1.00 22.07 ? 80  LEU A CD2 1 
ATOM   522  N  N   . ALA A 1 81  ? -6.493  -0.356  -9.002  1.00 18.67 ? 81  ALA A N   1 
ATOM   523  C  CA  . ALA A 1 81  ? -5.583  -0.753  -10.076 1.00 19.02 ? 81  ALA A CA  1 
ATOM   524  C  C   . ALA A 1 81  ? -5.116  0.531   -10.774 1.00 19.57 ? 81  ALA A C   1 
ATOM   525  O  O   . ALA A 1 81  ? -5.890  1.501   -10.903 1.00 18.25 ? 81  ALA A O   1 
ATOM   526  C  CB  . ALA A 1 81  ? -6.285  -1.682  -11.069 1.00 18.06 ? 81  ALA A CB  1 
ATOM   527  N  N   . ASN A 1 82  ? -3.845  0.509   -11.190 1.00 18.74 ? 82  ASN A N   1 
ATOM   528  C  CA  . ASN A 1 82  ? -3.224  1.573   -11.935 1.00 19.24 ? 82  ASN A CA  1 
ATOM   529  C  C   . ASN A 1 82  ? -3.307  2.911   -11.180 1.00 19.56 ? 82  ASN A C   1 
ATOM   530  O  O   . ASN A 1 82  ? -3.577  3.960   -11.771 1.00 18.78 ? 82  ASN A O   1 
ATOM   531  C  CB  . ASN A 1 82  ? -3.765  1.626   -13.382 1.00 17.86 ? 82  ASN A CB  1 
ATOM   532  C  CG  . ASN A 1 82  ? -3.622  0.264   -14.100 1.00 19.79 ? 82  ASN A CG  1 
ATOM   533  O  OD1 . ASN A 1 82  ? -2.778  -0.581  -13.721 1.00 18.87 ? 82  ASN A OD1 1 
ATOM   534  N  ND2 . ASN A 1 82  ? -4.484  0.017   -15.115 1.00 19.15 ? 82  ASN A ND2 1 
ATOM   535  N  N   . ALA A 1 83  ? -3.049  2.859   -9.873  1.00 20.66 ? 83  ALA A N   1 
ATOM   536  C  CA  . ALA A 1 83  ? -3.148  4.070   -9.019  1.00 23.41 ? 83  ALA A CA  1 
ATOM   537  C  C   . ALA A 1 83  ? -2.230  5.191   -9.486  1.00 24.38 ? 83  ALA A C   1 
ATOM   538  O  O   . ALA A 1 83  ? -1.055  5.005   -9.839  1.00 23.40 ? 83  ALA A O   1 
ATOM   539  C  CB  . ALA A 1 83  ? -2.866  3.755   -7.537  1.00 21.96 ? 83  ALA A CB  1 
ATOM   540  N  N   . GLN A 1 84  ? -2.751  6.386   -9.481  1.00 28.23 ? 84  GLN A N   1 
ATOM   541  C  CA  . GLN A 1 84  ? -1.822  7.525   -9.562  1.00 32.93 ? 84  GLN A CA  1 
ATOM   542  C  C   . GLN A 1 84  ? -2.231  8.521   -8.482  1.00 28.60 ? 84  GLN A C   1 
ATOM   543  O  O   . GLN A 1 84  ? -3.393  8.536   -8.056  1.00 25.54 ? 84  GLN A O   1 
ATOM   544  C  CB  . GLN A 1 84  ? -1.712  8.092   -10.985 1.00 34.64 ? 84  GLN A CB  1 
ATOM   545  C  CG  . GLN A 1 84  ? -3.054  8.316   -11.608 1.00 42.69 ? 84  GLN A CG  1 
ATOM   546  C  CD  . GLN A 1 84  ? -2.954  8.948   -12.983 1.00 57.76 ? 84  GLN A CD  1 
ATOM   547  O  OE1 . GLN A 1 84  ? -2.411  8.357   -13.921 1.00 54.24 ? 84  GLN A OE1 1 
ATOM   548  N  NE2 . GLN A 1 84  ? -3.507  10.155  -13.116 1.00 58.41 ? 84  GLN A NE2 1 
ATOM   549  N  N   . ILE A 1 85  ? -1.251  9.267   -7.986  1.00 29.47 ? 85  ILE A N   1 
ATOM   550  C  CA  . ILE A 1 85  ? -1.400  10.110  -6.786  1.00 28.45 ? 85  ILE A CA  1 
ATOM   551  C  C   . ILE A 1 85  ? -0.819  11.528  -7.009  1.00 28.07 ? 85  ILE A C   1 
ATOM   552  O  O   . ILE A 1 85  ? 0.284   11.663  -7.577  1.00 26.38 ? 85  ILE A O   1 
ATOM   553  C  CB  . ILE A 1 85  ? -0.630  9.438   -5.642  1.00 30.15 ? 85  ILE A CB  1 
ATOM   554  C  CG1 . ILE A 1 85  ? -1.448  8.293   -5.100  1.00 31.39 ? 85  ILE A CG1 1 
ATOM   555  C  CG2 . ILE A 1 85  ? -0.344  10.405  -4.515  1.00 29.48 ? 85  ILE A CG2 1 
ATOM   556  C  CD1 . ILE A 1 85  ? -0.590  7.443   -4.210  1.00 36.55 ? 85  ILE A CD1 1 
ATOM   557  N  N   . GLU A 1 86  ? -1.576  12.546  -6.572  1.00 28.02 ? 86  GLU A N   1 
ATOM   558  C  CA  . GLU A 1 86  ? -1.271  13.989  -6.689  1.00 29.40 ? 86  GLU A CA  1 
ATOM   559  C  C   . GLU A 1 86  ? -1.369  14.463  -5.223  1.00 27.84 ? 86  GLU A C   1 
ATOM   560  O  O   . GLU A 1 86  ? -2.355  14.186  -4.526  1.00 25.29 ? 86  GLU A O   1 
ATOM   561  C  CB  . GLU A 1 86  ? -2.288  14.836  -7.593  1.00 35.76 ? 86  GLU A CB  1 
ATOM   562  C  CG  . GLU A 1 86  ? -3.096  14.198  -8.797  1.00 49.82 ? 86  GLU A CG  1 
ATOM   563  C  CD  . GLU A 1 86  ? -4.079  15.167  -9.563  1.00 56.28 ? 86  GLU A CD  1 
ATOM   564  O  OE1 . GLU A 1 86  ? -4.767  14.812  -10.594 1.00 44.82 ? 86  GLU A OE1 1 
ATOM   565  O  OE2 . GLU A 1 86  ? -4.148  16.339  -9.144  1.00 62.26 ? 86  GLU A OE2 1 
ATOM   566  N  N   . PRO A 1 87  ? -0.333  15.151  -4.724  1.00 28.83 ? 87  PRO A N   1 
ATOM   567  C  CA  . PRO A 1 87  ? -0.511  15.888  -3.449  1.00 28.43 ? 87  PRO A CA  1 
ATOM   568  C  C   . PRO A 1 87  ? -1.461  17.078  -3.645  1.00 26.17 ? 87  PRO A C   1 
ATOM   569  O  O   . PRO A 1 87  ? -1.428  17.719  -4.676  1.00 22.91 ? 87  PRO A O   1 
ATOM   570  C  CB  . PRO A 1 87  ? 0.899   16.424  -3.135  1.00 29.05 ? 87  PRO A CB  1 
ATOM   571  C  CG  . PRO A 1 87  ? 1.824   15.709  -4.081  1.00 29.20 ? 87  PRO A CG  1 
ATOM   572  C  CD  . PRO A 1 87  ? 1.024   15.302  -5.277  1.00 28.44 ? 87  PRO A CD  1 
ATOM   573  N  N   . LEU A 1 88  ? -2.317  17.356  -2.667  1.00 27.11 ? 88  LEU A N   1 
ATOM   574  C  CA  . LEU A 1 88  ? -3.227  18.497  -2.778  1.00 26.99 ? 88  LEU A CA  1 
ATOM   575  C  C   . LEU A 1 88  ? -2.692  19.724  -2.046  1.00 26.35 ? 88  LEU A C   1 
ATOM   576  O  O   . LEU A 1 88  ? -3.321  20.778  -2.023  1.00 28.00 ? 88  LEU A O   1 
ATOM   577  C  CB  . LEU A 1 88  ? -4.635  18.119  -2.278  1.00 26.99 ? 88  LEU A CB  1 
ATOM   578  C  CG  . LEU A 1 88  ? -5.277  17.045  -3.163  1.00 24.55 ? 88  LEU A CG  1 
ATOM   579  C  CD1 . LEU A 1 88  ? -6.710  16.915  -2.697  1.00 24.14 ? 88  LEU A CD1 1 
ATOM   580  C  CD2 . LEU A 1 88  ? -5.139  17.328  -4.672  1.00 21.85 ? 88  LEU A CD2 1 
ATOM   581  N  N   . SER A 1 89  ? -1.509  19.586  -1.475  1.00 26.67 ? 89  SER A N   1 
ATOM   582  C  CA  . SER A 1 89  ? -0.896  20.680  -0.743  1.00 30.38 ? 89  SER A CA  1 
ATOM   583  C  C   . SER A 1 89  ? 0.541   20.282  -0.396  1.00 32.16 ? 89  SER A C   1 
ATOM   584  O  O   . SER A 1 89  ? 0.948   19.145  -0.656  1.00 36.60 ? 89  SER A O   1 
ATOM   585  C  CB  . SER A 1 89  ? -1.777  21.022  0.471   1.00 26.29 ? 89  SER A CB  1 
ATOM   586  O  OG  . SER A 1 89  ? -1.048  21.000  1.652   1.00 25.45 ? 89  SER A OG  1 
ATOM   587  N  N   . ASP A 1 90  ? 1.313   21.204  0.170   1.00 34.30 ? 90  ASP A N   1 
ATOM   588  C  CA  . ASP A 1 90  ? 2.673   20.889  0.627   1.00 31.06 ? 90  ASP A CA  1 
ATOM   589  C  C   . ASP A 1 90  ? 2.678   20.283  2.022   1.00 27.30 ? 90  ASP A C   1 
ATOM   590  O  O   . ASP A 1 90  ? 3.672   19.700  2.376   1.00 26.17 ? 90  ASP A O   1 
ATOM   591  C  CB  . ASP A 1 90  ? 3.627   22.126  0.546   1.00 40.16 ? 90  ASP A CB  1 
ATOM   592  C  CG  . ASP A 1 90  ? 4.426   22.185  -0.792  1.00 54.44 ? 90  ASP A CG  1 
ATOM   593  O  OD1 . ASP A 1 90  ? 4.705   21.103  -1.395  1.00 61.76 ? 90  ASP A OD1 1 
ATOM   594  O  OD2 . ASP A 1 90  ? 4.769   23.307  -1.262  1.00 59.40 ? 90  ASP A OD2 1 
ATOM   595  N  N   . GLU A 1 91  ? 1.597   20.411  2.807   1.00 25.29 ? 91  GLU A N   1 
ATOM   596  C  CA  . GLU A 1 91  ? 1.549   19.938  4.215   1.00 27.74 ? 91  GLU A CA  1 
ATOM   597  C  C   . GLU A 1 91  ? 1.875   18.427  4.422   1.00 29.40 ? 91  GLU A C   1 
ATOM   598  O  O   . GLU A 1 91  ? 1.235   17.546  3.840   1.00 27.59 ? 91  GLU A O   1 
ATOM   599  C  CB  . GLU A 1 91  ? 0.206   20.302  4.883   1.00 27.90 ? 91  GLU A CB  1 
ATOM   600  C  CG  . GLU A 1 91  ? 0.193   20.361  6.429   1.00 26.69 ? 91  GLU A CG  1 
ATOM   601  C  CD  . GLU A 1 91  ? -1.167  20.800  6.953   1.00 29.08 ? 91  GLU A CD  1 
ATOM   602  O  OE1 . GLU A 1 91  ? -1.378  20.981  8.207   1.00 30.87 ? 91  GLU A OE1 1 
ATOM   603  O  OE2 . GLU A 1 91  ? -2.055  20.982  6.081   1.00 28.73 ? 91  GLU A OE2 1 
ATOM   604  N  N   . MET A 1 92  ? 2.922   18.169  5.222   1.00 33.29 ? 92  MET A N   1 
ATOM   605  C  CA  . MET A 1 92  ? 3.334   16.828  5.662   1.00 31.27 ? 92  MET A CA  1 
ATOM   606  C  C   . MET A 1 92  ? 2.843   16.598  7.092   1.00 30.12 ? 92  MET A C   1 
ATOM   607  O  O   . MET A 1 92  ? 2.594   17.555  7.815   1.00 32.01 ? 92  MET A O   1 
ATOM   608  C  CB  . MET A 1 92  ? 4.839   16.691  5.680   1.00 31.64 ? 92  MET A CB  1 
ATOM   609  C  CG  . MET A 1 92  ? 5.551   17.161  4.444   1.00 33.46 ? 92  MET A CG  1 
ATOM   610  S  SD  . MET A 1 92  ? 5.162   16.157  3.003   1.00 38.98 ? 92  MET A SD  1 
ATOM   611  C  CE  . MET A 1 92  ? 6.174   14.686  3.144   1.00 31.08 ? 92  MET A CE  1 
ATOM   612  N  N   . GLU A 1 93  ? 2.720   15.330  7.461   1.00 27.46 ? 93  GLU A N   1 
ATOM   613  C  CA  . GLU A 1 93  ? 2.289   14.891  8.748   1.00 28.02 ? 93  GLU A CA  1 
ATOM   614  C  C   . GLU A 1 93  ? 3.097   13.628  9.070   1.00 29.78 ? 93  GLU A C   1 
ATOM   615  O  O   . GLU A 1 93  ? 3.318   12.758  8.194   1.00 28.13 ? 93  GLU A O   1 
ATOM   616  C  CB  . GLU A 1 93  ? 0.824   14.540  8.679   1.00 30.96 ? 93  GLU A CB  1 
ATOM   617  C  CG  . GLU A 1 93  ? 0.063   14.660  9.976   1.00 34.83 ? 93  GLU A CG  1 
ATOM   618  C  CD  . GLU A 1 93  ? -1.383  15.019  9.703   1.00 43.45 ? 93  GLU A CD  1 
ATOM   619  O  OE1 . GLU A 1 93  ? -2.186  14.087  9.418   1.00 46.05 ? 93  GLU A OE1 1 
ATOM   620  O  OE2 . GLU A 1 93  ? -1.715  16.242  9.754   1.00 46.14 ? 93  GLU A OE2 1 
ATOM   621  N  N   . ASN A 1 94  ? 3.585   13.544  10.307  1.00 26.90 ? 94  ASN A N   1 
ATOM   622  C  CA  . ASN A 1 94  ? 4.197   12.317  10.794  1.00 24.10 ? 94  ASN A CA  1 
ATOM   623  C  C   . ASN A 1 94  ? 3.188   11.335  11.375  1.00 23.27 ? 94  ASN A C   1 
ATOM   624  O  O   . ASN A 1 94  ? 2.188   11.733  11.998  1.00 22.91 ? 94  ASN A O   1 
ATOM   625  C  CB  . ASN A 1 94  ? 5.177   12.660  11.874  1.00 23.94 ? 94  ASN A CB  1 
ATOM   626  C  CG  . ASN A 1 94  ? 6.341   13.453  11.357  1.00 24.98 ? 94  ASN A CG  1 
ATOM   627  O  OD1 . ASN A 1 94  ? 6.938   13.169  10.284  1.00 25.66 ? 94  ASN A OD1 1 
ATOM   628  N  ND2 . ASN A 1 94  ? 6.690   14.466  12.122  1.00 22.61 ? 94  ASN A ND2 1 
ATOM   629  N  N   . GLY A 1 95  ? 3.454   10.052  11.171  1.00 20.77 ? 95  GLY A N   1 
ATOM   630  C  CA  . GLY A 1 95  ? 2.686   9.027   11.819  1.00 20.75 ? 95  GLY A CA  1 
ATOM   631  C  C   . GLY A 1 95  ? 3.499   7.749   11.828  1.00 23.40 ? 95  GLY A C   1 
ATOM   632  O  O   . GLY A 1 95  ? 4.488   7.609   11.088  1.00 22.06 ? 95  GLY A O   1 
ATOM   633  N  N   . TRP A 1 96  ? 3.080   6.822   12.682  1.00 22.86 ? 96  TRP A N   1 
ATOM   634  C  CA  . TRP A 1 96  ? 3.693   5.516   12.745  1.00 23.21 ? 96  TRP A CA  1 
ATOM   635  C  C   . TRP A 1 96  ? 3.270   4.639   11.573  1.00 24.97 ? 96  TRP A C   1 
ATOM   636  O  O   . TRP A 1 96  ? 2.081   4.630   11.141  1.00 25.30 ? 96  TRP A O   1 
ATOM   637  C  CB  . TRP A 1 96  ? 3.301   4.830   14.048  1.00 22.64 ? 96  TRP A CB  1 
ATOM   638  C  CG  . TRP A 1 96  ? 3.945   5.459   15.221  1.00 25.62 ? 96  TRP A CG  1 
ATOM   639  C  CD1 . TRP A 1 96  ? 3.364   6.320   16.132  1.00 23.78 ? 96  TRP A CD1 1 
ATOM   640  C  CD2 . TRP A 1 96  ? 5.320   5.299   15.634  1.00 24.72 ? 96  TRP A CD2 1 
ATOM   641  N  NE1 . TRP A 1 96  ? 4.285   6.684   17.073  1.00 23.85 ? 96  TRP A NE1 1 
ATOM   642  C  CE2 . TRP A 1 96  ? 5.490   6.074   16.802  1.00 24.27 ? 96  TRP A CE2 1 
ATOM   643  C  CE3 . TRP A 1 96  ? 6.410   4.554   15.138  1.00 24.40 ? 96  TRP A CE3 1 
ATOM   644  C  CZ2 . TRP A 1 96  ? 6.714   6.149   17.476  1.00 23.64 ? 96  TRP A CZ2 1 
ATOM   645  C  CZ3 . TRP A 1 96  ? 7.626   4.630   15.801  1.00 24.37 ? 96  TRP A CZ3 1 
ATOM   646  C  CH2 . TRP A 1 96  ? 7.775   5.436   16.948  1.00 24.67 ? 96  TRP A CH2 1 
ATOM   647  N  N   . GLU A 1 97  ? 4.237   3.858   11.098  1.00 26.12 ? 97  GLU A N   1 
ATOM   648  C  CA  . GLU A 1 97  ? 4.001   2.844   10.067  1.00 25.46 ? 97  GLU A CA  1 
ATOM   649  C  C   . GLU A 1 97  ? 4.782   1.574   10.364  1.00 25.30 ? 97  GLU A C   1 
ATOM   650  O  O   . GLU A 1 97  ? 5.871   1.625   10.970  1.00 26.98 ? 97  GLU A O   1 
ATOM   651  C  CB  . GLU A 1 97  ? 4.396   3.401   8.716   1.00 24.78 ? 97  GLU A CB  1 
ATOM   652  C  CG  . GLU A 1 97  ? 3.525   4.574   8.264   1.00 24.68 ? 97  GLU A CG  1 
ATOM   653  C  CD  . GLU A 1 97  ? 3.809   4.969   6.833   1.00 25.85 ? 97  GLU A CD  1 
ATOM   654  O  OE1 . GLU A 1 97  ? 4.306   4.106   6.037   1.00 25.03 ? 97  GLU A OE1 1 
ATOM   655  O  OE2 . GLU A 1 97  ? 3.566   6.155   6.518   1.00 26.91 ? 97  GLU A OE2 1 
ATOM   656  N  N   . GLY A 1 98  ? 4.218   0.437   9.971   1.00 23.79 ? 98  GLY A N   1 
ATOM   657  C  CA  . GLY A 1 98  ? 4.981   -0.809  9.889   1.00 24.82 ? 98  GLY A CA  1 
ATOM   658  C  C   . GLY A 1 98  ? 4.627   -1.485  8.580   1.00 27.12 ? 98  GLY A C   1 
ATOM   659  O  O   . GLY A 1 98  ? 3.582   -1.206  7.988   1.00 29.18 ? 98  GLY A O   1 
ATOM   660  N  N   . CYS A 1 99  ? 5.461   -2.390  8.124   1.00 25.85 ? 99  CYS A N   1 
ATOM   661  C  CA  . CYS A 1 99  ? 5.237   -2.971  6.823   1.00 28.13 ? 99  CYS A CA  1 
ATOM   662  C  C   . CYS A 1 99  ? 5.245   -4.449  7.095   1.00 28.86 ? 99  CYS A C   1 
ATOM   663  O  O   . CYS A 1 99  ? 6.137   -4.913  7.782   1.00 29.97 ? 99  CYS A O   1 
ATOM   664  C  CB  . CYS A 1 99  ? 6.368   -2.533  5.837   1.00 29.73 ? 99  CYS A CB  1 
ATOM   665  S  SG  . CYS A 1 99  ? 6.446   -3.169  4.137   1.00 27.02 ? 99  CYS A SG  1 
ATOM   666  N  N   . LEU A 1 100 ? 4.246   -5.166  6.571   1.00 27.37 ? 100 LEU A N   1 
ATOM   667  C  CA  . LEU A 1 100 ? 4.173   -6.627  6.631   1.00 29.33 ? 100 LEU A CA  1 
ATOM   668  C  C   . LEU A 1 100 ? 5.356   -7.310  5.905   1.00 31.45 ? 100 LEU A C   1 
ATOM   669  O  O   . LEU A 1 100 ? 5.661   -8.496  6.152   1.00 30.66 ? 100 LEU A O   1 
ATOM   670  C  CB  . LEU A 1 100 ? 2.885   -7.142  5.978   1.00 27.63 ? 100 LEU A CB  1 
ATOM   671  C  CG  . LEU A 1 100 ? 1.615   -6.574  6.553   1.00 26.65 ? 100 LEU A CG  1 
ATOM   672  C  CD1 . LEU A 1 100 ? 0.463   -6.837  5.599   1.00 23.24 ? 100 LEU A CD1 1 
ATOM   673  C  CD2 . LEU A 1 100 ? 1.436   -7.202  7.922   1.00 24.57 ? 100 LEU A CD2 1 
ATOM   674  N  N   . SER A 1 101 ? 6.006   -6.583  4.996   1.00 29.12 ? 101 SER A N   1 
ATOM   675  C  CA  . SER A 1 101 ? 7.271   -7.075  4.475   1.00 28.24 ? 101 SER A CA  1 
ATOM   676  C  C   . SER A 1 101 ? 8.465   -6.843  5.489   1.00 27.49 ? 101 SER A C   1 
ATOM   677  O  O   . SER A 1 101 ? 9.559   -7.338  5.296   1.00 28.29 ? 101 SER A O   1 
ATOM   678  C  CB  . SER A 1 101 ? 7.491   -6.529  3.038   1.00 26.98 ? 101 SER A CB  1 
ATOM   679  O  OG  . SER A 1 101 ? 6.480   -7.022  2.165   1.00 22.72 ? 101 SER A OG  1 
ATOM   680  N  N   . ILE A 1 102 ? 8.222   -6.121  6.578   1.00 28.30 ? 102 ILE A N   1 
ATOM   681  C  CA  . ILE A 1 102 ? 9.237   -5.833  7.583   1.00 28.13 ? 102 ILE A CA  1 
ATOM   682  C  C   . ILE A 1 102 ? 8.604   -6.113  8.941   1.00 28.77 ? 102 ILE A C   1 
ATOM   683  O  O   . ILE A 1 102 ? 8.389   -5.153  9.674   1.00 26.54 ? 102 ILE A O   1 
ATOM   684  C  CB  . ILE A 1 102 ? 9.671   -4.340  7.560   1.00 29.17 ? 102 ILE A CB  1 
ATOM   685  C  CG1 . ILE A 1 102 ? 10.062  -3.850  6.141   1.00 32.14 ? 102 ILE A CG1 1 
ATOM   686  C  CG2 . ILE A 1 102 ? 10.892  -4.097  8.449   1.00 28.54 ? 102 ILE A CG2 1 
ATOM   687  C  CD1 . ILE A 1 102 ? 10.267  -2.341  6.035   1.00 31.01 ? 102 ILE A CD1 1 
ATOM   688  N  N   . PRO A 1 103 ? 8.297   -7.418  9.275   1.00 29.67 ? 103 PRO A N   1 
ATOM   689  C  CA  . PRO A 1 103 ? 7.471   -7.693  10.498  1.00 29.92 ? 103 PRO A CA  1 
ATOM   690  C  C   . PRO A 1 103 ? 8.268   -7.361  11.769  1.00 29.94 ? 103 PRO A C   1 
ATOM   691  O  O   . PRO A 1 103 ? 9.481   -7.578  11.786  1.00 28.00 ? 103 PRO A O   1 
ATOM   692  C  CB  . PRO A 1 103 ? 7.142   -9.203  10.414  1.00 26.05 ? 103 PRO A CB  1 
ATOM   693  C  CG  . PRO A 1 103 ? 8.207   -9.759  9.505   1.00 25.90 ? 103 PRO A CG  1 
ATOM   694  C  CD  . PRO A 1 103 ? 8.655   -8.670  8.562   1.00 26.12 ? 103 PRO A CD  1 
ATOM   695  N  N   . GLY A 1 104 ? 7.587   -6.802  12.780  1.00 27.50 ? 104 GLY A N   1 
ATOM   696  C  CA  . GLY A 1 104 ? 8.221   -6.388  13.994  1.00 25.73 ? 104 GLY A CA  1 
ATOM   697  C  C   . GLY A 1 104 ? 8.655   -4.930  14.009  1.00 26.94 ? 104 GLY A C   1 
ATOM   698  O  O   . GLY A 1 104 ? 8.757   -4.348  15.079  1.00 27.07 ? 104 GLY A O   1 
ATOM   699  N  N   . LEU A 1 105 ? 8.918   -4.302  12.861  1.00 25.04 ? 105 LEU A N   1 
ATOM   700  C  CA  . LEU A 1 105 ? 9.448   -2.938  12.962  1.00 27.02 ? 105 LEU A CA  1 
ATOM   701  C  C   . LEU A 1 105 ? 8.408   -1.823  12.784  1.00 26.08 ? 105 LEU A C   1 
ATOM   702  O  O   . LEU A 1 105 ? 7.401   -2.024  12.123  1.00 24.80 ? 105 LEU A O   1 
ATOM   703  C  CB  . LEU A 1 105 ? 10.701  -2.762  12.045  1.00 27.10 ? 105 LEU A CB  1 
ATOM   704  C  CG  . LEU A 1 105 ? 11.877  -3.613  12.577  1.00 28.83 ? 105 LEU A CG  1 
ATOM   705  C  CD1 . LEU A 1 105 ? 12.846  -3.861  11.471  1.00 28.26 ? 105 LEU A CD1 1 
ATOM   706  C  CD2 . LEU A 1 105 ? 12.603  -3.011  13.793  1.00 27.51 ? 105 LEU A CD2 1 
ATOM   707  N  N   . ARG A 1 106 ? 8.674   -0.653  13.370  1.00 25.72 ? 106 ARG A N   1 
ATOM   708  C  CA  . ARG A 1 106 ? 7.898   0.562   13.123  1.00 25.04 ? 106 ARG A CA  1 
ATOM   709  C  C   . ARG A 1 106 ? 8.880   1.741   13.019  1.00 24.05 ? 106 ARG A C   1 
ATOM   710  O  O   . ARG A 1 106 ? 9.968   1.651   13.565  1.00 23.14 ? 106 ARG A O   1 
ATOM   711  C  CB  . ARG A 1 106 ? 6.938   0.865   14.272  1.00 27.70 ? 106 ARG A CB  1 
ATOM   712  C  CG  . ARG A 1 106 ? 6.131   -0.263  14.837  1.00 29.27 ? 106 ARG A CG  1 
ATOM   713  C  CD  . ARG A 1 106 ? 4.811   -0.444  14.097  1.00 33.80 ? 106 ARG A CD  1 
ATOM   714  N  NE  . ARG A 1 106 ? 4.071   -1.615  14.606  1.00 35.63 ? 106 ARG A NE  1 
ATOM   715  C  CZ  . ARG A 1 106 ? 4.159   -2.854  14.127  1.00 35.17 ? 106 ARG A CZ  1 
ATOM   716  N  NH1 . ARG A 1 106 ? 3.479   -3.800  14.715  1.00 33.29 ? 106 ARG A NH1 1 
ATOM   717  N  NH2 . ARG A 1 106 ? 4.926   -3.156  13.075  1.00 36.62 ? 106 ARG A NH2 1 
ATOM   718  N  N   . ALA A 1 107 ? 8.495   2.822   12.316  1.00 21.13 ? 107 ALA A N   1 
ATOM   719  C  CA  . ALA A 1 107 ? 9.178   4.129   12.354  1.00 19.00 ? 107 ALA A CA  1 
ATOM   720  C  C   . ALA A 1 107 ? 8.134   5.240   12.199  1.00 19.46 ? 107 ALA A C   1 
ATOM   721  O  O   . ALA A 1 107 ? 6.997   4.964   11.828  1.00 18.82 ? 107 ALA A O   1 
ATOM   722  C  CB  . ALA A 1 107 ? 10.221  4.241   11.266  1.00 17.37 ? 107 ALA A CB  1 
ATOM   723  N  N   . VAL A 1 108 ? 8.496   6.493   12.473  1.00 19.61 ? 108 VAL A N   1 
ATOM   724  C  CA  . VAL A 1 108 ? 7.576   7.616   12.182  1.00 19.78 ? 108 VAL A CA  1 
ATOM   725  C  C   . VAL A 1 108 ? 7.924   8.018   10.769  1.00 19.83 ? 108 VAL A C   1 
ATOM   726  O  O   . VAL A 1 108 ? 9.105   8.242   10.473  1.00 18.50 ? 108 VAL A O   1 
ATOM   727  C  CB  . VAL A 1 108 ? 7.710   8.839   13.166  1.00 18.75 ? 108 VAL A CB  1 
ATOM   728  C  CG1 . VAL A 1 108 ? 7.035   10.046  12.619  1.00 16.30 ? 108 VAL A CG1 1 
ATOM   729  C  CG2 . VAL A 1 108 ? 7.044   8.578   14.508  1.00 19.51 ? 108 VAL A CG2 1 
ATOM   730  N  N   . ILE A 1 109 ? 6.919   8.088   9.888   1.00 20.93 ? 109 ILE A N   1 
ATOM   731  C  CA  . ILE A 1 109 ? 7.153   8.459   8.456   1.00 20.34 ? 109 ILE A CA  1 
ATOM   732  C  C   . ILE A 1 109 ? 6.414   9.766   8.115   1.00 21.02 ? 109 ILE A C   1 
ATOM   733  O  O   . ILE A 1 109 ? 5.243   9.935   8.495   1.00 20.14 ? 109 ILE A O   1 
ATOM   734  C  CB  . ILE A 1 109 ? 6.769   7.294   7.503   1.00 19.66 ? 109 ILE A CB  1 
ATOM   735  C  CG1 . ILE A 1 109 ? 7.503   5.981   7.887   1.00 19.82 ? 109 ILE A CG1 1 
ATOM   736  C  CG2 . ILE A 1 109 ? 7.025   7.644   6.057   1.00 19.60 ? 109 ILE A CG2 1 
ATOM   737  C  CD1 . ILE A 1 109 ? 9.015   6.034   7.802   1.00 19.26 ? 109 ILE A CD1 1 
ATOM   738  N  N   . PRO A 1 110 ? 7.121   10.737  7.466   1.00 21.81 ? 110 PRO A N   1 
ATOM   739  C  CA  . PRO A 1 110 ? 6.377   11.917  7.005   1.00 22.07 ? 110 PRO A CA  1 
ATOM   740  C  C   . PRO A 1 110 ? 5.632   11.622  5.663   1.00 21.15 ? 110 PRO A C   1 
ATOM   741  O  O   . PRO A 1 110 ? 6.213   11.089  4.757   1.00 22.50 ? 110 PRO A O   1 
ATOM   742  C  CB  . PRO A 1 110 ? 7.480   12.962  6.835   1.00 19.60 ? 110 PRO A CB  1 
ATOM   743  C  CG  . PRO A 1 110 ? 8.648   12.137  6.376   1.00 19.18 ? 110 PRO A CG  1 
ATOM   744  C  CD  . PRO A 1 110 ? 8.575   10.873  7.179   1.00 21.06 ? 110 PRO A CD  1 
ATOM   745  N  N   . ARG A 1 111 ? 4.365   11.962  5.569   1.00 20.84 ? 111 ARG A N   1 
ATOM   746  C  CA  . ARG A 1 111 ? 3.575   11.767  4.365   1.00 21.37 ? 111 ARG A CA  1 
ATOM   747  C  C   . ARG A 1 111 ? 2.756   13.041  4.124   1.00 23.12 ? 111 ARG A C   1 
ATOM   748  O  O   . ARG A 1 111 ? 2.502   13.829  5.067   1.00 23.21 ? 111 ARG A O   1 
ATOM   749  C  CB  . ARG A 1 111 ? 2.582   10.628  4.598   1.00 21.48 ? 111 ARG A CB  1 
ATOM   750  C  CG  . ARG A 1 111 ? 3.206   9.263   4.918   1.00 21.77 ? 111 ARG A CG  1 
ATOM   751  C  CD  . ARG A 1 111 ? 3.769   8.596   3.676   1.00 20.73 ? 111 ARG A CD  1 
ATOM   752  N  NE  . ARG A 1 111 ? 4.141   7.226   3.965   1.00 20.43 ? 111 ARG A NE  1 
ATOM   753  C  CZ  . ARG A 1 111 ? 4.820   6.443   3.128   1.00 20.64 ? 111 ARG A CZ  1 
ATOM   754  N  NH1 . ARG A 1 111 ? 5.156   6.871   1.909   1.00 18.50 ? 111 ARG A NH1 1 
ATOM   755  N  NH2 . ARG A 1 111 ? 5.165   5.223   3.520   1.00 20.24 ? 111 ARG A NH2 1 
ATOM   756  N  N   . TYR A 1 112 ? 2.341   13.266  2.887   1.00 21.11 ? 112 TYR A N   1 
ATOM   757  C  CA  . TYR A 1 112 ? 1.328   14.278  2.640   1.00 23.60 ? 112 TYR A CA  1 
ATOM   758  C  C   . TYR A 1 112 ? 0.062   14.086  3.461   1.00 25.70 ? 112 TYR A C   1 
ATOM   759  O  O   . TYR A 1 112 ? -0.537  12.965  3.531   1.00 25.61 ? 112 TYR A O   1 
ATOM   760  C  CB  . TYR A 1 112 ? 0.923   14.237  1.189   1.00 25.68 ? 112 TYR A CB  1 
ATOM   761  C  CG  . TYR A 1 112 ? 2.035   14.707  0.345   1.00 29.32 ? 112 TYR A CG  1 
ATOM   762  C  CD1 . TYR A 1 112 ? 2.392   16.076  0.328   1.00 30.86 ? 112 TYR A CD1 1 
ATOM   763  C  CD2 . TYR A 1 112 ? 2.814   13.786  -0.375  1.00 28.58 ? 112 TYR A CD2 1 
ATOM   764  C  CE1 . TYR A 1 112 ? 3.458   16.503  -0.440  1.00 31.69 ? 112 TYR A CE1 1 
ATOM   765  C  CE2 . TYR A 1 112 ? 3.870   14.209  -1.141  1.00 29.17 ? 112 TYR A CE2 1 
ATOM   766  C  CZ  . TYR A 1 112 ? 4.185   15.546  -1.164  1.00 31.11 ? 112 TYR A CZ  1 
ATOM   767  O  OH  . TYR A 1 112 ? 5.208   15.929  -1.953  1.00 34.55 ? 112 TYR A OH  1 
ATOM   768  N  N   . ARG A 1 113 ? -0.371  15.186  4.051   1.00 24.61 ? 113 ARG A N   1 
ATOM   769  C  CA  . ARG A 1 113 ? -1.624  15.191  4.771   1.00 27.01 ? 113 ARG A CA  1 
ATOM   770  C  C   . ARG A 1 113 ? -2.845  14.994  3.833   1.00 24.81 ? 113 ARG A C   1 
ATOM   771  O  O   . ARG A 1 113 ? -3.832  14.372  4.237   1.00 27.15 ? 113 ARG A O   1 
ATOM   772  C  CB  . ARG A 1 113 ? -1.750  16.473  5.606   1.00 28.87 ? 113 ARG A CB  1 
ATOM   773  C  CG  . ARG A 1 113 ? -3.074  16.583  6.336   1.00 31.98 ? 113 ARG A CG  1 
ATOM   774  C  CD  . ARG A 1 113 ? -3.155  17.895  7.052   1.00 34.80 ? 113 ARG A CD  1 
ATOM   775  N  NE  . ARG A 1 113 ? -4.372  17.999  7.858   1.00 42.81 ? 113 ARG A NE  1 
ATOM   776  C  CZ  . ARG A 1 113 ? -4.667  19.055  8.635   1.00 47.66 ? 113 ARG A CZ  1 
ATOM   777  N  NH1 . ARG A 1 113 ? -3.836  20.109  8.720   1.00 48.71 ? 113 ARG A NH1 1 
ATOM   778  N  NH2 . ARG A 1 113 ? -5.801  19.081  9.321   1.00 48.90 ? 113 ARG A NH2 1 
ATOM   779  N  N   . TYR A 1 114 ? -2.751  15.492  2.598   1.00 22.87 ? 114 TYR A N   1 
ATOM   780  C  CA  . TYR A 1 114 ? -3.871  15.582  1.643   1.00 23.94 ? 114 TYR A CA  1 
ATOM   781  C  C   . TYR A 1 114 ? -3.500  15.105  0.250   1.00 23.92 ? 114 TYR A C   1 
ATOM   782  O  O   . TYR A 1 114 ? -2.591  15.681  -0.399  1.00 22.91 ? 114 TYR A O   1 
ATOM   783  C  CB  . TYR A 1 114 ? -4.355  17.034  1.455   1.00 26.64 ? 114 TYR A CB  1 
ATOM   784  C  CG  . TYR A 1 114 ? -4.917  17.741  2.674   1.00 32.61 ? 114 TYR A CG  1 
ATOM   785  C  CD1 . TYR A 1 114 ? -4.382  18.973  3.109   1.00 36.70 ? 114 TYR A CD1 1 
ATOM   786  C  CD2 . TYR A 1 114 ? -5.998  17.203  3.394   1.00 34.56 ? 114 TYR A CD2 1 
ATOM   787  C  CE1 . TYR A 1 114 ? -4.913  19.637  4.224   1.00 40.86 ? 114 TYR A CE1 1 
ATOM   788  C  CE2 . TYR A 1 114 ? -6.535  17.858  4.511   1.00 37.59 ? 114 TYR A CE2 1 
ATOM   789  C  CZ  . TYR A 1 114 ? -6.003  19.066  4.927   1.00 40.74 ? 114 TYR A CZ  1 
ATOM   790  O  OH  . TYR A 1 114 ? -6.562  19.715  6.023   1.00 44.93 ? 114 TYR A OH  1 
ATOM   791  N  N   . ILE A 1 115 ? -4.212  14.090  -0.248  1.00 21.53 ? 115 ILE A N   1 
ATOM   792  C  CA  . ILE A 1 115 ? -3.955  13.650  -1.630  1.00 20.85 ? 115 ILE A CA  1 
ATOM   793  C  C   . ILE A 1 115 ? -5.188  13.439  -2.504  1.00 19.19 ? 115 ILE A C   1 
ATOM   794  O  O   . ILE A 1 115 ? -6.328  13.316  -2.010  1.00 16.92 ? 115 ILE A O   1 
ATOM   795  C  CB  . ILE A 1 115 ? -3.062  12.378  -1.701  1.00 20.65 ? 115 ILE A CB  1 
ATOM   796  C  CG1 . ILE A 1 115 ? -3.840  11.147  -1.211  1.00 18.99 ? 115 ILE A CG1 1 
ATOM   797  C  CG2 . ILE A 1 115 ? -1.716  12.611  -1.014  1.00 20.03 ? 115 ILE A CG2 1 
ATOM   798  C  CD1 . ILE A 1 115 ? -3.111  9.836   -1.389  1.00 18.73 ? 115 ILE A CD1 1 
ATOM   799  N  N   . ARG A 1 116 ? -4.950  13.417  -3.810  1.00 18.83 ? 116 ARG A N   1 
ATOM   800  C  CA  . ARG A 1 116 ? -5.924  12.792  -4.686  1.00 20.65 ? 116 ARG A CA  1 
ATOM   801  C  C   . ARG A 1 116 ? -5.316  11.513  -5.177  1.00 21.37 ? 116 ARG A C   1 
ATOM   802  O  O   . ARG A 1 116 ? -4.124  11.463  -5.525  1.00 20.57 ? 116 ARG A O   1 
ATOM   803  C  CB  . ARG A 1 116 ? -6.388  13.665  -5.856  1.00 20.41 ? 116 ARG A CB  1 
ATOM   804  C  CG  . ARG A 1 116 ? -7.349  12.958  -6.851  1.00 22.36 ? 116 ARG A CG  1 
ATOM   805  C  CD  . ARG A 1 116 ? -8.364  13.889  -7.547  1.00 22.28 ? 116 ARG A CD  1 
ATOM   806  N  NE  . ARG A 1 116 ? -7.787  15.182  -7.841  1.00 25.82 ? 116 ARG A NE  1 
ATOM   807  C  CZ  . ARG A 1 116 ? -8.235  16.348  -7.367  1.00 27.40 ? 116 ARG A CZ  1 
ATOM   808  N  NH1 . ARG A 1 116 ? -9.313  16.419  -6.633  1.00 30.02 ? 116 ARG A NH1 1 
ATOM   809  N  NH2 . ARG A 1 116 ? -7.627  17.467  -7.664  1.00 26.10 ? 116 ARG A NH2 1 
ATOM   810  N  N   . TYR A 1 117 ? -6.145  10.472  -5.202  1.00 22.28 ? 117 TYR A N   1 
ATOM   811  C  CA  . TYR A 1 117 ? -5.777  9.248   -5.935  1.00 21.09 ? 117 TYR A CA  1 
ATOM   812  C  C   . TYR A 1 117 ? -6.816  8.836   -6.990  1.00 20.61 ? 117 TYR A C   1 
ATOM   813  O  O   . TYR A 1 117 ? -8.006  9.089   -6.809  1.00 19.57 ? 117 TYR A O   1 
ATOM   814  C  CB  . TYR A 1 117 ? -5.381  8.124   -4.970  1.00 19.35 ? 117 TYR A CB  1 
ATOM   815  C  CG  . TYR A 1 117 ? -6.474  7.552   -4.068  1.00 19.73 ? 117 TYR A CG  1 
ATOM   816  C  CD1 . TYR A 1 117 ? -6.611  8.007   -2.725  1.00 19.42 ? 117 TYR A CD1 1 
ATOM   817  C  CD2 . TYR A 1 117 ? -7.338  6.514   -4.524  1.00 17.94 ? 117 TYR A CD2 1 
ATOM   818  C  CE1 . TYR A 1 117 ? -7.589  7.473   -1.870  1.00 19.05 ? 117 TYR A CE1 1 
ATOM   819  C  CE2 . TYR A 1 117 ? -8.309  5.956   -3.683  1.00 18.92 ? 117 TYR A CE2 1 
ATOM   820  C  CZ  . TYR A 1 117 ? -8.423  6.428   -2.339  1.00 20.51 ? 117 TYR A CZ  1 
ATOM   821  O  OH  . TYR A 1 117 ? -9.369  5.899   -1.466  1.00 20.05 ? 117 TYR A OH  1 
ATOM   822  N  N   . ARG A 1 118 ? -6.320  8.273   -8.095  1.00 21.74 ? 118 ARG A N   1 
ATOM   823  C  CA  . ARG A 1 118 ? -7.096  7.815   -9.262  1.00 23.71 ? 118 ARG A CA  1 
ATOM   824  C  C   . ARG A 1 118 ? -6.631  6.407   -9.668  1.00 23.52 ? 118 ARG A C   1 
ATOM   825  O  O   . ARG A 1 118 ? -5.427  6.060   -9.549  1.00 23.19 ? 118 ARG A O   1 
ATOM   826  C  CB  . ARG A 1 118 ? -6.867  8.710   -10.493 1.00 25.90 ? 118 ARG A CB  1 
ATOM   827  C  CG  . ARG A 1 118 ? -7.467  10.080  -10.472 1.00 30.51 ? 118 ARG A CG  1 
ATOM   828  C  CD  . ARG A 1 118 ? -7.113  10.906  -11.719 1.00 38.67 ? 118 ARG A CD  1 
ATOM   829  N  NE  . ARG A 1 118 ? -7.946  12.128  -11.774 1.00 48.91 ? 118 ARG A NE  1 
ATOM   830  C  CZ  . ARG A 1 118 ? -7.493  13.386  -11.652 1.00 58.43 ? 118 ARG A CZ  1 
ATOM   831  N  NH1 . ARG A 1 118 ? -6.180  13.679  -11.524 1.00 60.65 ? 118 ARG A NH1 1 
ATOM   832  N  NH2 . ARG A 1 118 ? -8.370  14.378  -11.684 1.00 58.88 ? 118 ARG A NH2 1 
ATOM   833  N  N   . GLY A 1 119 ? -7.588  5.607   -10.154 1.00 22.36 ? 119 GLY A N   1 
ATOM   834  C  CA  . GLY A 1 119 ? -7.295  4.341   -10.837 1.00 21.23 ? 119 GLY A CA  1 
ATOM   835  C  C   . GLY A 1 119 ? -8.609  3.661   -11.179 1.00 22.81 ? 119 GLY A C   1 
ATOM   836  O  O   . GLY A 1 119 ? -9.613  4.330   -11.497 1.00 22.30 ? 119 GLY A O   1 
ATOM   837  N  N   . PHE A 1 120 ? -8.633  2.334   -11.047 1.00 22.74 ? 120 PHE A N   1 
ATOM   838  C  CA  . PHE A 1 120 ? -9.783  1.554   -11.411 1.00 21.45 ? 120 PHE A CA  1 
ATOM   839  C  C   . PHE A 1 120 ? -10.100 0.489   -10.398 1.00 20.67 ? 120 PHE A C   1 
ATOM   840  O  O   . PHE A 1 120 ? -9.202  -0.194  -9.883  1.00 20.42 ? 120 PHE A O   1 
ATOM   841  C  CB  . PHE A 1 120 ? -9.509  0.910   -12.772 1.00 23.94 ? 120 PHE A CB  1 
ATOM   842  C  CG  . PHE A 1 120 ? -9.422  1.910   -13.870 1.00 26.02 ? 120 PHE A CG  1 
ATOM   843  C  CD1 . PHE A 1 120 ? -10.596 2.394   -14.483 1.00 26.60 ? 120 PHE A CD1 1 
ATOM   844  C  CD2 . PHE A 1 120 ? -8.179  2.470   -14.230 1.00 29.15 ? 120 PHE A CD2 1 
ATOM   845  C  CE1 . PHE A 1 120 ? -10.523 3.361   -15.494 1.00 27.61 ? 120 PHE A CE1 1 
ATOM   846  C  CE2 . PHE A 1 120 ? -8.104  3.439   -15.233 1.00 29.60 ? 120 PHE A CE2 1 
ATOM   847  C  CZ  . PHE A 1 120 ? -9.279  3.868   -15.873 1.00 29.02 ? 120 PHE A CZ  1 
ATOM   848  N  N   . ALA A 1 121 ? -11.388 0.365   -10.095 1.00 19.82 ? 121 ALA A N   1 
ATOM   849  C  CA  . ALA A 1 121 ? -11.870 -0.771  -9.338  1.00 20.42 ? 121 ALA A CA  1 
ATOM   850  C  C   . ALA A 1 121 ? -11.636 -1.994  -10.270 1.00 19.56 ? 121 ALA A C   1 
ATOM   851  O  O   . ALA A 1 121 ? -11.490 -1.804  -11.483 1.00 20.40 ? 121 ALA A O   1 
ATOM   852  C  CB  . ALA A 1 121 ? -13.336 -0.577  -8.938  1.00 17.86 ? 121 ALA A CB  1 
ATOM   853  N  N   . PRO A 1 122 ? -11.495 -3.210  -9.701  1.00 20.17 ? 122 PRO A N   1 
ATOM   854  C  CA  . PRO A 1 122 ? -11.291 -4.469  -10.429 1.00 21.84 ? 122 PRO A CA  1 
ATOM   855  C  C   . PRO A 1 122 ? -12.258 -4.706  -11.587 1.00 22.65 ? 122 PRO A C   1 
ATOM   856  O  O   . PRO A 1 122 ? -11.901 -5.420  -12.530 1.00 21.19 ? 122 PRO A O   1 
ATOM   857  C  CB  . PRO A 1 122 ? -11.569 -5.541  -9.359  1.00 20.81 ? 122 PRO A CB  1 
ATOM   858  C  CG  . PRO A 1 122 ? -11.229 -4.895  -8.086  1.00 20.19 ? 122 PRO A CG  1 
ATOM   859  C  CD  . PRO A 1 122 ? -11.300 -3.402  -8.253  1.00 21.53 ? 122 PRO A CD  1 
ATOM   860  N  N   . ASP A 1 123 ? -13.482 -4.176  -11.482 1.00 22.00 ? 123 ASP A N   1 
ATOM   861  C  CA  . ASP A 1 123 ? -14.479 -4.373  -12.558 1.00 24.71 ? 123 ASP A CA  1 
ATOM   862  C  C   . ASP A 1 123 ? -14.350 -3.329  -13.697 1.00 24.01 ? 123 ASP A C   1 
ATOM   863  O  O   . ASP A 1 123 ? -15.187 -3.286  -14.565 1.00 23.76 ? 123 ASP A O   1 
ATOM   864  C  CB  . ASP A 1 123 ? -15.923 -4.343  -11.983 1.00 23.92 ? 123 ASP A CB  1 
ATOM   865  C  CG  . ASP A 1 123 ? -16.326 -2.947  -11.512 1.00 24.91 ? 123 ASP A CG  1 
ATOM   866  O  OD1 . ASP A 1 123 ? -17.472 -2.764  -11.064 1.00 27.99 ? 123 ASP A OD1 1 
ATOM   867  O  OD2 . ASP A 1 123 ? -15.485 -2.011  -11.556 1.00 25.67 ? 123 ASP A OD2 1 
ATOM   868  N  N   . GLY A 1 124 ? -13.355 -2.450  -13.658 1.00 22.59 ? 124 GLY A N   1 
ATOM   869  C  CA  . GLY A 1 124 ? -13.290 -1.388  -14.638 1.00 21.48 ? 124 GLY A CA  1 
ATOM   870  C  C   . GLY A 1 124 ? -13.836 -0.034  -14.249 1.00 22.50 ? 124 GLY A C   1 
ATOM   871  O  O   . GLY A 1 124 ? -13.526 0.957   -14.925 1.00 22.66 ? 124 GLY A O   1 
ATOM   872  N  N   . SER A 1 125 ? -14.635 0.047   -13.181 1.00 24.16 ? 125 SER A N   1 
ATOM   873  C  CA  . SER A 1 125 ? -15.133 1.350   -12.706 1.00 25.92 ? 125 SER A CA  1 
ATOM   874  C  C   . SER A 1 125 ? -13.972 2.292   -12.378 1.00 27.65 ? 125 SER A C   1 
ATOM   875  O  O   . SER A 1 125 ? -13.028 1.925   -11.639 1.00 29.15 ? 125 SER A O   1 
ATOM   876  C  CB  . SER A 1 125 ? -15.954 1.211   -11.434 1.00 26.30 ? 125 SER A CB  1 
ATOM   877  O  OG  . SER A 1 125 ? -16.970 0.267   -11.602 1.00 30.06 ? 125 SER A OG  1 
ATOM   878  N  N   . PRO A 1 126 ? -14.035 3.520   -12.892 1.00 27.74 ? 126 PRO A N   1 
ATOM   879  C  CA  . PRO A 1 126 ? -13.023 4.528   -12.494 1.00 27.43 ? 126 PRO A CA  1 
ATOM   880  C  C   . PRO A 1 126 ? -13.191 4.866   -11.007 1.00 27.59 ? 126 PRO A C   1 
ATOM   881  O  O   . PRO A 1 126 ? -14.302 4.854   -10.510 1.00 27.27 ? 126 PRO A O   1 
ATOM   882  C  CB  . PRO A 1 126 ? -13.359 5.744   -13.374 1.00 26.79 ? 126 PRO A CB  1 
ATOM   883  C  CG  . PRO A 1 126 ? -14.478 5.300   -14.292 1.00 27.06 ? 126 PRO A CG  1 
ATOM   884  C  CD  . PRO A 1 126 ? -15.139 4.106   -13.666 1.00 27.35 ? 126 PRO A CD  1 
ATOM   885  N  N   . ILE A 1 127 ? -12.088 5.057   -10.293 1.00 27.33 ? 127 ILE A N   1 
ATOM   886  C  CA  . ILE A 1 127 ? -12.114 5.494   -8.917  1.00 26.42 ? 127 ILE A CA  1 
ATOM   887  C  C   . ILE A 1 127 ? -11.337 6.826   -8.928  1.00 28.08 ? 127 ILE A C   1 
ATOM   888  O  O   . ILE A 1 127 ? -10.241 6.890   -9.507  1.00 33.22 ? 127 ILE A O   1 
ATOM   889  C  CB  . ILE A 1 127 ? -11.399 4.477   -7.985  1.00 25.74 ? 127 ILE A CB  1 
ATOM   890  C  CG1 . ILE A 1 127 ? -12.202 3.186   -7.876  1.00 26.95 ? 127 ILE A CG1 1 
ATOM   891  C  CG2 . ILE A 1 127 ? -11.176 5.068   -6.568  1.00 24.30 ? 127 ILE A CG2 1 
ATOM   892  C  CD1 . ILE A 1 127 ? -11.497 2.045   -7.152  1.00 27.29 ? 127 ILE A CD1 1 
ATOM   893  N  N   . GLU A 1 128 ? -11.924 7.904   -8.404  1.00 27.02 ? 128 GLU A N   1 
ATOM   894  C  CA  . GLU A 1 128 ? -11.113 9.035   -7.984  1.00 25.75 ? 128 GLU A CA  1 
ATOM   895  C  C   . GLU A 1 128 ? -11.562 9.599   -6.685  1.00 26.38 ? 128 GLU A C   1 
ATOM   896  O  O   . GLU A 1 128 ? -12.776 9.852   -6.493  1.00 27.41 ? 128 GLU A O   1 
ATOM   897  C  CB  . GLU A 1 128 ? -10.788 10.107  -9.042  1.00 25.82 ? 128 GLU A CB  1 
ATOM   898  C  CG  . GLU A 1 128 ? -11.749 11.199  -9.449  1.00 27.60 ? 128 GLU A CG  1 
ATOM   899  C  CD  . GLU A 1 128 ? -12.221 12.193  -8.399  1.00 30.86 ? 128 GLU A CD  1 
ATOM   900  O  OE1 . GLU A 1 128 ? -11.468 12.729  -7.510  1.00 28.80 ? 128 GLU A OE1 1 
ATOM   901  O  OE2 . GLU A 1 128 ? -13.461 12.453  -8.486  1.00 36.80 ? 128 GLU A OE2 1 
ATOM   902  N  N   . ARG A 1 129 ? -10.586 9.765   -5.783  1.00 24.31 ? 129 ARG A N   1 
ATOM   903  C  CA  . ARG A 1 129 ? -10.895 10.285  -4.433  1.00 25.22 ? 129 ARG A CA  1 
ATOM   904  C  C   . ARG A 1 129 ? -9.881  11.261  -3.904  1.00 24.37 ? 129 ARG A C   1 
ATOM   905  O  O   . ARG A 1 129 ? -8.666  11.166  -4.196  1.00 23.93 ? 129 ARG A O   1 
ATOM   906  C  CB  . ARG A 1 129 ? -11.057 9.160   -3.426  1.00 24.41 ? 129 ARG A CB  1 
ATOM   907  C  CG  . ARG A 1 129 ? -12.126 8.145   -3.765  1.00 24.89 ? 129 ARG A CG  1 
ATOM   908  C  CD  . ARG A 1 129 ? -11.989 7.041   -2.737  1.00 27.73 ? 129 ARG A CD  1 
ATOM   909  N  NE  . ARG A 1 129 ? -12.961 5.980   -2.936  1.00 28.13 ? 129 ARG A NE  1 
ATOM   910  C  CZ  . ARG A 1 129 ? -12.828 4.733   -2.502  1.00 28.79 ? 129 ARG A CZ  1 
ATOM   911  N  NH1 . ARG A 1 129 ? -11.740 4.311   -1.847  1.00 28.86 ? 129 ARG A NH1 1 
ATOM   912  N  NH2 . ARG A 1 129 ? -13.793 3.894   -2.764  1.00 27.70 ? 129 ARG A NH2 1 
ATOM   913  N  N   . GLU A 1 130 ? -10.404 12.214  -3.153  1.00 24.91 ? 130 GLU A N   1 
ATOM   914  C  CA  . GLU A 1 130 ? -9.597  13.043  -2.225  1.00 27.13 ? 130 GLU A CA  1 
ATOM   915  C  C   . GLU A 1 130 ? -9.499  12.248  -0.897  1.00 27.40 ? 130 GLU A C   1 
ATOM   916  O  O   . GLU A 1 130 ? -10.488 11.613  -0.470  1.00 25.20 ? 130 GLU A O   1 
ATOM   917  C  CB  . GLU A 1 130 ? -10.269 14.403  -1.998  1.00 25.85 ? 130 GLU A CB  1 
ATOM   918  C  CG  . GLU A 1 130 ? -10.346 15.365  -3.203  1.00 25.81 ? 130 GLU A CG  1 
ATOM   919  C  CD  . GLU A 1 130 ? -11.307 14.943  -4.331  1.00 26.65 ? 130 GLU A CD  1 
ATOM   920  O  OE1 . GLU A 1 130 ? -10.849 14.871  -5.500  1.00 28.43 ? 130 GLU A OE1 1 
ATOM   921  O  OE2 . GLU A 1 130 ? -12.512 14.625  -4.159  1.00 27.72 ? 130 GLU A OE2 1 
ATOM   922  N  N   . ALA A 1 131 ? -8.293  12.209  -0.301  1.00 27.43 ? 131 ALA A N   1 
ATOM   923  C  CA  . ALA A 1 131 ? -8.041  11.536  0.987   1.00 23.95 ? 131 ALA A CA  1 
ATOM   924  C  C   . ALA A 1 131 ? -7.177  12.406  1.893   1.00 25.55 ? 131 ALA A C   1 
ATOM   925  O  O   . ALA A 1 131 ? -6.315  13.147  1.429   1.00 24.64 ? 131 ALA A O   1 
ATOM   926  C  CB  . ALA A 1 131 ? -7.369  10.191  0.758   1.00 22.32 ? 131 ALA A CB  1 
ATOM   927  N  N   . GLU A 1 132 ? -7.391  12.301  3.196   1.00 26.60 ? 132 GLU A N   1 
ATOM   928  C  CA  . GLU A 1 132 ? -6.529  12.957  4.145   1.00 26.25 ? 132 GLU A CA  1 
ATOM   929  C  C   . GLU A 1 132 ? -6.040  12.039  5.317   1.00 24.95 ? 132 GLU A C   1 
ATOM   930  O  O   . GLU A 1 132 ? -6.550  10.900  5.536   1.00 22.79 ? 132 GLU A O   1 
ATOM   931  C  CB  . GLU A 1 132 ? -7.262  14.165  4.677   1.00 29.55 ? 132 GLU A CB  1 
ATOM   932  C  CG  . GLU A 1 132 ? -8.163  13.839  5.847   1.00 30.46 ? 132 GLU A CG  1 
ATOM   933  C  CD  . GLU A 1 132 ? -9.314  14.803  5.948   1.00 37.82 ? 132 GLU A CD  1 
ATOM   934  O  OE1 . GLU A 1 132 ? -9.125  16.005  6.359   1.00 38.20 ? 132 GLU A OE1 1 
ATOM   935  O  OE2 . GLU A 1 132 ? -10.442 14.336  5.588   1.00 40.20 ? 132 GLU A OE2 1 
ATOM   936  N  N   . GLY A 1 133 ? -5.049  12.540  6.062   1.00 22.36 ? 133 GLY A N   1 
ATOM   937  C  CA  . GLY A 1 133 ? -4.571  11.844  7.256   1.00 22.48 ? 133 GLY A CA  1 
ATOM   938  C  C   . GLY A 1 133 ? -4.286  10.357  6.987   1.00 24.30 ? 133 GLY A C   1 
ATOM   939  O  O   . GLY A 1 133 ? -3.574  9.995   6.036   1.00 20.78 ? 133 GLY A O   1 
ATOM   940  N  N   . PHE A 1 134 ? -4.873  9.498   7.820   1.00 23.62 ? 134 PHE A N   1 
ATOM   941  C  CA  . PHE A 1 134 ? -4.577  8.066   7.771   1.00 24.16 ? 134 PHE A CA  1 
ATOM   942  C  C   . PHE A 1 134 ? -4.902  7.393   6.433   1.00 24.10 ? 134 PHE A C   1 
ATOM   943  O  O   . PHE A 1 134 ? -4.060  6.668   5.855   1.00 24.49 ? 134 PHE A O   1 
ATOM   944  C  CB  . PHE A 1 134 ? -5.237  7.316   8.933   1.00 22.03 ? 134 PHE A CB  1 
ATOM   945  C  CG  . PHE A 1 134 ? -4.721  5.932   9.106   1.00 24.24 ? 134 PHE A CG  1 
ATOM   946  C  CD1 . PHE A 1 134 ? -3.371  5.702   9.428   1.00 25.62 ? 134 PHE A CD1 1 
ATOM   947  C  CD2 . PHE A 1 134 ? -5.566  4.824   8.941   1.00 26.12 ? 134 PHE A CD2 1 
ATOM   948  C  CE1 . PHE A 1 134 ? -2.892  4.398   9.595   1.00 25.90 ? 134 PHE A CE1 1 
ATOM   949  C  CE2 . PHE A 1 134 ? -5.077  3.515   9.099   1.00 23.12 ? 134 PHE A CE2 1 
ATOM   950  C  CZ  . PHE A 1 134 ? -3.746  3.310   9.410   1.00 23.51 ? 134 PHE A CZ  1 
ATOM   951  N  N   . HIS A 1 135 ? -6.128  7.621   5.961   1.00 25.62 ? 135 HIS A N   1 
ATOM   952  C  CA  . HIS A 1 135 ? -6.554  7.219   4.620   1.00 25.18 ? 135 HIS A CA  1 
ATOM   953  C  C   . HIS A 1 135 ? -5.475  7.594   3.554   1.00 23.60 ? 135 HIS A C   1 
ATOM   954  O  O   . HIS A 1 135 ? -5.002  6.733   2.792   1.00 25.89 ? 135 HIS A O   1 
ATOM   955  C  CB  . HIS A 1 135 ? -7.942  7.833   4.350   1.00 25.64 ? 135 HIS A CB  1 
ATOM   956  C  CG  . HIS A 1 135 ? -8.572  7.431   3.041   1.00 27.06 ? 135 HIS A CG  1 
ATOM   957  N  ND1 . HIS A 1 135 ? -9.820  7.893   2.659   1.00 26.36 ? 135 HIS A ND1 1 
ATOM   958  C  CD2 . HIS A 1 135 ? -8.131  6.639   2.025   1.00 24.30 ? 135 HIS A CD2 1 
ATOM   959  C  CE1 . HIS A 1 135 ? -10.117 7.396   1.465   1.00 28.00 ? 135 HIS A CE1 1 
ATOM   960  N  NE2 . HIS A 1 135 ? -9.106  6.647   1.056   1.00 27.12 ? 135 HIS A NE2 1 
ATOM   961  N  N   . ALA A 1 136 ? -5.064  8.855   3.513   1.00 23.87 ? 136 ALA A N   1 
ATOM   962  C  CA  . ALA A 1 136 ? -3.978  9.282   2.604   1.00 23.62 ? 136 ALA A CA  1 
ATOM   963  C  C   . ALA A 1 136 ? -2.646  8.546   2.845   1.00 23.90 ? 136 ALA A C   1 
ATOM   964  O  O   . ALA A 1 136 ? -1.901  8.288   1.886   1.00 24.99 ? 136 ALA A O   1 
ATOM   965  C  CB  . ALA A 1 136 ? -3.776  10.785  2.673   1.00 21.53 ? 136 ALA A CB  1 
ATOM   966  N  N   . ARG A 1 137 ? -2.326  8.227   4.103   1.00 21.76 ? 137 ARG A N   1 
ATOM   967  C  CA  . ARG A 1 137 ? -1.054  7.573   4.423   1.00 21.21 ? 137 ARG A CA  1 
ATOM   968  C  C   . ARG A 1 137 ? -0.981  6.126   3.833   1.00 21.62 ? 137 ARG A C   1 
ATOM   969  O  O   . ARG A 1 137 ? 0.041   5.680   3.261   1.00 17.80 ? 137 ARG A O   1 
ATOM   970  C  CB  . ARG A 1 137 ? -0.871  7.521   5.952   1.00 20.87 ? 137 ARG A CB  1 
ATOM   971  C  CG  . ARG A 1 137 ? 0.369   6.778   6.450   1.00 19.38 ? 137 ARG A CG  1 
ATOM   972  C  CD  . ARG A 1 137 ? 0.496   6.933   7.976   1.00 24.45 ? 137 ARG A CD  1 
ATOM   973  N  NE  . ARG A 1 137 ? 0.552   8.351   8.321   1.00 22.95 ? 137 ARG A NE  1 
ATOM   974  C  CZ  . ARG A 1 137 ? 1.668   9.079   8.327   1.00 24.85 ? 137 ARG A CZ  1 
ATOM   975  N  NH1 . ARG A 1 137 ? 2.848   8.493   8.113   1.00 24.03 ? 137 ARG A NH1 1 
ATOM   976  N  NH2 . ARG A 1 137 ? 1.601   10.402  8.578   1.00 25.77 ? 137 ARG A NH2 1 
ATOM   977  N  N   . VAL A 1 138 ? -2.085  5.402   4.027   1.00 20.65 ? 138 VAL A N   1 
ATOM   978  C  CA  . VAL A 1 138 ? -2.184  4.039   3.595   1.00 20.07 ? 138 VAL A CA  1 
ATOM   979  C  C   . VAL A 1 138 ? -1.952  3.979   2.114   1.00 22.14 ? 138 VAL A C   1 
ATOM   980  O  O   . VAL A 1 138 ? -1.135  3.141   1.659   1.00 27.56 ? 138 VAL A O   1 
ATOM   981  C  CB  . VAL A 1 138 ? -3.519  3.403   3.992   1.00 19.18 ? 138 VAL A CB  1 
ATOM   982  C  CG1 . VAL A 1 138 ? -3.625  1.981   3.399   1.00 18.17 ? 138 VAL A CG1 1 
ATOM   983  C  CG2 . VAL A 1 138 ? -3.625  3.396   5.524   1.00 17.38 ? 138 VAL A CG2 1 
ATOM   984  N  N   . VAL A 1 139 ? -2.589  4.893   1.369   1.00 20.05 ? 139 VAL A N   1 
ATOM   985  C  CA  . VAL A 1 139 ? -2.497  4.869   -0.064  1.00 18.55 ? 139 VAL A CA  1 
ATOM   986  C  C   . VAL A 1 139 ? -1.070  5.239   -0.495  1.00 19.90 ? 139 VAL A C   1 
ATOM   987  O  O   . VAL A 1 139 ? -0.482  4.571   -1.406  1.00 18.79 ? 139 VAL A O   1 
ATOM   988  C  CB  . VAL A 1 139 ? -3.585  5.735   -0.730  1.00 20.68 ? 139 VAL A CB  1 
ATOM   989  C  CG1 . VAL A 1 139 ? -3.343  5.845   -2.219  1.00 20.46 ? 139 VAL A CG1 1 
ATOM   990  C  CG2 . VAL A 1 139 ? -5.006  5.153   -0.484  1.00 20.19 ? 139 VAL A CG2 1 
ATOM   991  N  N   . GLN A 1 140 ? -0.465  6.225   0.176   1.00 18.54 ? 140 GLN A N   1 
ATOM   992  C  CA  . GLN A 1 140 ? 0.906   6.626   -0.191  1.00 18.83 ? 140 GLN A CA  1 
ATOM   993  C  C   . GLN A 1 140 ? 1.915   5.486   0.035   1.00 20.51 ? 140 GLN A C   1 
ATOM   994  O  O   . GLN A 1 140 ? 2.801   5.208   -0.828  1.00 19.41 ? 140 GLN A O   1 
ATOM   995  C  CB  . GLN A 1 140 ? 1.331   7.873   0.547   1.00 17.56 ? 140 GLN A CB  1 
ATOM   996  C  CG  . GLN A 1 140 ? 0.649   9.140   0.078   1.00 17.58 ? 140 GLN A CG  1 
ATOM   997  C  CD  . GLN A 1 140 ? 0.904   10.261  1.078   1.00 19.82 ? 140 GLN A CD  1 
ATOM   998  O  OE1 . GLN A 1 140 ? 1.994   10.816  1.098   1.00 19.59 ? 140 GLN A OE1 1 
ATOM   999  N  NE2 . GLN A 1 140 ? -0.084  10.568  1.957   1.00 20.21 ? 140 GLN A NE2 1 
ATOM   1000 N  N   . HIS A 1 141 ? 1.722   4.796   1.165   1.00 20.56 ? 141 HIS A N   1 
ATOM   1001 C  CA  . HIS A 1 141 ? 2.490   3.583   1.524   1.00 22.48 ? 141 HIS A CA  1 
ATOM   1002 C  C   . HIS A 1 141 ? 2.355   2.458   0.466   1.00 22.54 ? 141 HIS A C   1 
ATOM   1003 O  O   . HIS A 1 141 ? 3.370   1.863   0.045   1.00 22.87 ? 141 HIS A O   1 
ATOM   1004 C  CB  . HIS A 1 141 ? 2.046   3.065   2.901   1.00 22.35 ? 141 HIS A CB  1 
ATOM   1005 C  CG  . HIS A 1 141 ? 2.776   1.840   3.358   1.00 28.11 ? 141 HIS A CG  1 
ATOM   1006 N  ND1 . HIS A 1 141 ? 3.628   1.838   4.452   1.00 28.00 ? 141 HIS A ND1 1 
ATOM   1007 C  CD2 . HIS A 1 141 ? 2.781   0.566   2.876   1.00 27.99 ? 141 HIS A CD2 1 
ATOM   1008 C  CE1 . HIS A 1 141 ? 4.131   0.627   4.614   1.00 26.49 ? 141 HIS A CE1 1 
ATOM   1009 N  NE2 . HIS A 1 141 ? 3.635   -0.160  3.672   1.00 28.87 ? 141 HIS A NE2 1 
ATOM   1010 N  N   . GLU A 1 142 ? 1.118   2.142   0.067   1.00 20.58 ? 142 GLU A N   1 
ATOM   1011 C  CA  . GLU A 1 142 ? 0.932   1.074   -0.902  1.00 19.81 ? 142 GLU A CA  1 
ATOM   1012 C  C   . GLU A 1 142 ? 1.483   1.535   -2.255  1.00 20.90 ? 142 GLU A C   1 
ATOM   1013 O  O   . GLU A 1 142 ? 2.151   0.758   -2.940  1.00 20.35 ? 142 GLU A O   1 
ATOM   1014 C  CB  . GLU A 1 142 ? -0.532  0.627   -1.000  1.00 19.83 ? 142 GLU A CB  1 
ATOM   1015 C  CG  . GLU A 1 142 ? -1.204  0.238   0.311   1.00 19.79 ? 142 GLU A CG  1 
ATOM   1016 C  CD  . GLU A 1 142 ? -0.400  -0.819  1.043   1.00 20.75 ? 142 GLU A CD  1 
ATOM   1017 O  OE1 . GLU A 1 142 ? 0.381   -1.570  0.378   1.00 21.21 ? 142 GLU A OE1 1 
ATOM   1018 O  OE2 . GLU A 1 142 ? -0.518  -0.882  2.283   1.00 19.54 ? 142 GLU A OE2 1 
ATOM   1019 N  N   . TYR A 1 143 ? 1.237   2.799   -2.614  1.00 20.29 ? 143 TYR A N   1 
ATOM   1020 C  CA  . TYR A 1 143 ? 1.841   3.369   -3.814  1.00 22.10 ? 143 TYR A CA  1 
ATOM   1021 C  C   . TYR A 1 143 ? 3.414   3.164   -3.898  1.00 23.37 ? 143 TYR A C   1 
ATOM   1022 O  O   . TYR A 1 143 ? 3.962   2.791   -4.993  1.00 20.33 ? 143 TYR A O   1 
ATOM   1023 C  CB  . TYR A 1 143 ? 1.462   4.882   -4.008  1.00 22.19 ? 143 TYR A CB  1 
ATOM   1024 C  CG  . TYR A 1 143 ? 1.982   5.413   -5.316  1.00 22.27 ? 143 TYR A CG  1 
ATOM   1025 C  CD1 . TYR A 1 143 ? 1.326   5.067   -6.514  1.00 22.96 ? 143 TYR A CD1 1 
ATOM   1026 C  CD2 . TYR A 1 143 ? 3.193   6.163   -5.394  1.00 22.55 ? 143 TYR A CD2 1 
ATOM   1027 C  CE1 . TYR A 1 143 ? 1.804   5.468   -7.741  1.00 23.67 ? 143 TYR A CE1 1 
ATOM   1028 C  CE2 . TYR A 1 143 ? 3.710   6.588   -6.643  1.00 22.64 ? 143 TYR A CE2 1 
ATOM   1029 C  CZ  . TYR A 1 143 ? 3.004   6.236   -7.824  1.00 26.31 ? 143 TYR A CZ  1 
ATOM   1030 O  OH  . TYR A 1 143 ? 3.415   6.590   -9.114  1.00 25.44 ? 143 TYR A OH  1 
ATOM   1031 N  N   . ASP A 1 144 ? 4.110   3.425   -2.769  1.00 20.82 ? 144 ASP A N   1 
ATOM   1032 C  CA  . ASP A 1 144 ? 5.548   3.323   -2.738  1.00 20.19 ? 144 ASP A CA  1 
ATOM   1033 C  C   . ASP A 1 144 ? 5.943   1.949   -3.176  1.00 19.88 ? 144 ASP A C   1 
ATOM   1034 O  O   . ASP A 1 144 ? 6.885   1.835   -3.944  1.00 19.80 ? 144 ASP A O   1 
ATOM   1035 C  CB  . ASP A 1 144 ? 6.137   3.630   -1.348  1.00 21.01 ? 144 ASP A CB  1 
ATOM   1036 C  CG  . ASP A 1 144 ? 6.327   5.138   -1.107  1.00 22.77 ? 144 ASP A CG  1 
ATOM   1037 O  OD1 . ASP A 1 144 ? 6.316   5.911   -2.076  1.00 22.76 ? 144 ASP A OD1 1 
ATOM   1038 O  OD2 . ASP A 1 144 ? 6.480   5.586   0.054   1.00 23.69 ? 144 ASP A OD2 1 
ATOM   1039 N  N   . HIS A 1 145 ? 5.238   0.911   -2.699  1.00 19.49 ? 145 HIS A N   1 
ATOM   1040 C  CA  . HIS A 1 145 ? 5.502   -0.494  -3.150  1.00 20.50 ? 145 HIS A CA  1 
ATOM   1041 C  C   . HIS A 1 145 ? 5.441   -0.677  -4.655  1.00 20.27 ? 145 HIS A C   1 
ATOM   1042 O  O   . HIS A 1 145 ? 6.239   -1.437  -5.201  1.00 18.76 ? 145 HIS A O   1 
ATOM   1043 C  CB  . HIS A 1 145 ? 4.534   -1.518  -2.540  1.00 19.77 ? 145 HIS A CB  1 
ATOM   1044 C  CG  . HIS A 1 145 ? 4.832   -1.843  -1.116  1.00 21.22 ? 145 HIS A CG  1 
ATOM   1045 N  ND1 . HIS A 1 145 ? 6.002   -2.459  -0.729  1.00 22.63 ? 145 HIS A ND1 1 
ATOM   1046 C  CD2 . HIS A 1 145 ? 4.129   -1.627  0.017   1.00 20.86 ? 145 HIS A CD2 1 
ATOM   1047 C  CE1 . HIS A 1 145 ? 5.996   -2.636  0.580   1.00 21.78 ? 145 HIS A CE1 1 
ATOM   1048 N  NE2 . HIS A 1 145 ? 4.874   -2.134  1.059   1.00 23.90 ? 145 HIS A NE2 1 
ATOM   1049 N  N   . LEU A 1 146 ? 4.473   -0.014  -5.318  1.00 20.59 ? 146 LEU A N   1 
ATOM   1050 C  CA  . LEU A 1 146 ? 4.347   -0.168  -6.787  1.00 23.28 ? 146 LEU A CA  1 
ATOM   1051 C  C   . LEU A 1 146 ? 5.511   0.472   -7.564  1.00 23.67 ? 146 LEU A C   1 
ATOM   1052 O  O   . LEU A 1 146 ? 5.741   0.167   -8.773  1.00 26.53 ? 146 LEU A O   1 
ATOM   1053 C  CB  . LEU A 1 146 ? 2.998   0.323   -7.314  1.00 21.16 ? 146 LEU A CB  1 
ATOM   1054 C  CG  . LEU A 1 146 ? 1.794   -0.033  -6.424  1.00 20.26 ? 146 LEU A CG  1 
ATOM   1055 C  CD1 . LEU A 1 146 ? 0.574   0.805   -6.870  1.00 16.89 ? 146 LEU A CD1 1 
ATOM   1056 C  CD2 . LEU A 1 146 ? 1.553   -1.560  -6.416  1.00 19.02 ? 146 LEU A CD2 1 
ATOM   1057 N  N   . VAL A 1 147 ? 6.264   1.318   -6.869  1.00 21.13 ? 147 VAL A N   1 
ATOM   1058 C  CA  . VAL A 1 147 ? 7.464   1.907   -7.478  1.00 21.25 ? 147 VAL A CA  1 
ATOM   1059 C  C   . VAL A 1 147 ? 8.766   1.421   -6.792  1.00 21.71 ? 147 VAL A C   1 
ATOM   1060 O  O   . VAL A 1 147 ? 9.782   2.058   -6.926  1.00 23.39 ? 147 VAL A O   1 
ATOM   1061 C  CB  . VAL A 1 147 ? 7.376   3.480   -7.623  1.00 20.34 ? 147 VAL A CB  1 
ATOM   1062 C  CG1 . VAL A 1 147 ? 6.219   3.894   -8.545  1.00 17.32 ? 147 VAL A CG1 1 
ATOM   1063 C  CG2 . VAL A 1 147 ? 7.240   4.194   -6.266  1.00 19.41 ? 147 VAL A CG2 1 
ATOM   1064 N  N   . GLY A 1 148 ? 8.744   0.310   -6.059  1.00 20.92 ? 148 GLY A N   1 
ATOM   1065 C  CA  . GLY A 1 148 ? 9.971   -0.233  -5.488  1.00 21.75 ? 148 GLY A CA  1 
ATOM   1066 C  C   . GLY A 1 148 ? 10.560  0.544   -4.316  1.00 25.51 ? 148 GLY A C   1 
ATOM   1067 O  O   . GLY A 1 148 ? 11.783  0.506   -4.074  1.00 26.02 ? 148 GLY A O   1 
ATOM   1068 N  N   . ARG A 1 149 ? 9.691   1.224   -3.575  1.00 23.62 ? 149 ARG A N   1 
ATOM   1069 C  CA  . ARG A 1 149 ? 10.097  2.064   -2.499  1.00 25.77 ? 149 ARG A CA  1 
ATOM   1070 C  C   . ARG A 1 149 ? 9.531   1.540   -1.161  1.00 25.47 ? 149 ARG A C   1 
ATOM   1071 O  O   . ARG A 1 149 ? 8.349   1.198   -1.061  1.00 24.96 ? 149 ARG A O   1 
ATOM   1072 C  CB  . ARG A 1 149 ? 9.604   3.480   -2.782  1.00 29.61 ? 149 ARG A CB  1 
ATOM   1073 C  CG  . ARG A 1 149 ? 10.410  4.524   -2.077  1.00 35.43 ? 149 ARG A CG  1 
ATOM   1074 C  CD  . ARG A 1 149 ? 11.698  4.853   -2.837  1.00 38.51 ? 149 ARG A CD  1 
ATOM   1075 N  NE  . ARG A 1 149 ? 12.358  6.027   -2.257  1.00 46.31 ? 149 ARG A NE  1 
ATOM   1076 C  CZ  . ARG A 1 149 ? 11.873  6.761   -1.245  1.00 53.33 ? 149 ARG A CZ  1 
ATOM   1077 N  NH1 . ARG A 1 149 ? 10.691  6.466   -0.709  1.00 63.70 ? 149 ARG A NH1 1 
ATOM   1078 N  NH2 . ARG A 1 149 ? 12.558  7.792   -0.744  1.00 48.98 ? 149 ARG A NH2 1 
ATOM   1079 N  N   . LEU A 1 150 ? 10.383  1.454   -0.140  1.00 23.31 ? 150 LEU A N   1 
ATOM   1080 C  CA  . LEU A 1 150 ? 9.964   1.014   1.200   1.00 21.41 ? 150 LEU A CA  1 
ATOM   1081 C  C   . LEU A 1 150 ? 10.120  2.153   2.196   1.00 21.07 ? 150 LEU A C   1 
ATOM   1082 O  O   . LEU A 1 150 ? 10.940  3.083   1.975   1.00 20.52 ? 150 LEU A O   1 
ATOM   1083 C  CB  . LEU A 1 150 ? 10.770  -0.217  1.624   1.00 22.23 ? 150 LEU A CB  1 
ATOM   1084 C  CG  . LEU A 1 150 ? 10.539  -1.354  0.595   1.00 23.30 ? 150 LEU A CG  1 
ATOM   1085 C  CD1 . LEU A 1 150 ? 11.591  -2.433  0.589   1.00 21.67 ? 150 LEU A CD1 1 
ATOM   1086 C  CD2 . LEU A 1 150 ? 9.155   -1.963  0.783   1.00 24.37 ? 150 LEU A CD2 1 
ATOM   1087 N  N   . TYR A 1 151 ? 9.357   2.089   3.290   1.00 19.78 ? 151 TYR A N   1 
ATOM   1088 C  CA  . TYR A 1 151 ? 9.391   3.181   4.277   1.00 19.83 ? 151 TYR A CA  1 
ATOM   1089 C  C   . TYR A 1 151 ? 10.758  3.534   4.926   1.00 19.76 ? 151 TYR A C   1 
ATOM   1090 O  O   . TYR A 1 151 ? 10.936  4.680   5.294   1.00 21.64 ? 151 TYR A O   1 
ATOM   1091 C  CB  . TYR A 1 151 ? 8.280   3.058   5.335   1.00 19.58 ? 151 TYR A CB  1 
ATOM   1092 C  CG  . TYR A 1 151 ? 8.581   2.084   6.456   1.00 19.00 ? 151 TYR A CG  1 
ATOM   1093 C  CD1 . TYR A 1 151 ? 9.523   2.404   7.458   1.00 18.14 ? 151 TYR A CD1 1 
ATOM   1094 C  CD2 . TYR A 1 151 ? 7.948   0.839   6.512   1.00 18.09 ? 151 TYR A CD2 1 
ATOM   1095 C  CE1 . TYR A 1 151 ? 9.821   1.501   8.466   1.00 17.98 ? 151 TYR A CE1 1 
ATOM   1096 C  CE2 . TYR A 1 151 ? 8.230   -0.074  7.539   1.00 18.62 ? 151 TYR A CE2 1 
ATOM   1097 C  CZ  . TYR A 1 151 ? 9.168   0.273   8.512   1.00 19.01 ? 151 TYR A CZ  1 
ATOM   1098 O  OH  . TYR A 1 151 ? 9.465   -0.600  9.529   1.00 19.36 ? 151 TYR A OH  1 
ATOM   1099 N  N   . PRO A 1 152 ? 11.717  2.580   5.057   1.00 19.04 ? 152 PRO A N   1 
ATOM   1100 C  CA  . PRO A 1 152 ? 12.945  3.009   5.746   1.00 19.05 ? 152 PRO A CA  1 
ATOM   1101 C  C   . PRO A 1 152 ? 13.722  4.111   5.050   1.00 20.88 ? 152 PRO A C   1 
ATOM   1102 O  O   . PRO A 1 152 ? 14.393  4.919   5.722   1.00 23.74 ? 152 PRO A O   1 
ATOM   1103 C  CB  . PRO A 1 152 ? 13.766  1.723   5.813   1.00 18.67 ? 152 PRO A CB  1 
ATOM   1104 C  CG  . PRO A 1 152 ? 12.739  0.630   5.957   1.00 17.84 ? 152 PRO A CG  1 
ATOM   1105 C  CD  . PRO A 1 152 ? 11.612  1.096   5.041   1.00 18.94 ? 152 PRO A CD  1 
ATOM   1106 N  N   . SER A 1 153 ? 13.641  4.157   3.726   1.00 21.53 ? 153 SER A N   1 
ATOM   1107 C  CA  . SER A 1 153 ? 14.281  5.212   2.939   1.00 21.38 ? 153 SER A CA  1 
ATOM   1108 C  C   . SER A 1 153 ? 13.527  6.549   3.081   1.00 21.94 ? 153 SER A C   1 
ATOM   1109 O  O   . SER A 1 153 ? 13.924  7.559   2.525   1.00 23.22 ? 153 SER A O   1 
ATOM   1110 C  CB  . SER A 1 153 ? 14.317  4.791   1.500   1.00 20.39 ? 153 SER A CB  1 
ATOM   1111 O  OG  . SER A 1 153 ? 12.987  4.731   1.071   1.00 22.93 ? 153 SER A OG  1 
ATOM   1112 N  N   . ARG A 1 154 ? 12.454  6.567   3.851   1.00 21.71 ? 154 ARG A N   1 
ATOM   1113 C  CA  . ARG A 1 154 ? 11.728  7.806   4.058   1.00 24.34 ? 154 ARG A CA  1 
ATOM   1114 C  C   . ARG A 1 154 ? 11.835  8.254   5.521   1.00 26.14 ? 154 ARG A C   1 
ATOM   1115 O  O   . ARG A 1 154 ? 11.308  9.308   5.887   1.00 23.59 ? 154 ARG A O   1 
ATOM   1116 C  CB  . ARG A 1 154 ? 10.244  7.637   3.725   1.00 25.23 ? 154 ARG A CB  1 
ATOM   1117 C  CG  . ARG A 1 154 ? 9.958   7.452   2.241   1.00 26.21 ? 154 ARG A CG  1 
ATOM   1118 C  CD  . ARG A 1 154 ? 8.493   7.726   1.979   1.00 28.41 ? 154 ARG A CD  1 
ATOM   1119 N  NE  . ARG A 1 154 ? 8.190   7.518   0.588   1.00 33.04 ? 154 ARG A NE  1 
ATOM   1120 C  CZ  . ARG A 1 154 ? 8.465   8.401   -0.361  1.00 36.19 ? 154 ARG A CZ  1 
ATOM   1121 N  NH1 . ARG A 1 154 ? 9.027   9.544   -0.034  1.00 39.20 ? 154 ARG A NH1 1 
ATOM   1122 N  NH2 . ARG A 1 154 ? 8.216   8.129   -1.629  1.00 30.94 ? 154 ARG A NH2 1 
ATOM   1123 N  N   . ILE A 1 155 ? 12.484  7.443   6.362   1.00 25.07 ? 155 ILE A N   1 
ATOM   1124 C  CA  . ILE A 1 155 ? 12.649  7.828   7.764   1.00 26.36 ? 155 ILE A CA  1 
ATOM   1125 C  C   . ILE A 1 155 ? 13.532  9.116   7.860   1.00 27.71 ? 155 ILE A C   1 
ATOM   1126 O  O   . ILE A 1 155 ? 14.619  9.194   7.246   1.00 23.75 ? 155 ILE A O   1 
ATOM   1127 C  CB  . ILE A 1 155 ? 13.278  6.677   8.593   1.00 25.29 ? 155 ILE A CB  1 
ATOM   1128 C  CG1 . ILE A 1 155 ? 12.299  5.521   8.768   1.00 23.43 ? 155 ILE A CG1 1 
ATOM   1129 C  CG2 . ILE A 1 155 ? 13.851  7.175   9.929   1.00 24.91 ? 155 ILE A CG2 1 
ATOM   1130 C  CD1 . ILE A 1 155 ? 13.024  4.248   9.130   1.00 21.61 ? 155 ILE A CD1 1 
ATOM   1131 N  N   . GLU A 1 156 ? 13.067  10.114  8.623   1.00 27.76 ? 156 GLU A N   1 
ATOM   1132 C  CA  . GLU A 1 156 ? 13.918  11.282  8.904   1.00 28.02 ? 156 GLU A CA  1 
ATOM   1133 C  C   . GLU A 1 156 ? 14.544  11.267  10.269  1.00 25.88 ? 156 GLU A C   1 
ATOM   1134 O  O   . GLU A 1 156 ? 15.688  11.644  10.384  1.00 25.23 ? 156 GLU A O   1 
ATOM   1135 C  CB  . GLU A 1 156 ? 13.221  12.602  8.628   1.00 30.56 ? 156 GLU A CB  1 
ATOM   1136 C  CG  . GLU A 1 156 ? 13.158  12.866  7.135   1.00 38.53 ? 156 GLU A CG  1 
ATOM   1137 C  CD  . GLU A 1 156 ? 12.092  13.859  6.793   1.00 50.60 ? 156 GLU A CD  1 
ATOM   1138 O  OE1 . GLU A 1 156 ? 11.463  14.456  7.719   1.00 57.19 ? 156 GLU A OE1 1 
ATOM   1139 O  OE2 . GLU A 1 156 ? 11.869  14.035  5.581   1.00 58.21 ? 156 GLU A OE2 1 
ATOM   1140 N  N   . ASN A 1 157 ? 13.803  10.807  11.274  1.00 26.08 ? 157 ASN A N   1 
ATOM   1141 C  CA  . ASN A 1 157 ? 14.313  10.637  12.614  1.00 25.12 ? 157 ASN A CA  1 
ATOM   1142 C  C   . ASN A 1 157 ? 14.508  9.161   13.002  1.00 23.90 ? 157 ASN A C   1 
ATOM   1143 O  O   . ASN A 1 157 ? 13.540  8.436   13.290  1.00 22.24 ? 157 ASN A O   1 
ATOM   1144 C  CB  . ASN A 1 157 ? 13.393  11.312  13.615  1.00 26.38 ? 157 ASN A CB  1 
ATOM   1145 C  CG  . ASN A 1 157 ? 13.927  11.238  15.061  1.00 27.66 ? 157 ASN A CG  1 
ATOM   1146 O  OD1 . ASN A 1 157 ? 15.019  10.690  15.360  1.00 23.80 ? 157 ASN A OD1 1 
ATOM   1147 N  ND2 . ASN A 1 157 ? 13.126  11.772  15.969  1.00 24.50 ? 157 ASN A ND2 1 
ATOM   1148 N  N   . PHE A 1 158 ? 15.774  8.749   13.064  1.00 23.39 ? 158 PHE A N   1 
ATOM   1149 C  CA  . PHE A 1 158 ? 16.090  7.356   13.311  1.00 22.39 ? 158 PHE A CA  1 
ATOM   1150 C  C   . PHE A 1 158 ? 15.933  6.902   14.720  1.00 22.68 ? 158 PHE A C   1 
ATOM   1151 O  O   . PHE A 1 158 ? 15.896  5.714   14.981  1.00 23.04 ? 158 PHE A O   1 
ATOM   1152 C  CB  . PHE A 1 158 ? 17.427  6.994   12.761  1.00 21.05 ? 158 PHE A CB  1 
ATOM   1153 C  CG  . PHE A 1 158 ? 17.383  6.690   11.305  1.00 21.52 ? 158 PHE A CG  1 
ATOM   1154 C  CD1 . PHE A 1 158 ? 17.060  5.383   10.859  1.00 20.36 ? 158 PHE A CD1 1 
ATOM   1155 C  CD2 . PHE A 1 158 ? 17.646  7.695   10.345  1.00 20.37 ? 158 PHE A CD2 1 
ATOM   1156 C  CE1 . PHE A 1 158 ? 17.017  5.086   9.498   1.00 19.03 ? 158 PHE A CE1 1 
ATOM   1157 C  CE2 . PHE A 1 158 ? 17.620  7.382   8.967   1.00 20.48 ? 158 PHE A CE2 1 
ATOM   1158 C  CZ  . PHE A 1 158 ? 17.294  6.079   8.552   1.00 19.85 ? 158 PHE A CZ  1 
ATOM   1159 N  N   . ASP A 1 159 ? 15.769  7.846   15.633  1.00 24.61 ? 159 ASP A N   1 
ATOM   1160 C  CA  . ASP A 1 159 ? 15.370  7.496   16.981  1.00 25.20 ? 159 ASP A CA  1 
ATOM   1161 C  C   . ASP A 1 159 ? 14.021  6.805   17.045  1.00 26.34 ? 159 ASP A C   1 
ATOM   1162 O  O   . ASP A 1 159 ? 13.730  6.115   18.008  1.00 27.54 ? 159 ASP A O   1 
ATOM   1163 C  CB  . ASP A 1 159 ? 15.314  8.736   17.844  1.00 28.43 ? 159 ASP A CB  1 
ATOM   1164 C  CG  . ASP A 1 159 ? 16.708  9.328   18.132  1.00 29.88 ? 159 ASP A CG  1 
ATOM   1165 O  OD1 . ASP A 1 159 ? 17.765  8.809   17.692  1.00 27.78 ? 159 ASP A OD1 1 
ATOM   1166 O  OD2 . ASP A 1 159 ? 16.725  10.349  18.815  1.00 31.93 ? 159 ASP A OD2 1 
ATOM   1167 N  N   . THR A 1 160 ? 13.178  7.007   16.034  1.00 26.53 ? 160 THR A N   1 
ATOM   1168 C  CA  . THR A 1 160 ? 11.822  6.474   16.080  1.00 24.57 ? 160 THR A CA  1 
ATOM   1169 C  C   . THR A 1 160 ? 11.747  5.101   15.438  1.00 25.26 ? 160 THR A C   1 
ATOM   1170 O  O   . THR A 1 160 ? 10.684  4.491   15.456  1.00 25.69 ? 160 THR A O   1 
ATOM   1171 C  CB  . THR A 1 160 ? 10.867  7.343   15.260  1.00 25.71 ? 160 THR A CB  1 
ATOM   1172 O  OG1 . THR A 1 160 ? 11.179  7.194   13.842  1.00 22.74 ? 160 THR A OG1 1 
ATOM   1173 C  CG2 . THR A 1 160 ? 10.951  8.808   15.707  1.00 22.29 ? 160 THR A CG2 1 
ATOM   1174 N  N   . PHE A 1 161 ? 12.830  4.662   14.793  1.00 23.18 ? 161 PHE A N   1 
ATOM   1175 C  CA  . PHE A 1 161 ? 12.862  3.373   14.124  1.00 22.65 ? 161 PHE A CA  1 
ATOM   1176 C  C   . PHE A 1 161 ? 13.225  2.268   15.122  1.00 23.98 ? 161 PHE A C   1 
ATOM   1177 O  O   . PHE A 1 161 ? 14.287  2.336   15.720  1.00 26.94 ? 161 PHE A O   1 
ATOM   1178 C  CB  . PHE A 1 161 ? 13.903  3.432   12.989  1.00 20.55 ? 161 PHE A CB  1 
ATOM   1179 C  CG  . PHE A 1 161 ? 13.890  2.242   12.063  1.00 18.18 ? 161 PHE A CG  1 
ATOM   1180 C  CD1 . PHE A 1 161 ? 12.700  1.576   11.752  1.00 17.16 ? 161 PHE A CD1 1 
ATOM   1181 C  CD2 . PHE A 1 161 ? 15.080  1.813   11.450  1.00 17.88 ? 161 PHE A CD2 1 
ATOM   1182 C  CE1 . PHE A 1 161 ? 12.709  0.480   10.872  1.00 16.54 ? 161 PHE A CE1 1 
ATOM   1183 C  CE2 . PHE A 1 161 ? 15.100  0.734   10.561  1.00 16.72 ? 161 PHE A CE2 1 
ATOM   1184 C  CZ  . PHE A 1 161 ? 13.901  0.063   10.277  1.00 17.02 ? 161 PHE A CZ  1 
ATOM   1185 N  N   . GLY A 1 162 ? 12.385  1.242   15.295  1.00 24.50 ? 162 GLY A N   1 
ATOM   1186 C  CA  . GLY A 1 162 ? 12.636  0.203   16.326  1.00 24.64 ? 162 GLY A CA  1 
ATOM   1187 C  C   . GLY A 1 162 ? 11.577  -0.873  16.315  1.00 26.63 ? 162 GLY A C   1 
ATOM   1188 O  O   . GLY A 1 162 ? 10.679  -0.824  15.478  1.00 32.45 ? 162 GLY A O   1 
ATOM   1189 N  N   . PHE A 1 163 ? 11.651  -1.860  17.209  1.00 25.64 ? 163 PHE A N   1 
ATOM   1190 C  CA  . PHE A 1 163 ? 10.664  -2.961  17.225  1.00 23.87 ? 163 PHE A CA  1 
ATOM   1191 C  C   . PHE A 1 163 ? 9.403   -2.587  17.965  1.00 25.56 ? 163 PHE A C   1 
ATOM   1192 O  O   . PHE A 1 163 ? 9.520   -1.864  18.976  1.00 24.26 ? 163 PHE A O   1 
ATOM   1193 C  CB  . PHE A 1 163 ? 11.264  -4.213  17.824  1.00 22.83 ? 163 PHE A CB  1 
ATOM   1194 C  CG  . PHE A 1 163 ? 12.258  -4.879  16.926  1.00 25.41 ? 163 PHE A CG  1 
ATOM   1195 C  CD1 . PHE A 1 163 ? 13.629  -4.562  17.004  1.00 25.60 ? 163 PHE A CD1 1 
ATOM   1196 C  CD2 . PHE A 1 163 ? 11.841  -5.837  15.993  1.00 26.28 ? 163 PHE A CD2 1 
ATOM   1197 C  CE1 . PHE A 1 163 ? 14.562  -5.174  16.158  1.00 28.65 ? 163 PHE A CE1 1 
ATOM   1198 C  CE2 . PHE A 1 163 ? 12.766  -6.465  15.150  1.00 27.06 ? 163 PHE A CE2 1 
ATOM   1199 C  CZ  . PHE A 1 163 ? 14.128  -6.138  15.224  1.00 28.10 ? 163 PHE A CZ  1 
ATOM   1200 N  N   . ASP A 1 164 ? 8.227   -3.095  17.503  1.00 28.06 ? 164 ASP A N   1 
ATOM   1201 C  CA  . ASP A 1 164 ? 6.886   -2.682  18.025  1.00 32.26 ? 164 ASP A CA  1 
ATOM   1202 C  C   . ASP A 1 164 ? 6.754   -2.892  19.519  1.00 34.83 ? 164 ASP A C   1 
ATOM   1203 O  O   . ASP A 1 164 ? 6.274   -2.006  20.232  1.00 37.07 ? 164 ASP A O   1 
ATOM   1204 C  CB  . ASP A 1 164 ? 5.685   -3.325  17.310  1.00 33.91 ? 164 ASP A CB  1 
ATOM   1205 C  CG  . ASP A 1 164 ? 4.319   -2.716  17.779  1.00 42.57 ? 164 ASP A CG  1 
ATOM   1206 O  OD1 . ASP A 1 164 ? 3.416   -3.477  18.194  1.00 50.49 ? 164 ASP A OD1 1 
ATOM   1207 O  OD2 . ASP A 1 164 ? 4.099   -1.471  17.763  1.00 45.69 ? 164 ASP A OD2 1 
ATOM   1208 N  N   . ASP A 1 165 ? 7.187   -4.066  19.981  1.00 38.12 ? 165 ASP A N   1 
ATOM   1209 C  CA  . ASP A 1 165 ? 7.063   -4.452  21.384  1.00 42.18 ? 165 ASP A CA  1 
ATOM   1210 C  C   . ASP A 1 165 ? 7.969   -3.621  22.268  1.00 41.79 ? 165 ASP A C   1 
ATOM   1211 O  O   . ASP A 1 165 ? 7.750   -3.514  23.451  1.00 44.13 ? 165 ASP A O   1 
ATOM   1212 C  CB  . ASP A 1 165 ? 7.303   -5.957  21.610  1.00 47.05 ? 165 ASP A CB  1 
ATOM   1213 C  CG  . ASP A 1 165 ? 8.472   -6.513  20.811  1.00 56.48 ? 165 ASP A CG  1 
ATOM   1214 O  OD1 . ASP A 1 165 ? 8.931   -5.880  19.843  1.00 68.78 ? 165 ASP A OD1 1 
ATOM   1215 O  OD2 . ASP A 1 165 ? 8.928   -7.620  21.137  1.00 58.00 ? 165 ASP A OD2 1 
ATOM   1216 N  N   . VAL A 1 166 ? 8.978   -3.005  21.684  1.00 41.93 ? 166 VAL A N   1 
ATOM   1217 C  CA  . VAL A 1 166 ? 9.938   -2.253  22.472  1.00 38.38 ? 166 VAL A CA  1 
ATOM   1218 C  C   . VAL A 1 166 ? 9.617   -0.771  22.492  1.00 41.60 ? 166 VAL A C   1 
ATOM   1219 O  O   . VAL A 1 166 ? 9.657   -0.161  23.536  1.00 50.86 ? 166 VAL A O   1 
ATOM   1220 C  CB  . VAL A 1 166 ? 11.364  -2.485  21.944  1.00 35.45 ? 166 VAL A CB  1 
ATOM   1221 C  CG1 . VAL A 1 166 ? 12.314  -1.583  22.646  1.00 33.15 ? 166 VAL A CG1 1 
ATOM   1222 C  CG2 . VAL A 1 166 ? 11.784  -3.940  22.141  1.00 36.86 ? 166 VAL A CG2 1 
ATOM   1223 N  N   . LEU A 1 167 ? 9.236   -0.215  21.347  1.00 46.46 ? 167 LEU A N   1 
ATOM   1224 C  CA  . LEU A 1 167 ? 9.301   1.230   21.094  1.00 46.28 ? 167 LEU A CA  1 
ATOM   1225 C  C   . LEU A 1 167 ? 8.728   2.170   22.154  1.00 44.59 ? 167 LEU A C   1 
ATOM   1226 O  O   . LEU A 1 167 ? 7.545   2.123   22.418  1.00 44.69 ? 167 LEU A O   1 
ATOM   1227 C  CB  . LEU A 1 167 ? 8.715   1.541   19.715  1.00 42.29 ? 167 LEU A CB  1 
ATOM   1228 C  CG  . LEU A 1 167 ? 9.772   1.622   18.616  1.00 39.14 ? 167 LEU A CG  1 
ATOM   1229 C  CD1 . LEU A 1 167 ? 9.139   1.591   17.233  1.00 34.85 ? 167 LEU A CD1 1 
ATOM   1230 C  CD2 . LEU A 1 167 ? 10.596  2.883   18.816  1.00 39.75 ? 167 LEU A CD2 1 
HETATM 1231 CD CD  . CD  B 2 .   ? -12.743 14.161  -6.384  1.00 27.01 ? 201 CD  A CD  1 
HETATM 1232 CD CD  . CD  C 2 .   ? 4.126   -2.293  3.203   1.00 30.52 ? 202 CD  A CD  1 
HETATM 1233 C  C   . ACT D 3 .   ? 13.813  1.988   -1.089  1.00 24.58 ? 203 ACT A C   1 
HETATM 1234 O  O   . ACT D 3 .   ? 12.837  2.306   -0.361  1.00 23.55 ? 203 ACT A O   1 
HETATM 1235 O  OXT . ACT D 3 .   ? 14.547  2.863   -1.564  1.00 28.43 ? 203 ACT A OXT 1 
HETATM 1236 C  CH3 . ACT D 3 .   ? 14.111  0.577   -1.453  1.00 21.10 ? 203 ACT A CH3 1 
HETATM 1237 CD CD  . CD  E 2 .   ? -11.098 17.030  6.142   1.00 44.41 ? 204 CD  A CD  1 
HETATM 1238 C  C5  . BB2 F 4 .   ? 0.567   -3.156  5.516   1.00 24.57 ? 205 BB2 A C5  1 
HETATM 1239 C  C3  . BB2 F 4 .   ? 1.591   -3.163  4.421   1.00 25.73 ? 205 BB2 A C3  1 
HETATM 1240 O  O4  . BB2 F 4 .   ? 2.732   -3.549  4.662   1.00 22.57 ? 205 BB2 A O4  1 
HETATM 1241 N  N1  . BB2 F 4 .   ? 1.119   -2.717  3.249   1.00 26.70 ? 205 BB2 A N1  1 
HETATM 1242 O  O2  . BB2 F 4 .   ? 1.900   -2.580  2.103   1.00 25.81 ? 205 BB2 A O2  1 
HETATM 1243 C  C6  . BB2 F 4 .   ? 0.808   -1.943  6.378   1.00 23.45 ? 205 BB2 A C6  1 
HETATM 1244 C  C12 . BB2 F 4 .   ? 0.024   -2.115  7.667   1.00 24.27 ? 205 BB2 A C12 1 
HETATM 1245 O  O13 . BB2 F 4 .   ? -1.128  -2.592  7.669   1.00 23.03 ? 205 BB2 A O13 1 
HETATM 1246 C  C7  . BB2 F 4 .   ? 0.360   -0.672  5.622   1.00 24.20 ? 205 BB2 A C7  1 
HETATM 1247 C  C8  . BB2 F 4 .   ? 0.739   0.553   6.453   1.00 22.13 ? 205 BB2 A C8  1 
HETATM 1248 C  C9  . BB2 F 4 .   ? -0.061  1.744   6.043   1.00 21.03 ? 205 BB2 A C9  1 
HETATM 1249 C  C10 . BB2 F 4 .   ? 0.560   2.970   6.694   1.00 20.46 ? 205 BB2 A C10 1 
HETATM 1250 C  C11 . BB2 F 4 .   ? -0.011  3.140   8.087   1.00 20.46 ? 205 BB2 A C11 1 
HETATM 1251 N  N14 . BB2 F 4 .   ? 0.682   -1.713  8.761   1.00 23.47 ? 205 BB2 A N14 1 
HETATM 1252 C  C15 . BB2 F 4 .   ? 0.112   -1.520  10.088  1.00 25.12 ? 205 BB2 A C15 1 
HETATM 1253 C  C16 . BB2 F 4 .   ? 0.445   -2.681  11.099  1.00 25.65 ? 205 BB2 A C16 1 
HETATM 1254 C  C18 . BB2 F 4 .   ? 0.061   -4.119  10.669  1.00 22.18 ? 205 BB2 A C18 1 
HETATM 1255 C  C17 . BB2 F 4 .   ? 1.945   -2.700  11.381  1.00 25.35 ? 205 BB2 A C17 1 
HETATM 1256 C  C19 . BB2 F 4 .   ? 0.555   -0.154  10.616  1.00 27.51 ? 205 BB2 A C19 1 
HETATM 1257 O  O20 . BB2 F 4 .   ? 1.650   0.330   10.300  1.00 30.28 ? 205 BB2 A O20 1 
HETATM 1258 N  N21 . BB2 F 4 .   ? -0.304  0.496   11.428  1.00 28.45 ? 205 BB2 A N21 1 
HETATM 1259 C  C22 . BB2 F 4 .   ? -0.124  1.929   11.821  1.00 30.10 ? 205 BB2 A C22 1 
HETATM 1260 C  C23 . BB2 F 4 .   ? -1.526  -0.102  12.002  1.00 27.41 ? 205 BB2 A C23 1 
HETATM 1261 C  C24 . BB2 F 4 .   ? -2.322  1.093   12.505  1.00 29.98 ? 205 BB2 A C24 1 
HETATM 1262 C  C25 . BB2 F 4 .   ? -1.356  2.265   12.649  1.00 28.27 ? 205 BB2 A C25 1 
HETATM 1263 C  C26 . BB2 F 4 .   ? 1.102   2.092   12.730  1.00 30.28 ? 205 BB2 A C26 1 
HETATM 1264 O  O27 . BB2 F 4 .   ? 0.797   1.363   13.902  1.00 32.57 ? 205 BB2 A O27 1 
HETATM 1265 O  O   . HOH G 5 .   ? -14.427 15.237  -5.411  1.00 29.61 ? 301 HOH A O   1 
HETATM 1266 O  O   . HOH G 5 .   ? 7.370   -3.177  -7.117  1.00 31.65 ? 302 HOH A O   1 
HETATM 1267 O  O   . HOH G 5 .   ? 6.642   -8.139  -7.389  1.00 22.52 ? 303 HOH A O   1 
HETATM 1268 O  O   . HOH G 5 .   ? 14.629  11.646  18.627  1.00 38.07 ? 304 HOH A O   1 
HETATM 1269 O  O   . HOH G 5 .   ? 8.473   -4.812  -13.029 1.00 31.75 ? 305 HOH A O   1 
HETATM 1270 O  O   . HOH G 5 .   ? 7.667   -2.786  9.711   1.00 27.17 ? 306 HOH A O   1 
HETATM 1271 O  O   . HOH G 5 .   ? 16.593  2.209   -2.924  1.00 39.08 ? 307 HOH A O   1 
HETATM 1272 O  O   . HOH G 5 .   ? 10.885  11.220  4.239   1.00 28.24 ? 308 HOH A O   1 
HETATM 1273 O  O   . HOH G 5 .   ? 3.202   -8.370  -14.523 1.00 38.67 ? 309 HOH A O   1 
HETATM 1274 O  O   . HOH G 5 .   ? -1.400  11.370  5.548   1.00 22.28 ? 310 HOH A O   1 
HETATM 1275 O  O   . HOH G 5 .   ? -2.562  21.877  3.606   1.00 24.19 ? 311 HOH A O   1 
HETATM 1276 O  O   . HOH G 5 .   ? 11.630  -8.846  12.595  1.00 43.08 ? 312 HOH A O   1 
HETATM 1277 O  O   . HOH G 5 .   ? 11.062  10.132  10.325  1.00 13.63 ? 313 HOH A O   1 
HETATM 1278 O  O   . HOH G 5 .   ? 17.377  3.662   14.254  1.00 24.92 ? 314 HOH A O   1 
HETATM 1279 O  O   . HOH G 5 .   ? 7.593   -2.864  -2.850  1.00 36.76 ? 315 HOH A O   1 
HETATM 1280 O  O   . HOH G 5 .   ? -15.565 -0.261  3.410   1.00 52.77 ? 316 HOH A O   1 
HETATM 1281 O  O   . HOH G 5 .   ? -1.032  3.720   -14.449 1.00 33.35 ? 317 HOH A O   1 
HETATM 1282 O  O   . HOH G 5 .   ? 3.465   -15.101 -2.705  1.00 20.91 ? 318 HOH A O   1 
HETATM 1283 O  O   . HOH G 5 .   ? 6.609   -5.807  -8.433  1.00 24.22 ? 319 HOH A O   1 
HETATM 1284 O  O   . HOH G 5 .   ? -8.921  -7.667  3.963   1.00 24.91 ? 320 HOH A O   1 
HETATM 1285 O  O   . HOH G 5 .   ? 9.954   15.159  4.064   1.00 41.82 ? 321 HOH A O   1 
HETATM 1286 O  O   . HOH G 5 .   ? 5.983   18.729  -1.389  1.00 35.68 ? 322 HOH A O   1 
HETATM 1287 O  O   . HOH G 5 .   ? -0.664  17.564  1.923   1.00 28.20 ? 323 HOH A O   1 
HETATM 1288 O  O   . HOH G 5 .   ? -1.844  9.323   9.117   1.00 35.15 ? 324 HOH A O   1 
HETATM 1289 O  O   . HOH G 5 .   ? 15.711  7.258   5.326   1.00 22.04 ? 325 HOH A O   1 
HETATM 1290 O  O   . HOH G 5 .   ? 13.369  -5.569  -0.772  1.00 15.13 ? 326 HOH A O   1 
HETATM 1291 O  O   . HOH G 5 .   ? -1.645  23.537  9.125   1.00 35.85 ? 327 HOH A O   1 
HETATM 1292 O  O   . HOH G 5 .   ? -9.670  -16.512 -4.687  1.00 29.91 ? 328 HOH A O   1 
HETATM 1293 O  O   . HOH G 5 .   ? -9.904  11.358  3.911   1.00 23.95 ? 329 HOH A O   1 
HETATM 1294 O  O   . HOH G 5 .   ? -15.184 9.683   -5.115  1.00 40.02 ? 330 HOH A O   1 
HETATM 1295 O  O   . HOH G 5 .   ? -2.853  0.571   -8.020  1.00 29.83 ? 331 HOH A O   1 
HETATM 1296 O  O   . HOH G 5 .   ? 15.069  3.567   18.102  1.00 22.31 ? 332 HOH A O   1 
HETATM 1297 O  O   . HOH G 5 .   ? -2.973  -7.150  -15.757 1.00 34.41 ? 333 HOH A O   1 
HETATM 1298 O  O   . HOH G 5 .   ? 4.073   -11.184 -11.296 1.00 28.40 ? 334 HOH A O   1 
HETATM 1299 O  O   . HOH G 5 .   ? -7.961  20.232  -7.346  1.00 30.50 ? 335 HOH A O   1 
HETATM 1300 O  O   . HOH G 5 .   ? -16.423 -8.774  -16.955 1.00 28.71 ? 336 HOH A O   1 
HETATM 1301 O  O   . HOH G 5 .   ? 5.963   1.046   0.784   1.00 15.74 ? 337 HOH A O   1 
HETATM 1302 O  O   . HOH G 5 .   ? 7.969   -16.573 -4.786  1.00 43.56 ? 338 HOH A O   1 
HETATM 1303 O  O   . HOH G 5 .   ? 16.660  8.123   2.089   1.00 44.70 ? 339 HOH A O   1 
HETATM 1304 O  O   . HOH G 5 .   ? 4.308   1.235   -10.966 1.00 20.92 ? 340 HOH A O   1 
HETATM 1305 O  O   . HOH G 5 .   ? -6.614  10.449  9.927   1.00 39.98 ? 341 HOH A O   1 
HETATM 1306 O  O   . HOH G 5 .   ? -12.767 -1.108  -4.884  1.00 29.11 ? 342 HOH A O   1 
HETATM 1307 O  O   . HOH G 5 .   ? -0.935  11.724  8.071   1.00 20.24 ? 343 HOH A O   1 
HETATM 1308 O  O   . HOH G 5 .   ? -14.445 12.756  -5.297  1.00 23.13 ? 344 HOH A O   1 
HETATM 1309 O  O   . HOH G 5 .   ? -4.914  5.582   -13.800 1.00 40.53 ? 345 HOH A O   1 
HETATM 1310 O  O   . HOH G 5 .   ? 6.947   3.425   2.038   1.00 19.58 ? 346 HOH A O   1 
HETATM 1311 O  O   . HOH G 5 .   ? -5.704  2.131   -16.759 1.00 38.32 ? 347 HOH A O   1 
HETATM 1312 O  O   . HOH G 5 .   ? -10.669 17.654  8.245   1.00 22.05 ? 348 HOH A O   1 
HETATM 1313 O  O   . HOH G 5 .   ? 2.849   -14.855 4.521   1.00 35.66 ? 349 HOH A O   1 
HETATM 1314 O  O   . HOH G 5 .   ? 4.549   9.466   0.475   1.00 26.05 ? 350 HOH A O   1 
HETATM 1315 O  O   . HOH G 5 .   ? -9.447  6.958   15.425  1.00 43.08 ? 351 HOH A O   1 
HETATM 1316 O  O   . HOH G 5 .   ? 13.502  1.431   2.414   1.00 30.95 ? 352 HOH A O   1 
HETATM 1317 O  O   . HOH G 5 .   ? -14.638 7.536   -6.919  1.00 36.27 ? 353 HOH A O   1 
HETATM 1318 O  O   . HOH G 5 .   ? 0.542   7.812   13.968  1.00 19.40 ? 354 HOH A O   1 
HETATM 1319 O  O   . HOH G 5 .   ? 1.315   8.724   -9.522  1.00 24.70 ? 355 HOH A O   1 
HETATM 1320 O  O   . HOH G 5 .   ? 8.074   -13.938 -9.063  1.00 32.14 ? 356 HOH A O   1 
HETATM 1321 O  O   . HOH G 5 .   ? 4.173   20.583  6.625   1.00 32.81 ? 357 HOH A O   1 
HETATM 1322 O  O   . HOH G 5 .   ? 4.557   -6.119  12.336  1.00 24.89 ? 358 HOH A O   1 
HETATM 1323 O  O   . HOH G 5 .   ? 10.704  -13.420 1.570   1.00 25.11 ? 359 HOH A O   1 
HETATM 1324 O  O   . HOH G 5 .   ? -8.258  9.146   7.591   1.00 31.48 ? 360 HOH A O   1 
HETATM 1325 O  O   . HOH G 5 .   ? -0.419  6.345   11.818  1.00 26.14 ? 361 HOH A O   1 
HETATM 1326 O  O   . HOH G 5 .   ? 7.051   -0.023  3.278   1.00 30.84 ? 362 HOH A O   1 
HETATM 1327 O  O   . HOH G 5 .   ? 16.152  -11.366 -3.674  1.00 39.80 ? 363 HOH A O   1 
HETATM 1328 O  O   . HOH G 5 .   ? 2.980   12.616  -6.284  1.00 37.65 ? 364 HOH A O   1 
HETATM 1329 O  O   . HOH G 5 .   ? -5.956  -12.340 -18.002 1.00 30.57 ? 365 HOH A O   1 
HETATM 1330 O  O   . HOH G 5 .   ? 9.247   16.356  6.513   1.00 46.75 ? 366 HOH A O   1 
HETATM 1331 O  O   . HOH G 5 .   ? 11.911  -1.769  -12.662 1.00 36.97 ? 367 HOH A O   1 
HETATM 1332 O  O   . HOH G 5 .   ? 11.386  10.821  1.664   1.00 34.36 ? 368 HOH A O   1 
HETATM 1333 O  O   . HOH G 5 .   ? 6.896   -0.791  -15.530 1.00 40.59 ? 369 HOH A O   1 
HETATM 1334 O  O   . HOH G 5 .   ? 2.994   16.144  12.222  1.00 30.03 ? 370 HOH A O   1 
HETATM 1335 O  O   . HOH G 5 .   ? -13.623 11.772  -2.684  1.00 21.50 ? 371 HOH A O   1 
HETATM 1336 O  O   . HOH G 5 .   ? 1.423   -18.309 -2.031  1.00 37.79 ? 372 HOH A O   1 
HETATM 1337 O  O   . HOH G 5 .   ? 2.877   3.732   -10.709 1.00 31.69 ? 373 HOH A O   1 
HETATM 1338 O  O   . HOH G 5 .   ? -9.688  7.562   -12.755 1.00 26.57 ? 374 HOH A O   1 
HETATM 1339 O  O   . HOH G 5 .   ? -6.949  -19.976 2.304   1.00 26.04 ? 375 HOH A O   1 
HETATM 1340 O  O   . HOH G 5 .   ? 16.157  13.981  12.783  1.00 41.57 ? 376 HOH A O   1 
HETATM 1341 O  O   . HOH G 5 .   ? -1.744  -14.562 -9.447  1.00 40.88 ? 377 HOH A O   1 
HETATM 1342 O  O   . HOH G 5 .   ? 10.961  -12.005 9.722   1.00 45.55 ? 378 HOH A O   1 
HETATM 1343 O  O   . HOH G 5 .   ? 6.356   -11.923 6.149   1.00 42.15 ? 379 HOH A O   1 
HETATM 1344 O  O   . HOH G 5 .   ? 15.560  10.499  3.603   1.00 36.48 ? 380 HOH A O   1 
HETATM 1345 O  O   . HOH G 5 .   ? 10.290  13.217  14.429  1.00 26.46 ? 381 HOH A O   1 
HETATM 1346 O  O   . HOH G 5 .   ? 7.314   16.472  8.426   1.00 47.89 ? 382 HOH A O   1 
HETATM 1347 O  O   . HOH G 5 .   ? 1.490   -7.103  -16.835 1.00 38.86 ? 383 HOH A O   1 
HETATM 1348 O  O   . HOH G 5 .   ? 4.019   -15.818 -7.407  1.00 42.02 ? 384 HOH A O   1 
HETATM 1349 O  O   . HOH G 5 .   ? -10.253 9.893   6.023   1.00 35.63 ? 385 HOH A O   1 
HETATM 1350 O  O   . HOH G 5 .   ? -12.151 -0.511  -18.402 1.00 41.34 ? 386 HOH A O   1 
HETATM 1351 O  O   . HOH G 5 .   ? 18.446  7.940   5.368   0.50 33.29 ? 387 HOH A O   1 
HETATM 1352 O  O   . HOH G 5 .   ? 6.001   -16.355 -3.150  1.00 34.98 ? 388 HOH A O   1 
# 
loop_
_pdbx_poly_seq_scheme.asym_id 
_pdbx_poly_seq_scheme.entity_id 
_pdbx_poly_seq_scheme.seq_id 
_pdbx_poly_seq_scheme.mon_id 
_pdbx_poly_seq_scheme.ndb_seq_num 
_pdbx_poly_seq_scheme.pdb_seq_num 
_pdbx_poly_seq_scheme.auth_seq_num 
_pdbx_poly_seq_scheme.pdb_mon_id 
_pdbx_poly_seq_scheme.auth_mon_id 
_pdbx_poly_seq_scheme.pdb_strand_id 
_pdbx_poly_seq_scheme.pdb_ins_code 
_pdbx_poly_seq_scheme.hetero 
A 1 1   MET 1   1   1   MET MET A . n 
A 1 2   ILE 2   2   2   ILE ILE A . n 
A 1 3   ARG 3   3   3   ARG ARG A . n 
A 1 4   ASP 4   4   4   ASP ASP A . n 
A 1 5   ILE 5   5   5   ILE ILE A . n 
A 1 6   ILE 6   6   6   ILE ILE A . n 
A 1 7   ARG 7   7   7   ARG ARG A . n 
A 1 8   MET 8   8   8   MET MET A . n 
A 1 9   GLY 9   9   9   GLY GLY A . n 
A 1 10  ASP 10  10  10  ASP ASP A . n 
A 1 11  LYS 11  11  11  LYS LYS A . n 
A 1 12  ARG 12  12  12  ARG ARG A . n 
A 1 13  LEU 13  13  13  LEU LEU A . n 
A 1 14  LEU 14  14  14  LEU LEU A . n 
A 1 15  ARG 15  15  15  ARG ARG A . n 
A 1 16  VAL 16  16  16  VAL VAL A . n 
A 1 17  ALA 17  17  17  ALA ALA A . n 
A 1 18  PRO 18  18  18  PRO PRO A . n 
A 1 19  GLN 19  19  19  GLN GLN A . n 
A 1 20  VAL 20  20  20  VAL VAL A . n 
A 1 21  THR 21  21  21  THR THR A . n 
A 1 22  ASN 22  22  22  ASN ASN A . n 
A 1 23  LEU 23  23  23  LEU LEU A . n 
A 1 24  GLY 24  24  24  GLY GLY A . n 
A 1 25  SER 25  25  25  SER SER A . n 
A 1 26  ALA 26  26  26  ALA ALA A . n 
A 1 27  GLU 27  27  27  GLU GLU A . n 
A 1 28  LEU 28  28  28  LEU LEU A . n 
A 1 29  HIS 29  29  29  HIS HIS A . n 
A 1 30  ALA 30  30  30  ALA ALA A . n 
A 1 31  LEU 31  31  31  LEU LEU A . n 
A 1 32  VAL 32  32  32  VAL VAL A . n 
A 1 33  SER 33  33  33  SER SER A . n 
A 1 34  ASP 34  34  34  ASP ASP A . n 
A 1 35  MET 35  35  35  MET MET A . n 
A 1 36  PHE 36  36  36  PHE PHE A . n 
A 1 37  GLU 37  37  37  GLU GLU A . n 
A 1 38  THR 38  38  38  THR THR A . n 
A 1 39  MET 39  39  39  MET MET A . n 
A 1 40  GLY 40  40  40  GLY GLY A . n 
A 1 41  ALA 41  41  41  ALA ALA A . n 
A 1 42  ALA 42  42  42  ALA ALA A . n 
A 1 43  HIS 43  43  43  HIS HIS A . n 
A 1 44  GLY 44  44  44  GLY GLY A . n 
A 1 45  VAL 45  45  45  VAL VAL A . n 
A 1 46  GLY 46  46  46  GLY GLY A . n 
A 1 47  LEU 47  47  47  LEU LEU A . n 
A 1 48  ALA 48  48  48  ALA ALA A . n 
A 1 49  ALA 49  49  49  ALA ALA A . n 
A 1 50  PRO 50  50  50  PRO PRO A . n 
A 1 51  GLN 51  51  51  GLN GLN A . n 
A 1 52  ILE 52  52  52  ILE ILE A . n 
A 1 53  ALA 53  53  53  ALA ALA A . n 
A 1 54  VAL 54  54  54  VAL VAL A . n 
A 1 55  ASP 55  55  55  ASP ASP A . n 
A 1 56  LEU 56  56  56  LEU LEU A . n 
A 1 57  GLN 57  57  57  GLN GLN A . n 
A 1 58  LEU 58  58  58  LEU LEU A . n 
A 1 59  MET 59  59  59  MET MET A . n 
A 1 60  VAL 60  60  60  VAL VAL A . n 
A 1 61  PHE 61  61  61  PHE PHE A . n 
A 1 62  GLY 62  62  62  GLY GLY A . n 
A 1 63  PHE 63  63  63  PHE PHE A . n 
A 1 64  GLU 64  64  ?   ?   ?   A . n 
A 1 65  ALA 65  65  ?   ?   ?   A . n 
A 1 66  SER 66  66  ?   ?   ?   A . n 
A 1 67  GLU 67  67  ?   ?   ?   A . n 
A 1 68  ARG 68  68  ?   ?   ?   A . n 
A 1 69  TYR 69  69  ?   ?   ?   A . n 
A 1 70  PRO 70  70  ?   ?   ?   A . n 
A 1 71  GLU 71  71  ?   ?   ?   A . n 
A 1 72  ALA 72  72  ?   ?   ?   A . n 
A 1 73  PRO 73  73  73  PRO PRO A . n 
A 1 74  ALA 74  74  74  ALA ALA A . n 
A 1 75  VAL 75  75  75  VAL VAL A . n 
A 1 76  PRO 76  76  76  PRO PRO A . n 
A 1 77  LEU 77  77  77  LEU LEU A . n 
A 1 78  THR 78  78  78  THR THR A . n 
A 1 79  ALA 79  79  79  ALA ALA A . n 
A 1 80  LEU 80  80  80  LEU LEU A . n 
A 1 81  ALA 81  81  81  ALA ALA A . n 
A 1 82  ASN 82  82  82  ASN ASN A . n 
A 1 83  ALA 83  83  83  ALA ALA A . n 
A 1 84  GLN 84  84  84  GLN GLN A . n 
A 1 85  ILE 85  85  85  ILE ILE A . n 
A 1 86  GLU 86  86  86  GLU GLU A . n 
A 1 87  PRO 87  87  87  PRO PRO A . n 
A 1 88  LEU 88  88  88  LEU LEU A . n 
A 1 89  SER 89  89  89  SER SER A . n 
A 1 90  ASP 90  90  90  ASP ASP A . n 
A 1 91  GLU 91  91  91  GLU GLU A . n 
A 1 92  MET 92  92  92  MET MET A . n 
A 1 93  GLU 93  93  93  GLU GLU A . n 
A 1 94  ASN 94  94  94  ASN ASN A . n 
A 1 95  GLY 95  95  95  GLY GLY A . n 
A 1 96  TRP 96  96  96  TRP TRP A . n 
A 1 97  GLU 97  97  97  GLU GLU A . n 
A 1 98  GLY 98  98  98  GLY GLY A . n 
A 1 99  CYS 99  99  99  CYS CYS A . n 
A 1 100 LEU 100 100 100 LEU LEU A . n 
A 1 101 SER 101 101 101 SER SER A . n 
A 1 102 ILE 102 102 102 ILE ILE A . n 
A 1 103 PRO 103 103 103 PRO PRO A . n 
A 1 104 GLY 104 104 104 GLY GLY A . n 
A 1 105 LEU 105 105 105 LEU LEU A . n 
A 1 106 ARG 106 106 106 ARG ARG A . n 
A 1 107 ALA 107 107 107 ALA ALA A . n 
A 1 108 VAL 108 108 108 VAL VAL A . n 
A 1 109 ILE 109 109 109 ILE ILE A . n 
A 1 110 PRO 110 110 110 PRO PRO A . n 
A 1 111 ARG 111 111 111 ARG ARG A . n 
A 1 112 TYR 112 112 112 TYR TYR A . n 
A 1 113 ARG 113 113 113 ARG ARG A . n 
A 1 114 TYR 114 114 114 TYR TYR A . n 
A 1 115 ILE 115 115 115 ILE ILE A . n 
A 1 116 ARG 116 116 116 ARG ARG A . n 
A 1 117 TYR 117 117 117 TYR TYR A . n 
A 1 118 ARG 118 118 118 ARG ARG A . n 
A 1 119 GLY 119 119 119 GLY GLY A . n 
A 1 120 PHE 120 120 120 PHE PHE A . n 
A 1 121 ALA 121 121 121 ALA ALA A . n 
A 1 122 PRO 122 122 122 PRO PRO A . n 
A 1 123 ASP 123 123 123 ASP ASP A . n 
A 1 124 GLY 124 124 124 GLY GLY A . n 
A 1 125 SER 125 125 125 SER SER A . n 
A 1 126 PRO 126 126 126 PRO PRO A . n 
A 1 127 ILE 127 127 127 ILE ILE A . n 
A 1 128 GLU 128 128 128 GLU GLU A . n 
A 1 129 ARG 129 129 129 ARG ARG A . n 
A 1 130 GLU 130 130 130 GLU GLU A . n 
A 1 131 ALA 131 131 131 ALA ALA A . n 
A 1 132 GLU 132 132 132 GLU GLU A . n 
A 1 133 GLY 133 133 133 GLY GLY A . n 
A 1 134 PHE 134 134 134 PHE PHE A . n 
A 1 135 HIS 135 135 135 HIS HIS A . n 
A 1 136 ALA 136 136 136 ALA ALA A . n 
A 1 137 ARG 137 137 137 ARG ARG A . n 
A 1 138 VAL 138 138 138 VAL VAL A . n 
A 1 139 VAL 139 139 139 VAL VAL A . n 
A 1 140 GLN 140 140 140 GLN GLN A . n 
A 1 141 HIS 141 141 141 HIS HIS A . n 
A 1 142 GLU 142 142 142 GLU GLU A . n 
A 1 143 TYR 143 143 143 TYR TYR A . n 
A 1 144 ASP 144 144 144 ASP ASP A . n 
A 1 145 HIS 145 145 145 HIS HIS A . n 
A 1 146 LEU 146 146 146 LEU LEU A . n 
A 1 147 VAL 147 147 147 VAL VAL A . n 
A 1 148 GLY 148 148 148 GLY GLY A . n 
A 1 149 ARG 149 149 149 ARG ARG A . n 
A 1 150 LEU 150 150 150 LEU LEU A . n 
A 1 151 TYR 151 151 151 TYR TYR A . n 
A 1 152 PRO 152 152 152 PRO PRO A . n 
A 1 153 SER 153 153 153 SER SER A . n 
A 1 154 ARG 154 154 154 ARG ARG A . n 
A 1 155 ILE 155 155 155 ILE ILE A . n 
A 1 156 GLU 156 156 156 GLU GLU A . n 
A 1 157 ASN 157 157 157 ASN ASN A . n 
A 1 158 PHE 158 158 158 PHE PHE A . n 
A 1 159 ASP 159 159 159 ASP ASP A . n 
A 1 160 THR 160 160 160 THR THR A . n 
A 1 161 PHE 161 161 161 PHE PHE A . n 
A 1 162 GLY 162 162 162 GLY GLY A . n 
A 1 163 PHE 163 163 163 PHE PHE A . n 
A 1 164 ASP 164 164 164 ASP ASP A . n 
A 1 165 ASP 165 165 165 ASP ASP A . n 
A 1 166 VAL 166 166 166 VAL VAL A . n 
A 1 167 LEU 167 167 167 LEU LEU A . n 
A 1 168 SER 168 168 ?   ?   ?   A . n 
A 1 169 TYR 169 169 ?   ?   ?   A . n 
A 1 170 ASP 170 170 ?   ?   ?   A . n 
A 1 171 LEU 171 171 ?   ?   ?   A . n 
# 
loop_
_pdbx_nonpoly_scheme.asym_id 
_pdbx_nonpoly_scheme.entity_id 
_pdbx_nonpoly_scheme.mon_id 
_pdbx_nonpoly_scheme.ndb_seq_num 
_pdbx_nonpoly_scheme.pdb_seq_num 
_pdbx_nonpoly_scheme.auth_seq_num 
_pdbx_nonpoly_scheme.pdb_mon_id 
_pdbx_nonpoly_scheme.auth_mon_id 
_pdbx_nonpoly_scheme.pdb_strand_id 
_pdbx_nonpoly_scheme.pdb_ins_code 
B 2 CD  1  201 201 CD  CD  A . 
C 2 CD  1  202 202 CD  CD  A . 
D 3 ACT 1  203 203 ACT ACT A . 
E 2 CD  1  204 204 CD  CD  A . 
F 4 BB2 1  205 1   BB2 BB2 A . 
G 5 HOH 1  301 326 HOH HOH A . 
G 5 HOH 2  302 304 HOH HOH A . 
G 5 HOH 3  303 301 HOH HOH A . 
G 5 HOH 4  304 305 HOH HOH A . 
G 5 HOH 5  305 303 HOH HOH A . 
G 5 HOH 6  306 302 HOH HOH A . 
G 5 HOH 7  307 306 HOH HOH A . 
G 5 HOH 8  308 307 HOH HOH A . 
G 5 HOH 9  309 308 HOH HOH A . 
G 5 HOH 10 310 310 HOH HOH A . 
G 5 HOH 11 311 311 HOH HOH A . 
G 5 HOH 12 312 309 HOH HOH A . 
G 5 HOH 13 313 314 HOH HOH A . 
G 5 HOH 14 314 316 HOH HOH A . 
G 5 HOH 15 315 312 HOH HOH A . 
G 5 HOH 16 316 321 HOH HOH A . 
G 5 HOH 17 317 319 HOH HOH A . 
G 5 HOH 18 318 320 HOH HOH A . 
G 5 HOH 19 319 318 HOH HOH A . 
G 5 HOH 20 320 317 HOH HOH A . 
G 5 HOH 21 321 315 HOH HOH A . 
G 5 HOH 22 322 313 HOH HOH A . 
G 5 HOH 23 323 324 HOH HOH A . 
G 5 HOH 24 324 322 HOH HOH A . 
G 5 HOH 25 325 323 HOH HOH A . 
G 5 HOH 26 326 327 HOH HOH A . 
G 5 HOH 27 327 325 HOH HOH A . 
G 5 HOH 28 328 331 HOH HOH A . 
G 5 HOH 29 329 333 HOH HOH A . 
G 5 HOH 30 330 340 HOH HOH A . 
G 5 HOH 31 331 332 HOH HOH A . 
G 5 HOH 32 332 328 HOH HOH A . 
G 5 HOH 33 333 330 HOH HOH A . 
G 5 HOH 34 334 329 HOH HOH A . 
G 5 HOH 35 335 336 HOH HOH A . 
G 5 HOH 36 336 339 HOH HOH A . 
G 5 HOH 37 337 337 HOH HOH A . 
G 5 HOH 38 338 338 HOH HOH A . 
G 5 HOH 39 339 335 HOH HOH A . 
G 5 HOH 40 340 334 HOH HOH A . 
G 5 HOH 41 341 347 HOH HOH A . 
G 5 HOH 42 342 342 HOH HOH A . 
G 5 HOH 43 343 341 HOH HOH A . 
G 5 HOH 44 344 359 HOH HOH A . 
G 5 HOH 45 345 344 HOH HOH A . 
G 5 HOH 46 346 343 HOH HOH A . 
G 5 HOH 47 347 346 HOH HOH A . 
G 5 HOH 48 348 373 HOH HOH A . 
G 5 HOH 49 349 349 HOH HOH A . 
G 5 HOH 50 350 345 HOH HOH A . 
G 5 HOH 51 351 348 HOH HOH A . 
G 5 HOH 52 352 350 HOH HOH A . 
G 5 HOH 53 353 355 HOH HOH A . 
G 5 HOH 54 354 352 HOH HOH A . 
G 5 HOH 55 355 351 HOH HOH A . 
G 5 HOH 56 356 354 HOH HOH A . 
G 5 HOH 57 357 353 HOH HOH A . 
G 5 HOH 58 358 357 HOH HOH A . 
G 5 HOH 59 359 360 HOH HOH A . 
G 5 HOH 60 360 361 HOH HOH A . 
G 5 HOH 61 361 356 HOH HOH A . 
G 5 HOH 62 362 358 HOH HOH A . 
G 5 HOH 63 363 362 HOH HOH A . 
G 5 HOH 64 364 364 HOH HOH A . 
G 5 HOH 65 365 366 HOH HOH A . 
G 5 HOH 66 366 365 HOH HOH A . 
G 5 HOH 67 367 363 HOH HOH A . 
G 5 HOH 68 368 370 HOH HOH A . 
G 5 HOH 69 369 372 HOH HOH A . 
G 5 HOH 70 370 368 HOH HOH A . 
G 5 HOH 71 371 367 HOH HOH A . 
G 5 HOH 72 372 369 HOH HOH A . 
G 5 HOH 73 373 371 HOH HOH A . 
G 5 HOH 74 374 375 HOH HOH A . 
G 5 HOH 75 375 379 HOH HOH A . 
G 5 HOH 76 376 374 HOH HOH A . 
G 5 HOH 77 377 377 HOH HOH A . 
G 5 HOH 78 378 376 HOH HOH A . 
G 5 HOH 79 379 378 HOH HOH A . 
G 5 HOH 80 380 380 HOH HOH A . 
G 5 HOH 81 381 381 HOH HOH A . 
G 5 HOH 82 382 384 HOH HOH A . 
G 5 HOH 83 383 383 HOH HOH A . 
G 5 HOH 84 384 382 HOH HOH A . 
G 5 HOH 85 385 385 HOH HOH A . 
G 5 HOH 86 386 386 HOH HOH A . 
G 5 HOH 87 387 387 HOH HOH A . 
G 5 HOH 88 388 388 HOH HOH A . 
# 
_pdbx_struct_assembly.id                   1 
_pdbx_struct_assembly.details              author_and_software_defined_assembly 
_pdbx_struct_assembly.method_details       PISA 
_pdbx_struct_assembly.oligomeric_details   dimeric 
_pdbx_struct_assembly.oligomeric_count     2 
# 
_pdbx_struct_assembly_gen.assembly_id       1 
_pdbx_struct_assembly_gen.oper_expression   1,2 
_pdbx_struct_assembly_gen.asym_id_list      A,B,C,D,E,F,G 
# 
loop_
_pdbx_struct_assembly_prop.biol_id 
_pdbx_struct_assembly_prop.type 
_pdbx_struct_assembly_prop.value 
_pdbx_struct_assembly_prop.details 
1 'ABSA (A^2)' 4440  ? 
1 MORE         -57   ? 
1 'SSA (A^2)'  13920 ? 
# 
loop_
_pdbx_struct_oper_list.id 
_pdbx_struct_oper_list.type 
_pdbx_struct_oper_list.name 
_pdbx_struct_oper_list.symmetry_operation 
_pdbx_struct_oper_list.matrix[1][1] 
_pdbx_struct_oper_list.matrix[1][2] 
_pdbx_struct_oper_list.matrix[1][3] 
_pdbx_struct_oper_list.vector[1] 
_pdbx_struct_oper_list.matrix[2][1] 
_pdbx_struct_oper_list.matrix[2][2] 
_pdbx_struct_oper_list.matrix[2][3] 
_pdbx_struct_oper_list.vector[2] 
_pdbx_struct_oper_list.matrix[3][1] 
_pdbx_struct_oper_list.matrix[3][2] 
_pdbx_struct_oper_list.matrix[3][3] 
_pdbx_struct_oper_list.vector[3] 
1 'identity operation'         1_555 x,y,z     1.0000000000  0.0000000000 0.0000000000  0.0000000000  0.0000000000 1.0000000000 0.0000000000  0.0000000000  0.0000000000  0.0000000000  1.0000000000  0.0000000000  
2 'crystal symmetry operation' 8_555 x-y,-y,-z -0.8233754265 0.5197781877 -0.2277795921 30.7292017818 0.5197781877 0.5296250069 -0.6703193177 -2.2548906928 -0.2277795921 -0.6703193177 -0.7062495804 18.6824865266 
# 
_pdbx_struct_special_symmetry.id              1 
_pdbx_struct_special_symmetry.PDB_model_num   1 
_pdbx_struct_special_symmetry.auth_asym_id    A 
_pdbx_struct_special_symmetry.auth_comp_id    HOH 
_pdbx_struct_special_symmetry.auth_seq_id     387 
_pdbx_struct_special_symmetry.PDB_ins_code    ? 
_pdbx_struct_special_symmetry.label_asym_id   G 
_pdbx_struct_special_symmetry.label_comp_id   HOH 
_pdbx_struct_special_symmetry.label_seq_id    . 
# 
loop_
_pdbx_struct_conn_angle.id 
_pdbx_struct_conn_angle.ptnr1_label_atom_id 
_pdbx_struct_conn_angle.ptnr1_label_alt_id 
_pdbx_struct_conn_angle.ptnr1_label_asym_id 
_pdbx_struct_conn_angle.ptnr1_label_comp_id 
_pdbx_struct_conn_angle.ptnr1_label_seq_id 
_pdbx_struct_conn_angle.ptnr1_auth_atom_id 
_pdbx_struct_conn_angle.ptnr1_auth_asym_id 
_pdbx_struct_conn_angle.ptnr1_auth_comp_id 
_pdbx_struct_conn_angle.ptnr1_auth_seq_id 
_pdbx_struct_conn_angle.ptnr1_PDB_ins_code 
_pdbx_struct_conn_angle.ptnr1_symmetry 
_pdbx_struct_conn_angle.ptnr2_label_atom_id 
_pdbx_struct_conn_angle.ptnr2_label_alt_id 
_pdbx_struct_conn_angle.ptnr2_label_asym_id 
_pdbx_struct_conn_angle.ptnr2_label_comp_id 
_pdbx_struct_conn_angle.ptnr2_label_seq_id 
_pdbx_struct_conn_angle.ptnr2_auth_atom_id 
_pdbx_struct_conn_angle.ptnr2_auth_asym_id 
_pdbx_struct_conn_angle.ptnr2_auth_comp_id 
_pdbx_struct_conn_angle.ptnr2_auth_seq_id 
_pdbx_struct_conn_angle.ptnr2_PDB_ins_code 
_pdbx_struct_conn_angle.ptnr2_symmetry 
_pdbx_struct_conn_angle.ptnr3_label_atom_id 
_pdbx_struct_conn_angle.ptnr3_label_alt_id 
_pdbx_struct_conn_angle.ptnr3_label_asym_id 
_pdbx_struct_conn_angle.ptnr3_label_comp_id 
_pdbx_struct_conn_angle.ptnr3_label_seq_id 
_pdbx_struct_conn_angle.ptnr3_auth_atom_id 
_pdbx_struct_conn_angle.ptnr3_auth_asym_id 
_pdbx_struct_conn_angle.ptnr3_auth_comp_id 
_pdbx_struct_conn_angle.ptnr3_auth_seq_id 
_pdbx_struct_conn_angle.ptnr3_PDB_ins_code 
_pdbx_struct_conn_angle.ptnr3_symmetry 
_pdbx_struct_conn_angle.value 
_pdbx_struct_conn_angle.value_esd 
1  OE2 ? A GLU 37  ? A GLU 37  ? 1_555 CD ? E CD . ? A CD 204 ? 8_445 OE1 ? A GLU 132 ? A GLU 132 ? 1_555 19.6  ? 
2  OE2 ? A GLU 37  ? A GLU 37  ? 1_555 CD ? E CD . ? A CD 204 ? 8_445 O   ? G HOH .   ? A HOH 348 ? 1_555 17.7  ? 
3  OE1 ? A GLU 132 ? A GLU 132 ? 1_555 CD ? E CD . ? A CD 204 ? 8_445 O   ? G HOH .   ? A HOH 348 ? 1_555 3.4   ? 
4  OE2 ? A GLU 37  ? A GLU 37  ? 1_555 CD ? E CD . ? A CD 204 ? 8_445 O   ? G HOH .   ? A HOH 375 ? 8_545 22.6  ? 
5  OE1 ? A GLU 132 ? A GLU 132 ? 1_555 CD ? E CD . ? A CD 204 ? 8_445 O   ? G HOH .   ? A HOH 375 ? 8_545 6.6   ? 
6  O   ? G HOH .   ? A HOH 348 ? 1_555 CD ? E CD . ? A CD 204 ? 8_445 O   ? G HOH .   ? A HOH 375 ? 8_545 5.6   ? 
7  NE2 ? A HIS 43  ? A HIS 43  ? 1_555 CD ? B CD . ? A CD 201 ? 8_445 OE1 ? A GLU 128 ? A GLU 128 ? 1_555 54.3  ? 
8  NE2 ? A HIS 43  ? A HIS 43  ? 1_555 CD ? B CD . ? A CD 201 ? 8_445 OE1 ? A GLU 130 ? A GLU 130 ? 1_555 50.8  ? 
9  OE1 ? A GLU 128 ? A GLU 128 ? 1_555 CD ? B CD . ? A CD 201 ? 8_445 OE1 ? A GLU 130 ? A GLU 130 ? 1_555 5.1   ? 
10 NE2 ? A HIS 43  ? A HIS 43  ? 1_555 CD ? B CD . ? A CD 201 ? 8_445 OE2 ? A GLU 130 ? A GLU 130 ? 1_555 52.7  ? 
11 OE1 ? A GLU 128 ? A GLU 128 ? 1_555 CD ? B CD . ? A CD 201 ? 8_445 OE2 ? A GLU 130 ? A GLU 130 ? 1_555 6.9   ? 
12 OE1 ? A GLU 130 ? A GLU 130 ? 1_555 CD ? B CD . ? A CD 201 ? 8_445 OE2 ? A GLU 130 ? A GLU 130 ? 1_555 3.5   ? 
13 NE2 ? A HIS 43  ? A HIS 43  ? 1_555 CD ? B CD . ? A CD 201 ? 8_445 O   ? G HOH .   ? A HOH 301 ? 1_555 55.7  ? 
14 OE1 ? A GLU 128 ? A GLU 128 ? 1_555 CD ? B CD . ? A CD 201 ? 8_445 O   ? G HOH .   ? A HOH 301 ? 1_555 7.1   ? 
15 OE1 ? A GLU 130 ? A GLU 130 ? 1_555 CD ? B CD . ? A CD 201 ? 8_445 O   ? G HOH .   ? A HOH 301 ? 1_555 5.8   ? 
16 OE2 ? A GLU 130 ? A GLU 130 ? 1_555 CD ? B CD . ? A CD 201 ? 8_445 O   ? G HOH .   ? A HOH 301 ? 1_555 3.0   ? 
17 NE2 ? A HIS 43  ? A HIS 43  ? 1_555 CD ? B CD . ? A CD 201 ? 8_445 O   ? G HOH .   ? A HOH 344 ? 1_555 57.5  ? 
18 OE1 ? A GLU 128 ? A GLU 128 ? 1_555 CD ? B CD . ? A CD 201 ? 8_445 O   ? G HOH .   ? A HOH 344 ? 1_555 6.3   ? 
19 OE1 ? A GLU 130 ? A GLU 130 ? 1_555 CD ? B CD . ? A CD 201 ? 8_445 O   ? G HOH .   ? A HOH 344 ? 1_555 6.9   ? 
20 OE2 ? A GLU 130 ? A GLU 130 ? 1_555 CD ? B CD . ? A CD 201 ? 8_445 O   ? G HOH .   ? A HOH 344 ? 1_555 5.0   ? 
21 O   ? G HOH .   ? A HOH 301 ? 1_555 CD ? B CD . ? A CD 201 ? 8_445 O   ? G HOH .   ? A HOH 344 ? 1_555 2.4   ? 
22 SG  ? A CYS 99  ? A CYS 99  ? 1_555 CD ? C CD . ? A CD 202 ? 1_555 NE2 ? A HIS 141 ? A HIS 141 ? 1_555 115.6 ? 
23 SG  ? A CYS 99  ? A CYS 99  ? 1_555 CD ? C CD . ? A CD 202 ? 1_555 NE2 ? A HIS 145 ? A HIS 145 ? 1_555 93.9  ? 
24 NE2 ? A HIS 141 ? A HIS 141 ? 1_555 CD ? C CD . ? A CD 202 ? 1_555 NE2 ? A HIS 145 ? A HIS 145 ? 1_555 101.7 ? 
25 SG  ? A CYS 99  ? A CYS 99  ? 1_555 CD ? C CD . ? A CD 202 ? 1_555 O4  ? F BB2 .   ? A BB2 205 ? 1_555 97.0  ? 
26 NE2 ? A HIS 141 ? A HIS 141 ? 1_555 CD ? C CD . ? A CD 202 ? 1_555 O4  ? F BB2 .   ? A BB2 205 ? 1_555 104.2 ? 
27 NE2 ? A HIS 145 ? A HIS 145 ? 1_555 CD ? C CD . ? A CD 202 ? 1_555 O4  ? F BB2 .   ? A BB2 205 ? 1_555 143.9 ? 
28 SG  ? A CYS 99  ? A CYS 99  ? 1_555 CD ? C CD . ? A CD 202 ? 1_555 O2  ? F BB2 .   ? A BB2 205 ? 1_555 153.8 ? 
29 NE2 ? A HIS 141 ? A HIS 141 ? 1_555 CD ? C CD . ? A CD 202 ? 1_555 O2  ? F BB2 .   ? A BB2 205 ? 1_555 90.4  ? 
30 NE2 ? A HIS 145 ? A HIS 145 ? 1_555 CD ? C CD . ? A CD 202 ? 1_555 O2  ? F BB2 .   ? A BB2 205 ? 1_555 83.5  ? 
31 O4  ? F BB2 .   ? A BB2 205 ? 1_555 CD ? C CD . ? A CD 202 ? 1_555 O2  ? F BB2 .   ? A BB2 205 ? 1_555 71.8  ? 
# 
loop_
_pdbx_audit_revision_history.ordinal 
_pdbx_audit_revision_history.data_content_type 
_pdbx_audit_revision_history.major_revision 
_pdbx_audit_revision_history.minor_revision 
_pdbx_audit_revision_history.revision_date 
1 'Structure model' 1 0 2016-08-03 
2 'Structure model' 1 1 2023-11-08 
# 
_pdbx_audit_revision_details.ordinal             1 
_pdbx_audit_revision_details.revision_ordinal    1 
_pdbx_audit_revision_details.data_content_type   'Structure model' 
_pdbx_audit_revision_details.provider            repository 
_pdbx_audit_revision_details.type                'Initial release' 
_pdbx_audit_revision_details.description         ? 
_pdbx_audit_revision_details.details             ? 
# 
loop_
_pdbx_audit_revision_group.ordinal 
_pdbx_audit_revision_group.revision_ordinal 
_pdbx_audit_revision_group.data_content_type 
_pdbx_audit_revision_group.group 
1 2 'Structure model' 'Data collection'        
2 2 'Structure model' 'Database references'    
3 2 'Structure model' 'Derived calculations'   
4 2 'Structure model' 'Refinement description' 
# 
loop_
_pdbx_audit_revision_category.ordinal 
_pdbx_audit_revision_category.revision_ordinal 
_pdbx_audit_revision_category.data_content_type 
_pdbx_audit_revision_category.category 
1 2 'Structure model' chem_comp_atom                
2 2 'Structure model' chem_comp_bond                
3 2 'Structure model' database_2                    
4 2 'Structure model' pdbx_initial_refinement_model 
5 2 'Structure model' pdbx_struct_conn_angle        
6 2 'Structure model' pdbx_struct_oper_list         
7 2 'Structure model' struct_conn                   
# 
loop_
_pdbx_audit_revision_item.ordinal 
_pdbx_audit_revision_item.revision_ordinal 
_pdbx_audit_revision_item.data_content_type 
_pdbx_audit_revision_item.item 
1  2 'Structure model' '_database_2.pdbx_DOI'                        
2  2 'Structure model' '_database_2.pdbx_database_accession'         
3  2 'Structure model' '_pdbx_struct_conn_angle.ptnr1_auth_comp_id'  
4  2 'Structure model' '_pdbx_struct_conn_angle.ptnr1_auth_seq_id'   
5  2 'Structure model' '_pdbx_struct_conn_angle.ptnr1_label_asym_id' 
6  2 'Structure model' '_pdbx_struct_conn_angle.ptnr1_label_atom_id' 
7  2 'Structure model' '_pdbx_struct_conn_angle.ptnr1_label_comp_id' 
8  2 'Structure model' '_pdbx_struct_conn_angle.ptnr1_label_seq_id'  
9  2 'Structure model' '_pdbx_struct_conn_angle.ptnr2_auth_seq_id'   
10 2 'Structure model' '_pdbx_struct_conn_angle.ptnr2_label_asym_id' 
11 2 'Structure model' '_pdbx_struct_conn_angle.ptnr2_symmetry'      
12 2 'Structure model' '_pdbx_struct_conn_angle.ptnr3_auth_comp_id'  
13 2 'Structure model' '_pdbx_struct_conn_angle.ptnr3_auth_seq_id'   
14 2 'Structure model' '_pdbx_struct_conn_angle.ptnr3_label_asym_id' 
15 2 'Structure model' '_pdbx_struct_conn_angle.ptnr3_label_atom_id' 
16 2 'Structure model' '_pdbx_struct_conn_angle.ptnr3_label_comp_id' 
17 2 'Structure model' '_pdbx_struct_conn_angle.ptnr3_label_seq_id'  
18 2 'Structure model' '_pdbx_struct_conn_angle.ptnr3_symmetry'      
19 2 'Structure model' '_pdbx_struct_conn_angle.value'               
20 2 'Structure model' '_pdbx_struct_oper_list.symmetry_operation'   
21 2 'Structure model' '_struct_conn.pdbx_dist_value'                
22 2 'Structure model' '_struct_conn.ptnr1_auth_comp_id'             
23 2 'Structure model' '_struct_conn.ptnr1_auth_seq_id'              
24 2 'Structure model' '_struct_conn.ptnr1_label_asym_id'            
25 2 'Structure model' '_struct_conn.ptnr1_label_atom_id'            
26 2 'Structure model' '_struct_conn.ptnr1_label_comp_id'            
27 2 'Structure model' '_struct_conn.ptnr1_label_seq_id'             
28 2 'Structure model' '_struct_conn.ptnr2_auth_comp_id'             
29 2 'Structure model' '_struct_conn.ptnr2_auth_seq_id'              
30 2 'Structure model' '_struct_conn.ptnr2_label_asym_id'            
31 2 'Structure model' '_struct_conn.ptnr2_label_atom_id'            
32 2 'Structure model' '_struct_conn.ptnr2_label_comp_id'            
33 2 'Structure model' '_struct_conn.ptnr2_symmetry'                 
# 
loop_
_software.citation_id 
_software.classification 
_software.compiler_name 
_software.compiler_version 
_software.contact_author 
_software.contact_author_email 
_software.date 
_software.description 
_software.dependencies 
_software.hardware 
_software.language 
_software.location 
_software.mods 
_software.name 
_software.os 
_software.os_version 
_software.type 
_software.version 
_software.pdbx_ordinal 
? refinement       ? ? ? ? ? ? ? ? ? ? ? REFMAC   ? ? ? 5.7.0032 1 
? 'data reduction' ? ? ? ? ? ? ? ? ? ? ? HKL-2000 ? ? ? .        2 
? 'data scaling'   ? ? ? ? ? ? ? ? ? ? ? HKL-2000 ? ? ? .        3 
? phasing          ? ? ? ? ? ? ? ? ? ? ? HKL-2000 ? ? ? .        4 
# 
_pdbx_validate_close_contact.id               1 
_pdbx_validate_close_contact.PDB_model_num    1 
_pdbx_validate_close_contact.auth_atom_id_1   OE1 
_pdbx_validate_close_contact.auth_asym_id_1   A 
_pdbx_validate_close_contact.auth_comp_id_1   GLU 
_pdbx_validate_close_contact.auth_seq_id_1    86 
_pdbx_validate_close_contact.PDB_ins_code_1   ? 
_pdbx_validate_close_contact.label_alt_id_1   ? 
_pdbx_validate_close_contact.auth_atom_id_2   NH1 
_pdbx_validate_close_contact.auth_asym_id_2   A 
_pdbx_validate_close_contact.auth_comp_id_2   ARG 
_pdbx_validate_close_contact.auth_seq_id_2    118 
_pdbx_validate_close_contact.PDB_ins_code_2   ? 
_pdbx_validate_close_contact.label_alt_id_2   ? 
_pdbx_validate_close_contact.dist             2.04 
# 
_pdbx_validate_symm_contact.id                1 
_pdbx_validate_symm_contact.PDB_model_num     1 
_pdbx_validate_symm_contact.auth_atom_id_1    O 
_pdbx_validate_symm_contact.auth_asym_id_1    A 
_pdbx_validate_symm_contact.auth_comp_id_1    HOH 
_pdbx_validate_symm_contact.auth_seq_id_1     312 
_pdbx_validate_symm_contact.PDB_ins_code_1    ? 
_pdbx_validate_symm_contact.label_alt_id_1    ? 
_pdbx_validate_symm_contact.site_symmetry_1   1_555 
_pdbx_validate_symm_contact.auth_atom_id_2    O 
_pdbx_validate_symm_contact.auth_asym_id_2    A 
_pdbx_validate_symm_contact.auth_comp_id_2    HOH 
_pdbx_validate_symm_contact.auth_seq_id_2     312 
_pdbx_validate_symm_contact.PDB_ins_code_2    ? 
_pdbx_validate_symm_contact.label_alt_id_2    ? 
_pdbx_validate_symm_contact.site_symmetry_2   8_555 
_pdbx_validate_symm_contact.dist              2.17 
# 
_pdbx_validate_rmsd_angle.id                         1 
_pdbx_validate_rmsd_angle.PDB_model_num              1 
_pdbx_validate_rmsd_angle.auth_atom_id_1             CA 
_pdbx_validate_rmsd_angle.auth_asym_id_1             A 
_pdbx_validate_rmsd_angle.auth_comp_id_1             CYS 
_pdbx_validate_rmsd_angle.auth_seq_id_1              99 
_pdbx_validate_rmsd_angle.PDB_ins_code_1             ? 
_pdbx_validate_rmsd_angle.label_alt_id_1             ? 
_pdbx_validate_rmsd_angle.auth_atom_id_2             CB 
_pdbx_validate_rmsd_angle.auth_asym_id_2             A 
_pdbx_validate_rmsd_angle.auth_comp_id_2             CYS 
_pdbx_validate_rmsd_angle.auth_seq_id_2              99 
_pdbx_validate_rmsd_angle.PDB_ins_code_2             ? 
_pdbx_validate_rmsd_angle.label_alt_id_2             ? 
_pdbx_validate_rmsd_angle.auth_atom_id_3             SG 
_pdbx_validate_rmsd_angle.auth_asym_id_3             A 
_pdbx_validate_rmsd_angle.auth_comp_id_3             CYS 
_pdbx_validate_rmsd_angle.auth_seq_id_3              99 
_pdbx_validate_rmsd_angle.PDB_ins_code_3             ? 
_pdbx_validate_rmsd_angle.label_alt_id_3             ? 
_pdbx_validate_rmsd_angle.angle_value                121.54 
_pdbx_validate_rmsd_angle.angle_target_value         114.20 
_pdbx_validate_rmsd_angle.angle_deviation            7.34 
_pdbx_validate_rmsd_angle.angle_standard_deviation   1.10 
_pdbx_validate_rmsd_angle.linker_flag                N 
# 
_pdbx_validate_torsion.id              1 
_pdbx_validate_torsion.PDB_model_num   1 
_pdbx_validate_torsion.auth_comp_id    GLN 
_pdbx_validate_torsion.auth_asym_id    A 
_pdbx_validate_torsion.auth_seq_id     57 
_pdbx_validate_torsion.PDB_ins_code    ? 
_pdbx_validate_torsion.label_alt_id    ? 
_pdbx_validate_torsion.phi             -65.51 
_pdbx_validate_torsion.psi             71.12 
# 
loop_
_pdbx_unobs_or_zero_occ_atoms.id 
_pdbx_unobs_or_zero_occ_atoms.PDB_model_num 
_pdbx_unobs_or_zero_occ_atoms.polymer_flag 
_pdbx_unobs_or_zero_occ_atoms.occupancy_flag 
_pdbx_unobs_or_zero_occ_atoms.auth_asym_id 
_pdbx_unobs_or_zero_occ_atoms.auth_comp_id 
_pdbx_unobs_or_zero_occ_atoms.auth_seq_id 
_pdbx_unobs_or_zero_occ_atoms.PDB_ins_code 
_pdbx_unobs_or_zero_occ_atoms.auth_atom_id 
_pdbx_unobs_or_zero_occ_atoms.label_alt_id 
_pdbx_unobs_or_zero_occ_atoms.label_asym_id 
_pdbx_unobs_or_zero_occ_atoms.label_comp_id 
_pdbx_unobs_or_zero_occ_atoms.label_seq_id 
_pdbx_unobs_or_zero_occ_atoms.label_atom_id 
1 1 Y 1 A PHE 63 ? CG  ? A PHE 63 CG  
2 1 Y 1 A PHE 63 ? CD1 ? A PHE 63 CD1 
3 1 Y 1 A PHE 63 ? CD2 ? A PHE 63 CD2 
4 1 Y 1 A PHE 63 ? CE1 ? A PHE 63 CE1 
5 1 Y 1 A PHE 63 ? CE2 ? A PHE 63 CE2 
6 1 Y 1 A PHE 63 ? CZ  ? A PHE 63 CZ  
# 
loop_
_pdbx_unobs_or_zero_occ_residues.id 
_pdbx_unobs_or_zero_occ_residues.PDB_model_num 
_pdbx_unobs_or_zero_occ_residues.polymer_flag 
_pdbx_unobs_or_zero_occ_residues.occupancy_flag 
_pdbx_unobs_or_zero_occ_residues.auth_asym_id 
_pdbx_unobs_or_zero_occ_residues.auth_comp_id 
_pdbx_unobs_or_zero_occ_residues.auth_seq_id 
_pdbx_unobs_or_zero_occ_residues.PDB_ins_code 
_pdbx_unobs_or_zero_occ_residues.label_asym_id 
_pdbx_unobs_or_zero_occ_residues.label_comp_id 
_pdbx_unobs_or_zero_occ_residues.label_seq_id 
1  1 Y 1 A GLU 64  ? A GLU 64  
2  1 Y 1 A ALA 65  ? A ALA 65  
3  1 Y 1 A SER 66  ? A SER 66  
4  1 Y 1 A GLU 67  ? A GLU 67  
5  1 Y 1 A ARG 68  ? A ARG 68  
6  1 Y 1 A TYR 69  ? A TYR 69  
7  1 Y 1 A PRO 70  ? A PRO 70  
8  1 Y 1 A GLU 71  ? A GLU 71  
9  1 Y 1 A ALA 72  ? A ALA 72  
10 1 Y 1 A SER 168 ? A SER 168 
11 1 Y 1 A TYR 169 ? A TYR 169 
12 1 Y 1 A ASP 170 ? A ASP 170 
13 1 Y 1 A LEU 171 ? A LEU 171 
# 
loop_
_chem_comp_atom.comp_id 
_chem_comp_atom.atom_id 
_chem_comp_atom.type_symbol 
_chem_comp_atom.pdbx_aromatic_flag 
_chem_comp_atom.pdbx_stereo_config 
_chem_comp_atom.pdbx_ordinal 
ACT C    C  N N 1   
ACT O    O  N N 2   
ACT OXT  O  N N 3   
ACT CH3  C  N N 4   
ACT H1   H  N N 5   
ACT H2   H  N N 6   
ACT H3   H  N N 7   
ALA N    N  N N 8   
ALA CA   C  N S 9   
ALA C    C  N N 10  
ALA O    O  N N 11  
ALA CB   C  N N 12  
ALA OXT  O  N N 13  
ALA H    H  N N 14  
ALA H2   H  N N 15  
ALA HA   H  N N 16  
ALA HB1  H  N N 17  
ALA HB2  H  N N 18  
ALA HB3  H  N N 19  
ALA HXT  H  N N 20  
ARG N    N  N N 21  
ARG CA   C  N S 22  
ARG C    C  N N 23  
ARG O    O  N N 24  
ARG CB   C  N N 25  
ARG CG   C  N N 26  
ARG CD   C  N N 27  
ARG NE   N  N N 28  
ARG CZ   C  N N 29  
ARG NH1  N  N N 30  
ARG NH2  N  N N 31  
ARG OXT  O  N N 32  
ARG H    H  N N 33  
ARG H2   H  N N 34  
ARG HA   H  N N 35  
ARG HB2  H  N N 36  
ARG HB3  H  N N 37  
ARG HG2  H  N N 38  
ARG HG3  H  N N 39  
ARG HD2  H  N N 40  
ARG HD3  H  N N 41  
ARG HE   H  N N 42  
ARG HH11 H  N N 43  
ARG HH12 H  N N 44  
ARG HH21 H  N N 45  
ARG HH22 H  N N 46  
ARG HXT  H  N N 47  
ASN N    N  N N 48  
ASN CA   C  N S 49  
ASN C    C  N N 50  
ASN O    O  N N 51  
ASN CB   C  N N 52  
ASN CG   C  N N 53  
ASN OD1  O  N N 54  
ASN ND2  N  N N 55  
ASN OXT  O  N N 56  
ASN H    H  N N 57  
ASN H2   H  N N 58  
ASN HA   H  N N 59  
ASN HB2  H  N N 60  
ASN HB3  H  N N 61  
ASN HD21 H  N N 62  
ASN HD22 H  N N 63  
ASN HXT  H  N N 64  
ASP N    N  N N 65  
ASP CA   C  N S 66  
ASP C    C  N N 67  
ASP O    O  N N 68  
ASP CB   C  N N 69  
ASP CG   C  N N 70  
ASP OD1  O  N N 71  
ASP OD2  O  N N 72  
ASP OXT  O  N N 73  
ASP H    H  N N 74  
ASP H2   H  N N 75  
ASP HA   H  N N 76  
ASP HB2  H  N N 77  
ASP HB3  H  N N 78  
ASP HD2  H  N N 79  
ASP HXT  H  N N 80  
BB2 C5   C  N N 81  
BB2 C3   C  N N 82  
BB2 O4   O  N N 83  
BB2 N1   N  N N 84  
BB2 O2   O  N N 85  
BB2 C6   C  N R 86  
BB2 C12  C  N N 87  
BB2 O13  O  N N 88  
BB2 C7   C  N N 89  
BB2 C8   C  N N 90  
BB2 C9   C  N N 91  
BB2 C10  C  N N 92  
BB2 C11  C  N N 93  
BB2 N14  N  N N 94  
BB2 C15  C  N S 95  
BB2 C16  C  N N 96  
BB2 C18  C  N N 97  
BB2 C17  C  N N 98  
BB2 C19  C  N N 99  
BB2 O20  O  N N 100 
BB2 N21  N  N N 101 
BB2 C22  C  N S 102 
BB2 C23  C  N N 103 
BB2 C24  C  N N 104 
BB2 C25  C  N N 105 
BB2 C26  C  N N 106 
BB2 O27  O  N N 107 
BB2 H51  H  N N 108 
BB2 H52  H  N N 109 
BB2 HN1  H  N N 110 
BB2 HO2  H  N N 111 
BB2 H6   H  N N 112 
BB2 H71  H  N N 113 
BB2 H72  H  N N 114 
BB2 H81  H  N N 115 
BB2 H82  H  N N 116 
BB2 H91  H  N N 117 
BB2 H92  H  N N 118 
BB2 H101 H  N N 119 
BB2 H102 H  N N 120 
BB2 H111 H  N N 121 
BB2 H112 H  N N 122 
BB2 H113 H  N N 123 
BB2 H14  H  N N 124 
BB2 H15  H  N N 125 
BB2 H16  H  N N 126 
BB2 H181 H  N N 127 
BB2 H182 H  N N 128 
BB2 H183 H  N N 129 
BB2 H171 H  N N 130 
BB2 H172 H  N N 131 
BB2 H173 H  N N 132 
BB2 H22  H  N N 133 
BB2 H231 H  N N 134 
BB2 H232 H  N N 135 
BB2 H241 H  N N 136 
BB2 H242 H  N N 137 
BB2 H251 H  N N 138 
BB2 H252 H  N N 139 
BB2 H261 H  N N 140 
BB2 H262 H  N N 141 
BB2 H27  H  N N 142 
CD  CD   CD N N 143 
CYS N    N  N N 144 
CYS CA   C  N R 145 
CYS C    C  N N 146 
CYS O    O  N N 147 
CYS CB   C  N N 148 
CYS SG   S  N N 149 
CYS OXT  O  N N 150 
CYS H    H  N N 151 
CYS H2   H  N N 152 
CYS HA   H  N N 153 
CYS HB2  H  N N 154 
CYS HB3  H  N N 155 
CYS HG   H  N N 156 
CYS HXT  H  N N 157 
GLN N    N  N N 158 
GLN CA   C  N S 159 
GLN C    C  N N 160 
GLN O    O  N N 161 
GLN CB   C  N N 162 
GLN CG   C  N N 163 
GLN CD   C  N N 164 
GLN OE1  O  N N 165 
GLN NE2  N  N N 166 
GLN OXT  O  N N 167 
GLN H    H  N N 168 
GLN H2   H  N N 169 
GLN HA   H  N N 170 
GLN HB2  H  N N 171 
GLN HB3  H  N N 172 
GLN HG2  H  N N 173 
GLN HG3  H  N N 174 
GLN HE21 H  N N 175 
GLN HE22 H  N N 176 
GLN HXT  H  N N 177 
GLU N    N  N N 178 
GLU CA   C  N S 179 
GLU C    C  N N 180 
GLU O    O  N N 181 
GLU CB   C  N N 182 
GLU CG   C  N N 183 
GLU CD   C  N N 184 
GLU OE1  O  N N 185 
GLU OE2  O  N N 186 
GLU OXT  O  N N 187 
GLU H    H  N N 188 
GLU H2   H  N N 189 
GLU HA   H  N N 190 
GLU HB2  H  N N 191 
GLU HB3  H  N N 192 
GLU HG2  H  N N 193 
GLU HG3  H  N N 194 
GLU HE2  H  N N 195 
GLU HXT  H  N N 196 
GLY N    N  N N 197 
GLY CA   C  N N 198 
GLY C    C  N N 199 
GLY O    O  N N 200 
GLY OXT  O  N N 201 
GLY H    H  N N 202 
GLY H2   H  N N 203 
GLY HA2  H  N N 204 
GLY HA3  H  N N 205 
GLY HXT  H  N N 206 
HIS N    N  N N 207 
HIS CA   C  N S 208 
HIS C    C  N N 209 
HIS O    O  N N 210 
HIS CB   C  N N 211 
HIS CG   C  Y N 212 
HIS ND1  N  Y N 213 
HIS CD2  C  Y N 214 
HIS CE1  C  Y N 215 
HIS NE2  N  Y N 216 
HIS OXT  O  N N 217 
HIS H    H  N N 218 
HIS H2   H  N N 219 
HIS HA   H  N N 220 
HIS HB2  H  N N 221 
HIS HB3  H  N N 222 
HIS HD1  H  N N 223 
HIS HD2  H  N N 224 
HIS HE1  H  N N 225 
HIS HE2  H  N N 226 
HIS HXT  H  N N 227 
HOH O    O  N N 228 
HOH H1   H  N N 229 
HOH H2   H  N N 230 
ILE N    N  N N 231 
ILE CA   C  N S 232 
ILE C    C  N N 233 
ILE O    O  N N 234 
ILE CB   C  N S 235 
ILE CG1  C  N N 236 
ILE CG2  C  N N 237 
ILE CD1  C  N N 238 
ILE OXT  O  N N 239 
ILE H    H  N N 240 
ILE H2   H  N N 241 
ILE HA   H  N N 242 
ILE HB   H  N N 243 
ILE HG12 H  N N 244 
ILE HG13 H  N N 245 
ILE HG21 H  N N 246 
ILE HG22 H  N N 247 
ILE HG23 H  N N 248 
ILE HD11 H  N N 249 
ILE HD12 H  N N 250 
ILE HD13 H  N N 251 
ILE HXT  H  N N 252 
LEU N    N  N N 253 
LEU CA   C  N S 254 
LEU C    C  N N 255 
LEU O    O  N N 256 
LEU CB   C  N N 257 
LEU CG   C  N N 258 
LEU CD1  C  N N 259 
LEU CD2  C  N N 260 
LEU OXT  O  N N 261 
LEU H    H  N N 262 
LEU H2   H  N N 263 
LEU HA   H  N N 264 
LEU HB2  H  N N 265 
LEU HB3  H  N N 266 
LEU HG   H  N N 267 
LEU HD11 H  N N 268 
LEU HD12 H  N N 269 
LEU HD13 H  N N 270 
LEU HD21 H  N N 271 
LEU HD22 H  N N 272 
LEU HD23 H  N N 273 
LEU HXT  H  N N 274 
LYS N    N  N N 275 
LYS CA   C  N S 276 
LYS C    C  N N 277 
LYS O    O  N N 278 
LYS CB   C  N N 279 
LYS CG   C  N N 280 
LYS CD   C  N N 281 
LYS CE   C  N N 282 
LYS NZ   N  N N 283 
LYS OXT  O  N N 284 
LYS H    H  N N 285 
LYS H2   H  N N 286 
LYS HA   H  N N 287 
LYS HB2  H  N N 288 
LYS HB3  H  N N 289 
LYS HG2  H  N N 290 
LYS HG3  H  N N 291 
LYS HD2  H  N N 292 
LYS HD3  H  N N 293 
LYS HE2  H  N N 294 
LYS HE3  H  N N 295 
LYS HZ1  H  N N 296 
LYS HZ2  H  N N 297 
LYS HZ3  H  N N 298 
LYS HXT  H  N N 299 
MET N    N  N N 300 
MET CA   C  N S 301 
MET C    C  N N 302 
MET O    O  N N 303 
MET CB   C  N N 304 
MET CG   C  N N 305 
MET SD   S  N N 306 
MET CE   C  N N 307 
MET OXT  O  N N 308 
MET H    H  N N 309 
MET H2   H  N N 310 
MET HA   H  N N 311 
MET HB2  H  N N 312 
MET HB3  H  N N 313 
MET HG2  H  N N 314 
MET HG3  H  N N 315 
MET HE1  H  N N 316 
MET HE2  H  N N 317 
MET HE3  H  N N 318 
MET HXT  H  N N 319 
PHE N    N  N N 320 
PHE CA   C  N S 321 
PHE C    C  N N 322 
PHE O    O  N N 323 
PHE CB   C  N N 324 
PHE CG   C  Y N 325 
PHE CD1  C  Y N 326 
PHE CD2  C  Y N 327 
PHE CE1  C  Y N 328 
PHE CE2  C  Y N 329 
PHE CZ   C  Y N 330 
PHE OXT  O  N N 331 
PHE H    H  N N 332 
PHE H2   H  N N 333 
PHE HA   H  N N 334 
PHE HB2  H  N N 335 
PHE HB3  H  N N 336 
PHE HD1  H  N N 337 
PHE HD2  H  N N 338 
PHE HE1  H  N N 339 
PHE HE2  H  N N 340 
PHE HZ   H  N N 341 
PHE HXT  H  N N 342 
PRO N    N  N N 343 
PRO CA   C  N S 344 
PRO C    C  N N 345 
PRO O    O  N N 346 
PRO CB   C  N N 347 
PRO CG   C  N N 348 
PRO CD   C  N N 349 
PRO OXT  O  N N 350 
PRO H    H  N N 351 
PRO HA   H  N N 352 
PRO HB2  H  N N 353 
PRO HB3  H  N N 354 
PRO HG2  H  N N 355 
PRO HG3  H  N N 356 
PRO HD2  H  N N 357 
PRO HD3  H  N N 358 
PRO HXT  H  N N 359 
SER N    N  N N 360 
SER CA   C  N S 361 
SER C    C  N N 362 
SER O    O  N N 363 
SER CB   C  N N 364 
SER OG   O  N N 365 
SER OXT  O  N N 366 
SER H    H  N N 367 
SER H2   H  N N 368 
SER HA   H  N N 369 
SER HB2  H  N N 370 
SER HB3  H  N N 371 
SER HG   H  N N 372 
SER HXT  H  N N 373 
THR N    N  N N 374 
THR CA   C  N S 375 
THR C    C  N N 376 
THR O    O  N N 377 
THR CB   C  N R 378 
THR OG1  O  N N 379 
THR CG2  C  N N 380 
THR OXT  O  N N 381 
THR H    H  N N 382 
THR H2   H  N N 383 
THR HA   H  N N 384 
THR HB   H  N N 385 
THR HG1  H  N N 386 
THR HG21 H  N N 387 
THR HG22 H  N N 388 
THR HG23 H  N N 389 
THR HXT  H  N N 390 
TRP N    N  N N 391 
TRP CA   C  N S 392 
TRP C    C  N N 393 
TRP O    O  N N 394 
TRP CB   C  N N 395 
TRP CG   C  Y N 396 
TRP CD1  C  Y N 397 
TRP CD2  C  Y N 398 
TRP NE1  N  Y N 399 
TRP CE2  C  Y N 400 
TRP CE3  C  Y N 401 
TRP CZ2  C  Y N 402 
TRP CZ3  C  Y N 403 
TRP CH2  C  Y N 404 
TRP OXT  O  N N 405 
TRP H    H  N N 406 
TRP H2   H  N N 407 
TRP HA   H  N N 408 
TRP HB2  H  N N 409 
TRP HB3  H  N N 410 
TRP HD1  H  N N 411 
TRP HE1  H  N N 412 
TRP HE3  H  N N 413 
TRP HZ2  H  N N 414 
TRP HZ3  H  N N 415 
TRP HH2  H  N N 416 
TRP HXT  H  N N 417 
TYR N    N  N N 418 
TYR CA   C  N S 419 
TYR C    C  N N 420 
TYR O    O  N N 421 
TYR CB   C  N N 422 
TYR CG   C  Y N 423 
TYR CD1  C  Y N 424 
TYR CD2  C  Y N 425 
TYR CE1  C  Y N 426 
TYR CE2  C  Y N 427 
TYR CZ   C  Y N 428 
TYR OH   O  N N 429 
TYR OXT  O  N N 430 
TYR H    H  N N 431 
TYR H2   H  N N 432 
TYR HA   H  N N 433 
TYR HB2  H  N N 434 
TYR HB3  H  N N 435 
TYR HD1  H  N N 436 
TYR HD2  H  N N 437 
TYR HE1  H  N N 438 
TYR HE2  H  N N 439 
TYR HH   H  N N 440 
TYR HXT  H  N N 441 
VAL N    N  N N 442 
VAL CA   C  N S 443 
VAL C    C  N N 444 
VAL O    O  N N 445 
VAL CB   C  N N 446 
VAL CG1  C  N N 447 
VAL CG2  C  N N 448 
VAL OXT  O  N N 449 
VAL H    H  N N 450 
VAL H2   H  N N 451 
VAL HA   H  N N 452 
VAL HB   H  N N 453 
VAL HG11 H  N N 454 
VAL HG12 H  N N 455 
VAL HG13 H  N N 456 
VAL HG21 H  N N 457 
VAL HG22 H  N N 458 
VAL HG23 H  N N 459 
VAL HXT  H  N N 460 
# 
loop_
_chem_comp_bond.comp_id 
_chem_comp_bond.atom_id_1 
_chem_comp_bond.atom_id_2 
_chem_comp_bond.value_order 
_chem_comp_bond.pdbx_aromatic_flag 
_chem_comp_bond.pdbx_stereo_config 
_chem_comp_bond.pdbx_ordinal 
ACT C   O    doub N N 1   
ACT C   OXT  sing N N 2   
ACT C   CH3  sing N N 3   
ACT CH3 H1   sing N N 4   
ACT CH3 H2   sing N N 5   
ACT CH3 H3   sing N N 6   
ALA N   CA   sing N N 7   
ALA N   H    sing N N 8   
ALA N   H2   sing N N 9   
ALA CA  C    sing N N 10  
ALA CA  CB   sing N N 11  
ALA CA  HA   sing N N 12  
ALA C   O    doub N N 13  
ALA C   OXT  sing N N 14  
ALA CB  HB1  sing N N 15  
ALA CB  HB2  sing N N 16  
ALA CB  HB3  sing N N 17  
ALA OXT HXT  sing N N 18  
ARG N   CA   sing N N 19  
ARG N   H    sing N N 20  
ARG N   H2   sing N N 21  
ARG CA  C    sing N N 22  
ARG CA  CB   sing N N 23  
ARG CA  HA   sing N N 24  
ARG C   O    doub N N 25  
ARG C   OXT  sing N N 26  
ARG CB  CG   sing N N 27  
ARG CB  HB2  sing N N 28  
ARG CB  HB3  sing N N 29  
ARG CG  CD   sing N N 30  
ARG CG  HG2  sing N N 31  
ARG CG  HG3  sing N N 32  
ARG CD  NE   sing N N 33  
ARG CD  HD2  sing N N 34  
ARG CD  HD3  sing N N 35  
ARG NE  CZ   sing N N 36  
ARG NE  HE   sing N N 37  
ARG CZ  NH1  sing N N 38  
ARG CZ  NH2  doub N N 39  
ARG NH1 HH11 sing N N 40  
ARG NH1 HH12 sing N N 41  
ARG NH2 HH21 sing N N 42  
ARG NH2 HH22 sing N N 43  
ARG OXT HXT  sing N N 44  
ASN N   CA   sing N N 45  
ASN N   H    sing N N 46  
ASN N   H2   sing N N 47  
ASN CA  C    sing N N 48  
ASN CA  CB   sing N N 49  
ASN CA  HA   sing N N 50  
ASN C   O    doub N N 51  
ASN C   OXT  sing N N 52  
ASN CB  CG   sing N N 53  
ASN CB  HB2  sing N N 54  
ASN CB  HB3  sing N N 55  
ASN CG  OD1  doub N N 56  
ASN CG  ND2  sing N N 57  
ASN ND2 HD21 sing N N 58  
ASN ND2 HD22 sing N N 59  
ASN OXT HXT  sing N N 60  
ASP N   CA   sing N N 61  
ASP N   H    sing N N 62  
ASP N   H2   sing N N 63  
ASP CA  C    sing N N 64  
ASP CA  CB   sing N N 65  
ASP CA  HA   sing N N 66  
ASP C   O    doub N N 67  
ASP C   OXT  sing N N 68  
ASP CB  CG   sing N N 69  
ASP CB  HB2  sing N N 70  
ASP CB  HB3  sing N N 71  
ASP CG  OD1  doub N N 72  
ASP CG  OD2  sing N N 73  
ASP OD2 HD2  sing N N 74  
ASP OXT HXT  sing N N 75  
BB2 C5  C3   sing N N 76  
BB2 C5  C6   sing N N 77  
BB2 C5  H51  sing N N 78  
BB2 C5  H52  sing N N 79  
BB2 C3  O4   doub N N 80  
BB2 C3  N1   sing N N 81  
BB2 N1  O2   sing N N 82  
BB2 N1  HN1  sing N N 83  
BB2 O2  HO2  sing N N 84  
BB2 C6  C12  sing N N 85  
BB2 C6  C7   sing N N 86  
BB2 C6  H6   sing N N 87  
BB2 C12 O13  doub N N 88  
BB2 C12 N14  sing N N 89  
BB2 C7  C8   sing N N 90  
BB2 C7  H71  sing N N 91  
BB2 C7  H72  sing N N 92  
BB2 C8  C9   sing N N 93  
BB2 C8  H81  sing N N 94  
BB2 C8  H82  sing N N 95  
BB2 C9  C10  sing N N 96  
BB2 C9  H91  sing N N 97  
BB2 C9  H92  sing N N 98  
BB2 C10 C11  sing N N 99  
BB2 C10 H101 sing N N 100 
BB2 C10 H102 sing N N 101 
BB2 C11 H111 sing N N 102 
BB2 C11 H112 sing N N 103 
BB2 C11 H113 sing N N 104 
BB2 N14 C15  sing N N 105 
BB2 N14 H14  sing N N 106 
BB2 C15 C16  sing N N 107 
BB2 C15 C19  sing N N 108 
BB2 C15 H15  sing N N 109 
BB2 C16 C18  sing N N 110 
BB2 C16 C17  sing N N 111 
BB2 C16 H16  sing N N 112 
BB2 C18 H181 sing N N 113 
BB2 C18 H182 sing N N 114 
BB2 C18 H183 sing N N 115 
BB2 C17 H171 sing N N 116 
BB2 C17 H172 sing N N 117 
BB2 C17 H173 sing N N 118 
BB2 C19 O20  doub N N 119 
BB2 C19 N21  sing N N 120 
BB2 N21 C22  sing N N 121 
BB2 N21 C23  sing N N 122 
BB2 C22 C25  sing N N 123 
BB2 C22 C26  sing N N 124 
BB2 C22 H22  sing N N 125 
BB2 C23 C24  sing N N 126 
BB2 C23 H231 sing N N 127 
BB2 C23 H232 sing N N 128 
BB2 C24 C25  sing N N 129 
BB2 C24 H241 sing N N 130 
BB2 C24 H242 sing N N 131 
BB2 C25 H251 sing N N 132 
BB2 C25 H252 sing N N 133 
BB2 C26 O27  sing N N 134 
BB2 C26 H261 sing N N 135 
BB2 C26 H262 sing N N 136 
BB2 O27 H27  sing N N 137 
CYS N   CA   sing N N 138 
CYS N   H    sing N N 139 
CYS N   H2   sing N N 140 
CYS CA  C    sing N N 141 
CYS CA  CB   sing N N 142 
CYS CA  HA   sing N N 143 
CYS C   O    doub N N 144 
CYS C   OXT  sing N N 145 
CYS CB  SG   sing N N 146 
CYS CB  HB2  sing N N 147 
CYS CB  HB3  sing N N 148 
CYS SG  HG   sing N N 149 
CYS OXT HXT  sing N N 150 
GLN N   CA   sing N N 151 
GLN N   H    sing N N 152 
GLN N   H2   sing N N 153 
GLN CA  C    sing N N 154 
GLN CA  CB   sing N N 155 
GLN CA  HA   sing N N 156 
GLN C   O    doub N N 157 
GLN C   OXT  sing N N 158 
GLN CB  CG   sing N N 159 
GLN CB  HB2  sing N N 160 
GLN CB  HB3  sing N N 161 
GLN CG  CD   sing N N 162 
GLN CG  HG2  sing N N 163 
GLN CG  HG3  sing N N 164 
GLN CD  OE1  doub N N 165 
GLN CD  NE2  sing N N 166 
GLN NE2 HE21 sing N N 167 
GLN NE2 HE22 sing N N 168 
GLN OXT HXT  sing N N 169 
GLU N   CA   sing N N 170 
GLU N   H    sing N N 171 
GLU N   H2   sing N N 172 
GLU CA  C    sing N N 173 
GLU CA  CB   sing N N 174 
GLU CA  HA   sing N N 175 
GLU C   O    doub N N 176 
GLU C   OXT  sing N N 177 
GLU CB  CG   sing N N 178 
GLU CB  HB2  sing N N 179 
GLU CB  HB3  sing N N 180 
GLU CG  CD   sing N N 181 
GLU CG  HG2  sing N N 182 
GLU CG  HG3  sing N N 183 
GLU CD  OE1  doub N N 184 
GLU CD  OE2  sing N N 185 
GLU OE2 HE2  sing N N 186 
GLU OXT HXT  sing N N 187 
GLY N   CA   sing N N 188 
GLY N   H    sing N N 189 
GLY N   H2   sing N N 190 
GLY CA  C    sing N N 191 
GLY CA  HA2  sing N N 192 
GLY CA  HA3  sing N N 193 
GLY C   O    doub N N 194 
GLY C   OXT  sing N N 195 
GLY OXT HXT  sing N N 196 
HIS N   CA   sing N N 197 
HIS N   H    sing N N 198 
HIS N   H2   sing N N 199 
HIS CA  C    sing N N 200 
HIS CA  CB   sing N N 201 
HIS CA  HA   sing N N 202 
HIS C   O    doub N N 203 
HIS C   OXT  sing N N 204 
HIS CB  CG   sing N N 205 
HIS CB  HB2  sing N N 206 
HIS CB  HB3  sing N N 207 
HIS CG  ND1  sing Y N 208 
HIS CG  CD2  doub Y N 209 
HIS ND1 CE1  doub Y N 210 
HIS ND1 HD1  sing N N 211 
HIS CD2 NE2  sing Y N 212 
HIS CD2 HD2  sing N N 213 
HIS CE1 NE2  sing Y N 214 
HIS CE1 HE1  sing N N 215 
HIS NE2 HE2  sing N N 216 
HIS OXT HXT  sing N N 217 
HOH O   H1   sing N N 218 
HOH O   H2   sing N N 219 
ILE N   CA   sing N N 220 
ILE N   H    sing N N 221 
ILE N   H2   sing N N 222 
ILE CA  C    sing N N 223 
ILE CA  CB   sing N N 224 
ILE CA  HA   sing N N 225 
ILE C   O    doub N N 226 
ILE C   OXT  sing N N 227 
ILE CB  CG1  sing N N 228 
ILE CB  CG2  sing N N 229 
ILE CB  HB   sing N N 230 
ILE CG1 CD1  sing N N 231 
ILE CG1 HG12 sing N N 232 
ILE CG1 HG13 sing N N 233 
ILE CG2 HG21 sing N N 234 
ILE CG2 HG22 sing N N 235 
ILE CG2 HG23 sing N N 236 
ILE CD1 HD11 sing N N 237 
ILE CD1 HD12 sing N N 238 
ILE CD1 HD13 sing N N 239 
ILE OXT HXT  sing N N 240 
LEU N   CA   sing N N 241 
LEU N   H    sing N N 242 
LEU N   H2   sing N N 243 
LEU CA  C    sing N N 244 
LEU CA  CB   sing N N 245 
LEU CA  HA   sing N N 246 
LEU C   O    doub N N 247 
LEU C   OXT  sing N N 248 
LEU CB  CG   sing N N 249 
LEU CB  HB2  sing N N 250 
LEU CB  HB3  sing N N 251 
LEU CG  CD1  sing N N 252 
LEU CG  CD2  sing N N 253 
LEU CG  HG   sing N N 254 
LEU CD1 HD11 sing N N 255 
LEU CD1 HD12 sing N N 256 
LEU CD1 HD13 sing N N 257 
LEU CD2 HD21 sing N N 258 
LEU CD2 HD22 sing N N 259 
LEU CD2 HD23 sing N N 260 
LEU OXT HXT  sing N N 261 
LYS N   CA   sing N N 262 
LYS N   H    sing N N 263 
LYS N   H2   sing N N 264 
LYS CA  C    sing N N 265 
LYS CA  CB   sing N N 266 
LYS CA  HA   sing N N 267 
LYS C   O    doub N N 268 
LYS C   OXT  sing N N 269 
LYS CB  CG   sing N N 270 
LYS CB  HB2  sing N N 271 
LYS CB  HB3  sing N N 272 
LYS CG  CD   sing N N 273 
LYS CG  HG2  sing N N 274 
LYS CG  HG3  sing N N 275 
LYS CD  CE   sing N N 276 
LYS CD  HD2  sing N N 277 
LYS CD  HD3  sing N N 278 
LYS CE  NZ   sing N N 279 
LYS CE  HE2  sing N N 280 
LYS CE  HE3  sing N N 281 
LYS NZ  HZ1  sing N N 282 
LYS NZ  HZ2  sing N N 283 
LYS NZ  HZ3  sing N N 284 
LYS OXT HXT  sing N N 285 
MET N   CA   sing N N 286 
MET N   H    sing N N 287 
MET N   H2   sing N N 288 
MET CA  C    sing N N 289 
MET CA  CB   sing N N 290 
MET CA  HA   sing N N 291 
MET C   O    doub N N 292 
MET C   OXT  sing N N 293 
MET CB  CG   sing N N 294 
MET CB  HB2  sing N N 295 
MET CB  HB3  sing N N 296 
MET CG  SD   sing N N 297 
MET CG  HG2  sing N N 298 
MET CG  HG3  sing N N 299 
MET SD  CE   sing N N 300 
MET CE  HE1  sing N N 301 
MET CE  HE2  sing N N 302 
MET CE  HE3  sing N N 303 
MET OXT HXT  sing N N 304 
PHE N   CA   sing N N 305 
PHE N   H    sing N N 306 
PHE N   H2   sing N N 307 
PHE CA  C    sing N N 308 
PHE CA  CB   sing N N 309 
PHE CA  HA   sing N N 310 
PHE C   O    doub N N 311 
PHE C   OXT  sing N N 312 
PHE CB  CG   sing N N 313 
PHE CB  HB2  sing N N 314 
PHE CB  HB3  sing N N 315 
PHE CG  CD1  doub Y N 316 
PHE CG  CD2  sing Y N 317 
PHE CD1 CE1  sing Y N 318 
PHE CD1 HD1  sing N N 319 
PHE CD2 CE2  doub Y N 320 
PHE CD2 HD2  sing N N 321 
PHE CE1 CZ   doub Y N 322 
PHE CE1 HE1  sing N N 323 
PHE CE2 CZ   sing Y N 324 
PHE CE2 HE2  sing N N 325 
PHE CZ  HZ   sing N N 326 
PHE OXT HXT  sing N N 327 
PRO N   CA   sing N N 328 
PRO N   CD   sing N N 329 
PRO N   H    sing N N 330 
PRO CA  C    sing N N 331 
PRO CA  CB   sing N N 332 
PRO CA  HA   sing N N 333 
PRO C   O    doub N N 334 
PRO C   OXT  sing N N 335 
PRO CB  CG   sing N N 336 
PRO CB  HB2  sing N N 337 
PRO CB  HB3  sing N N 338 
PRO CG  CD   sing N N 339 
PRO CG  HG2  sing N N 340 
PRO CG  HG3  sing N N 341 
PRO CD  HD2  sing N N 342 
PRO CD  HD3  sing N N 343 
PRO OXT HXT  sing N N 344 
SER N   CA   sing N N 345 
SER N   H    sing N N 346 
SER N   H2   sing N N 347 
SER CA  C    sing N N 348 
SER CA  CB   sing N N 349 
SER CA  HA   sing N N 350 
SER C   O    doub N N 351 
SER C   OXT  sing N N 352 
SER CB  OG   sing N N 353 
SER CB  HB2  sing N N 354 
SER CB  HB3  sing N N 355 
SER OG  HG   sing N N 356 
SER OXT HXT  sing N N 357 
THR N   CA   sing N N 358 
THR N   H    sing N N 359 
THR N   H2   sing N N 360 
THR CA  C    sing N N 361 
THR CA  CB   sing N N 362 
THR CA  HA   sing N N 363 
THR C   O    doub N N 364 
THR C   OXT  sing N N 365 
THR CB  OG1  sing N N 366 
THR CB  CG2  sing N N 367 
THR CB  HB   sing N N 368 
THR OG1 HG1  sing N N 369 
THR CG2 HG21 sing N N 370 
THR CG2 HG22 sing N N 371 
THR CG2 HG23 sing N N 372 
THR OXT HXT  sing N N 373 
TRP N   CA   sing N N 374 
TRP N   H    sing N N 375 
TRP N   H2   sing N N 376 
TRP CA  C    sing N N 377 
TRP CA  CB   sing N N 378 
TRP CA  HA   sing N N 379 
TRP C   O    doub N N 380 
TRP C   OXT  sing N N 381 
TRP CB  CG   sing N N 382 
TRP CB  HB2  sing N N 383 
TRP CB  HB3  sing N N 384 
TRP CG  CD1  doub Y N 385 
TRP CG  CD2  sing Y N 386 
TRP CD1 NE1  sing Y N 387 
TRP CD1 HD1  sing N N 388 
TRP CD2 CE2  doub Y N 389 
TRP CD2 CE3  sing Y N 390 
TRP NE1 CE2  sing Y N 391 
TRP NE1 HE1  sing N N 392 
TRP CE2 CZ2  sing Y N 393 
TRP CE3 CZ3  doub Y N 394 
TRP CE3 HE3  sing N N 395 
TRP CZ2 CH2  doub Y N 396 
TRP CZ2 HZ2  sing N N 397 
TRP CZ3 CH2  sing Y N 398 
TRP CZ3 HZ3  sing N N 399 
TRP CH2 HH2  sing N N 400 
TRP OXT HXT  sing N N 401 
TYR N   CA   sing N N 402 
TYR N   H    sing N N 403 
TYR N   H2   sing N N 404 
TYR CA  C    sing N N 405 
TYR CA  CB   sing N N 406 
TYR CA  HA   sing N N 407 
TYR C   O    doub N N 408 
TYR C   OXT  sing N N 409 
TYR CB  CG   sing N N 410 
TYR CB  HB2  sing N N 411 
TYR CB  HB3  sing N N 412 
TYR CG  CD1  doub Y N 413 
TYR CG  CD2  sing Y N 414 
TYR CD1 CE1  sing Y N 415 
TYR CD1 HD1  sing N N 416 
TYR CD2 CE2  doub Y N 417 
TYR CD2 HD2  sing N N 418 
TYR CE1 CZ   doub Y N 419 
TYR CE1 HE1  sing N N 420 
TYR CE2 CZ   sing Y N 421 
TYR CE2 HE2  sing N N 422 
TYR CZ  OH   sing N N 423 
TYR OH  HH   sing N N 424 
TYR OXT HXT  sing N N 425 
VAL N   CA   sing N N 426 
VAL N   H    sing N N 427 
VAL N   H2   sing N N 428 
VAL CA  C    sing N N 429 
VAL CA  CB   sing N N 430 
VAL CA  HA   sing N N 431 
VAL C   O    doub N N 432 
VAL C   OXT  sing N N 433 
VAL CB  CG1  sing N N 434 
VAL CB  CG2  sing N N 435 
VAL CB  HB   sing N N 436 
VAL CG1 HG11 sing N N 437 
VAL CG1 HG12 sing N N 438 
VAL CG1 HG13 sing N N 439 
VAL CG2 HG21 sing N N 440 
VAL CG2 HG22 sing N N 441 
VAL CG2 HG23 sing N N 442 
VAL OXT HXT  sing N N 443 
# 
loop_
_pdbx_entity_nonpoly.entity_id 
_pdbx_entity_nonpoly.name 
_pdbx_entity_nonpoly.comp_id 
2 'CADMIUM ION' CD  
3 'ACETATE ION' ACT 
4 ACTINONIN     BB2 
5 water         HOH 
# 
_pdbx_initial_refinement_model.id               1 
_pdbx_initial_refinement_model.entity_id_list   ? 
_pdbx_initial_refinement_model.type             'experimental model' 
_pdbx_initial_refinement_model.source_name      PDB 
_pdbx_initial_refinement_model.accession_code   5E5D 
_pdbx_initial_refinement_model.details          ? 
# 
